data_7JJ2
# 
_entry.id   7JJ2 
# 
_audit_conform.dict_name       mmcif_pdbx.dic 
_audit_conform.dict_version    5.380 
_audit_conform.dict_location   http://mmcif.pdb.org/dictionaries/ascii/mmcif_pdbx.dic 
# 
loop_
_database_2.database_id 
_database_2.database_code 
_database_2.pdbx_database_accession 
_database_2.pdbx_DOI 
PDB   7JJ2         pdb_00007jj2 10.2210/pdb7jj2/pdb 
WWPDB D_1000250816 ?            ?                   
# 
_pdbx_database_status.status_code                     REL 
_pdbx_database_status.status_code_sf                  REL 
_pdbx_database_status.status_code_mr                  ? 
_pdbx_database_status.entry_id                        7JJ2 
_pdbx_database_status.recvd_initial_deposition_date   2020-07-24 
_pdbx_database_status.SG_entry                        N 
_pdbx_database_status.deposit_site                    RCSB 
_pdbx_database_status.process_site                    RCSB 
_pdbx_database_status.status_code_cs                  ? 
_pdbx_database_status.status_code_nmr_data            ? 
_pdbx_database_status.methods_development_category    ? 
_pdbx_database_status.pdb_format_compatible           Y 
# 
loop_
_audit_author.name 
_audit_author.pdbx_ordinal 
_audit_author.identifier_ORCID 
'Simmons, C.R.'      1 0000-0002-2290-6132 
'MacCulloch, T.'     2 0000-0001-5875-3361 
'Stephanopoulos, N.' 3 0000-0001-7859-410X 
'Yan, H.'            4 0000-0001-7397-9852 
# 
_citation.abstract                  ? 
_citation.abstract_id_CAS           ? 
_citation.book_id_ISBN              ? 
_citation.book_publisher            ? 
_citation.book_publisher_city       ? 
_citation.book_title                ? 
_citation.coordinate_linkage        ? 
_citation.country                   UK 
_citation.database_id_Medline       ? 
_citation.details                   ? 
_citation.id                        primary 
_citation.journal_abbrev            'Nat Commun' 
_citation.journal_id_ASTM           ? 
_citation.journal_id_CSD            ? 
_citation.journal_id_ISSN           2041-1723 
_citation.journal_full              ? 
_citation.journal_issue             ? 
_citation.journal_volume            13 
_citation.language                  ? 
_citation.page_first                3112 
_citation.page_last                 3112 
_citation.title                     'The influence of Holliday junction sequence and dynamics on DNA crystal self-assembly.' 
_citation.year                      2022 
_citation.database_id_CSD           ? 
_citation.pdbx_database_id_DOI      10.1038/s41467-022-30779-6 
_citation.pdbx_database_id_PubMed   35662248 
_citation.unpublished_flag          ? 
# 
loop_
_citation_author.citation_id 
_citation_author.name 
_citation_author.ordinal 
_citation_author.identifier_ORCID 
primary 'Simmons, C.R.'      1  ?                   
primary 'MacCulloch, T.'     2  ?                   
primary 'Krepl, M.'          3  0000-0002-9833-4281 
primary 'Matthies, M.'       4  ?                   
primary 'Buchberger, A.'     5  ?                   
primary 'Crawford, I.'       6  ?                   
primary 'Sponer, J.'         7  0000-0001-6558-6186 
primary 'Sulc, P.'           8  0000-0003-1565-6769 
primary 'Stephanopoulos, N.' 9  0000-0001-7859-410X 
primary 'Yan, H.'            10 0000-0001-7397-9852 
# 
_cell.angle_alpha                  90.000 
_cell.angle_alpha_esd              ? 
_cell.angle_beta                   90.000 
_cell.angle_beta_esd               ? 
_cell.angle_gamma                  120.000 
_cell.angle_gamma_esd              ? 
_cell.entry_id                     7JJ2 
_cell.details                      ? 
_cell.formula_units_Z              ? 
_cell.length_a                     111.986 
_cell.length_a_esd                 ? 
_cell.length_b                     111.986 
_cell.length_b_esd                 ? 
_cell.length_c                     50.992 
_cell.length_c_esd                 ? 
_cell.volume                       ? 
_cell.volume_esd                   ? 
_cell.Z_PDB                        9 
_cell.reciprocal_angle_alpha       ? 
_cell.reciprocal_angle_beta        ? 
_cell.reciprocal_angle_gamma       ? 
_cell.reciprocal_angle_alpha_esd   ? 
_cell.reciprocal_angle_beta_esd    ? 
_cell.reciprocal_angle_gamma_esd   ? 
_cell.reciprocal_length_a          ? 
_cell.reciprocal_length_b          ? 
_cell.reciprocal_length_c          ? 
_cell.reciprocal_length_a_esd      ? 
_cell.reciprocal_length_b_esd      ? 
_cell.reciprocal_length_c_esd      ? 
_cell.pdbx_unique_axis             ? 
# 
_symmetry.entry_id                         7JJ2 
_symmetry.cell_setting                     ? 
_symmetry.Int_Tables_number                146 
_symmetry.space_group_name_Hall            ? 
_symmetry.space_group_name_H-M             'H 3' 
_symmetry.pdbx_full_space_group_name_H-M   ? 
# 
loop_
_entity.id 
_entity.type 
_entity.src_method 
_entity.pdbx_description 
_entity.formula_weight 
_entity.pdbx_number_of_molecules 
_entity.pdbx_ec 
_entity.pdbx_mutation 
_entity.pdbx_fragment 
_entity.details 
1 polymer     syn 
;DNA (5'-D(*GP*AP*AP*CP*GP*AP*CP*AP*GP*AP*GP*A)-3')
;
3729.470 1 ? ? ? ? 
2 polymer     syn 
;DNA (5'-D(P*CP*GP*TP*CP*GP*AP*CP*TP*C)-3')
;
2691.774 1 ? ? ? ? 
3 polymer     syn 
;DNA (5'-D(P*TP*CP*TP*AP*CP*G)-3')
;
1784.204 1 ? ? ? ? 
4 polymer     syn 
;DNA (5'-D(*TP*CP*GP*AP*GP*TP*CP*GP*CP*TP*GP*TP*CP*GP*T)-3')
;
4591.969 1 ? ? ? ? 
5 non-polymer syn 'CACODYLATE ION'                                              136.989  2 ? ? ? ? 
# 
loop_
_entity_poly.entity_id 
_entity_poly.type 
_entity_poly.nstd_linkage 
_entity_poly.nstd_monomer 
_entity_poly.pdbx_seq_one_letter_code 
_entity_poly.pdbx_seq_one_letter_code_can 
_entity_poly.pdbx_strand_id 
_entity_poly.pdbx_target_identifier 
1 polydeoxyribonucleotide no no '(DG)(DA)(DA)(DC)(DG)(DA)(DC)(DA)(DG)(DA)(DG)(DA)'             GAACGACAGAGA    A ? 
2 polydeoxyribonucleotide no no '(DC)(DG)(DT)(DC)(DG)(DA)(DC)(DT)(DC)'                         CGTCGACTC       B ? 
3 polydeoxyribonucleotide no no '(DT)(DC)(DT)(DA)(DC)(DG)'                                     TCTACG          C ? 
4 polydeoxyribonucleotide no no '(DT)(DC)(DG)(DA)(DG)(DT)(DC)(DG)(DC)(DT)(DG)(DT)(DC)(DG)(DT)' TCGAGTCGCTGTCGT D ? 
# 
loop_
_entity_poly_seq.entity_id 
_entity_poly_seq.num 
_entity_poly_seq.mon_id 
_entity_poly_seq.hetero 
1 1  DG n 
1 2  DA n 
1 3  DA n 
1 4  DC n 
1 5  DG n 
1 6  DA n 
1 7  DC n 
1 8  DA n 
1 9  DG n 
1 10 DA n 
1 11 DG n 
1 12 DA n 
2 1  DC n 
2 2  DG n 
2 3  DT n 
2 4  DC n 
2 5  DG n 
2 6  DA n 
2 7  DC n 
2 8  DT n 
2 9  DC n 
3 1  DT n 
3 2  DC n 
3 3  DT n 
3 4  DA n 
3 5  DC n 
3 6  DG n 
4 1  DT n 
4 2  DC n 
4 3  DG n 
4 4  DA n 
4 5  DG n 
4 6  DT n 
4 7  DC n 
4 8  DG n 
4 9  DC n 
4 10 DT n 
4 11 DG n 
4 12 DT n 
4 13 DC n 
4 14 DG n 
4 15 DT n 
# 
loop_
_pdbx_entity_src_syn.entity_id 
_pdbx_entity_src_syn.pdbx_src_id 
_pdbx_entity_src_syn.pdbx_alt_source_flag 
_pdbx_entity_src_syn.pdbx_beg_seq_num 
_pdbx_entity_src_syn.pdbx_end_seq_num 
_pdbx_entity_src_syn.organism_scientific 
_pdbx_entity_src_syn.organism_common_name 
_pdbx_entity_src_syn.ncbi_taxonomy_id 
_pdbx_entity_src_syn.details 
1 1 sample 1 12 'synthetic construct' ? 32630 ? 
2 1 sample 1 9  'synthetic construct' ? 32630 ? 
3 1 sample 1 6  'synthetic construct' ? 32630 ? 
4 1 sample 1 15 'synthetic construct' ? 32630 ? 
# 
loop_
_struct_ref.id 
_struct_ref.db_name 
_struct_ref.db_code 
_struct_ref.pdbx_db_accession 
_struct_ref.pdbx_db_isoform 
_struct_ref.entity_id 
_struct_ref.pdbx_seq_one_letter_code 
_struct_ref.pdbx_align_begin 
1 PDB 7JJ2 7JJ2 ? 1 ? 1 
2 PDB 7JJ2 7JJ2 ? 2 ? 1 
3 PDB 7JJ2 7JJ2 ? 3 ? 1 
4 PDB 7JJ2 7JJ2 ? 4 ? 1 
# 
loop_
_struct_ref_seq.align_id 
_struct_ref_seq.ref_id 
_struct_ref_seq.pdbx_PDB_id_code 
_struct_ref_seq.pdbx_strand_id 
_struct_ref_seq.seq_align_beg 
_struct_ref_seq.pdbx_seq_align_beg_ins_code 
_struct_ref_seq.seq_align_end 
_struct_ref_seq.pdbx_seq_align_end_ins_code 
_struct_ref_seq.pdbx_db_accession 
_struct_ref_seq.db_align_beg 
_struct_ref_seq.pdbx_db_align_beg_ins_code 
_struct_ref_seq.db_align_end 
_struct_ref_seq.pdbx_db_align_end_ins_code 
_struct_ref_seq.pdbx_auth_seq_align_beg 
_struct_ref_seq.pdbx_auth_seq_align_end 
1 1 7JJ2 A 1 ? 12 ? 7JJ2 1  ? 12 ? 1  12 
2 2 7JJ2 B 1 ? 9  ? 7JJ2 12 ? 20 ? 12 20 
3 3 7JJ2 C 1 ? 6  ? 7JJ2 0  ? 5  ? 0  5  
4 4 7JJ2 D 1 ? 15 ? 7JJ2 2  ? 16 ? 2  16 
# 
loop_
_chem_comp.id 
_chem_comp.type 
_chem_comp.mon_nstd_flag 
_chem_comp.name 
_chem_comp.pdbx_synonyms 
_chem_comp.formula 
_chem_comp.formula_weight 
CAC non-polymer   . 'CACODYLATE ION'                     dimethylarsinate 'C2 H6 As O2 -1'  136.989 
DA  'DNA linking' y "2'-DEOXYADENOSINE-5'-MONOPHOSPHATE" ?                'C10 H14 N5 O6 P' 331.222 
DC  'DNA linking' y "2'-DEOXYCYTIDINE-5'-MONOPHOSPHATE"  ?                'C9 H14 N3 O7 P'  307.197 
DG  'DNA linking' y "2'-DEOXYGUANOSINE-5'-MONOPHOSPHATE" ?                'C10 H14 N5 O7 P' 347.221 
DT  'DNA linking' y "THYMIDINE-5'-MONOPHOSPHATE"         ?                'C10 H15 N2 O8 P' 322.208 
# 
_exptl.absorpt_coefficient_mu     ? 
_exptl.absorpt_correction_T_max   ? 
_exptl.absorpt_correction_T_min   ? 
_exptl.absorpt_correction_type    ? 
_exptl.absorpt_process_details    ? 
_exptl.entry_id                   7JJ2 
_exptl.crystals_number            1 
_exptl.details                    ? 
_exptl.method                     'X-RAY DIFFRACTION' 
_exptl.method_details             ? 
# 
_exptl_crystal.colour                      ? 
_exptl_crystal.density_diffrn              ? 
_exptl_crystal.density_Matthews            4.81 
_exptl_crystal.density_method              ? 
_exptl_crystal.density_percent_sol         74.42 
_exptl_crystal.description                 ? 
_exptl_crystal.F_000                       ? 
_exptl_crystal.id                          1 
_exptl_crystal.preparation                 ? 
_exptl_crystal.size_max                    ? 
_exptl_crystal.size_mid                    ? 
_exptl_crystal.size_min                    ? 
_exptl_crystal.size_rad                    ? 
_exptl_crystal.colour_lustre               ? 
_exptl_crystal.colour_modifier             ? 
_exptl_crystal.colour_primary              ? 
_exptl_crystal.density_meas                ? 
_exptl_crystal.density_meas_esd            ? 
_exptl_crystal.density_meas_gt             ? 
_exptl_crystal.density_meas_lt             ? 
_exptl_crystal.density_meas_temp           ? 
_exptl_crystal.density_meas_temp_esd       ? 
_exptl_crystal.density_meas_temp_gt        ? 
_exptl_crystal.density_meas_temp_lt        ? 
_exptl_crystal.pdbx_crystal_image_url      ? 
_exptl_crystal.pdbx_crystal_image_format   ? 
_exptl_crystal.pdbx_mosaicity              ? 
_exptl_crystal.pdbx_mosaicity_esd          ? 
# 
_exptl_crystal_grow.apparatus       ? 
_exptl_crystal_grow.atmosphere      ? 
_exptl_crystal_grow.crystal_id      1 
_exptl_crystal_grow.details         ? 
_exptl_crystal_grow.method          'VAPOR DIFFUSION, SITTING DROP' 
_exptl_crystal_grow.method_ref      ? 
_exptl_crystal_grow.pH              ? 
_exptl_crystal_grow.pressure        ? 
_exptl_crystal_grow.pressure_esd    ? 
_exptl_crystal_grow.seeding         ? 
_exptl_crystal_grow.seeding_ref     ? 
_exptl_crystal_grow.temp            298 
_exptl_crystal_grow.temp_details    'temperature gradient generated from 60 to 25 C at 0.3 degrees per hour' 
_exptl_crystal_grow.temp_esd        ? 
_exptl_crystal_grow.time            ? 
_exptl_crystal_grow.pdbx_details    
;0.5 mL of 0.05 M Cacodylate pH 7.0 with 18 mM MgCl2, 2.25 mM spermine, 0.9 mM CoH18N6, and 4.5% MPD was added to the reservoir with 2 uL added to the drop containing 4 uL of DNA stock
;
_exptl_crystal_grow.pdbx_pH_range   ? 
# 
_diffrn.ambient_environment              ? 
_diffrn.ambient_temp                     100 
_diffrn.ambient_temp_details             ? 
_diffrn.ambient_temp_esd                 ? 
_diffrn.crystal_id                       1 
_diffrn.crystal_support                  ? 
_diffrn.crystal_treatment                ? 
_diffrn.details                          ? 
_diffrn.id                               1 
_diffrn.ambient_pressure                 ? 
_diffrn.ambient_pressure_esd             ? 
_diffrn.ambient_pressure_gt              ? 
_diffrn.ambient_pressure_lt              ? 
_diffrn.ambient_temp_gt                  ? 
_diffrn.ambient_temp_lt                  ? 
_diffrn.pdbx_serial_crystal_experiment   N 
# 
_diffrn_detector.details                      ? 
_diffrn_detector.detector                     PIXEL 
_diffrn_detector.diffrn_id                    1 
_diffrn_detector.type                         'DECTRIS PILATUS3 6M' 
_diffrn_detector.area_resol_mean              ? 
_diffrn_detector.dtime                        ? 
_diffrn_detector.pdbx_frames_total            ? 
_diffrn_detector.pdbx_collection_time_total   ? 
_diffrn_detector.pdbx_collection_date         2018-06-15 
_diffrn_detector.pdbx_frequency               ? 
# 
_diffrn_radiation.collimation                      ? 
_diffrn_radiation.diffrn_id                        1 
_diffrn_radiation.filter_edge                      ? 
_diffrn_radiation.inhomogeneity                    ? 
_diffrn_radiation.monochromator                    ? 
_diffrn_radiation.polarisn_norm                    ? 
_diffrn_radiation.polarisn_ratio                   ? 
_diffrn_radiation.probe                            ? 
_diffrn_radiation.type                             ? 
_diffrn_radiation.xray_symbol                      ? 
_diffrn_radiation.wavelength_id                    1 
_diffrn_radiation.pdbx_monochromatic_or_laue_m_l   M 
_diffrn_radiation.pdbx_wavelength_list             ? 
_diffrn_radiation.pdbx_wavelength                  ? 
_diffrn_radiation.pdbx_diffrn_protocol             'SINGLE WAVELENGTH' 
_diffrn_radiation.pdbx_analyzer                    ? 
_diffrn_radiation.pdbx_scattering_type             x-ray 
# 
_diffrn_radiation_wavelength.id           1 
_diffrn_radiation_wavelength.wavelength   1 
_diffrn_radiation_wavelength.wt           1.0 
# 
_diffrn_source.current                     ? 
_diffrn_source.details                     ? 
_diffrn_source.diffrn_id                   1 
_diffrn_source.power                       ? 
_diffrn_source.size                        ? 
_diffrn_source.source                      SYNCHROTRON 
_diffrn_source.target                      ? 
_diffrn_source.type                        'ALS BEAMLINE 5.0.2' 
_diffrn_source.voltage                     ? 
_diffrn_source.take-off_angle              ? 
_diffrn_source.pdbx_wavelength_list        1 
_diffrn_source.pdbx_wavelength             ? 
_diffrn_source.pdbx_synchrotron_beamline   5.0.2 
_diffrn_source.pdbx_synchrotron_site       ALS 
# 
_reflns.B_iso_Wilson_estimate            97.770 
_reflns.entry_id                         7JJ2 
_reflns.data_reduction_details           ? 
_reflns.data_reduction_method            ? 
_reflns.d_resolution_high                3.000 
_reflns.d_resolution_low                 50.000 
_reflns.details                          ? 
_reflns.limit_h_max                      ? 
_reflns.limit_h_min                      ? 
_reflns.limit_k_max                      ? 
_reflns.limit_k_min                      ? 
_reflns.limit_l_max                      ? 
_reflns.limit_l_min                      ? 
_reflns.number_all                       ? 
_reflns.number_obs                       4591 
_reflns.observed_criterion               ? 
_reflns.observed_criterion_F_max         ? 
_reflns.observed_criterion_F_min         ? 
_reflns.observed_criterion_I_max         ? 
_reflns.observed_criterion_I_min         ? 
_reflns.observed_criterion_sigma_F       ? 
_reflns.observed_criterion_sigma_I       ? 
_reflns.percent_possible_obs             96.800 
_reflns.R_free_details                   ? 
_reflns.Rmerge_F_all                     ? 
_reflns.Rmerge_F_obs                     ? 
_reflns.Friedel_coverage                 ? 
_reflns.number_gt                        ? 
_reflns.threshold_expression             ? 
_reflns.pdbx_redundancy                  9.700 
_reflns.pdbx_Rmerge_I_obs                0.073 
_reflns.pdbx_Rmerge_I_all                ? 
_reflns.pdbx_Rsym_value                  ? 
_reflns.pdbx_netI_over_av_sigmaI         ? 
_reflns.pdbx_netI_over_sigmaI            8.700 
_reflns.pdbx_res_netI_over_av_sigmaI_2   ? 
_reflns.pdbx_res_netI_over_sigmaI_2      ? 
_reflns.pdbx_chi_squared                 1.523 
_reflns.pdbx_scaling_rejects             ? 
_reflns.pdbx_d_res_high_opt              ? 
_reflns.pdbx_d_res_low_opt               ? 
_reflns.pdbx_d_res_opt_method            ? 
_reflns.phase_calculation_details        ? 
_reflns.pdbx_Rrim_I_all                  0.077 
_reflns.pdbx_Rpim_I_all                  0.024 
_reflns.pdbx_d_opt                       ? 
_reflns.pdbx_number_measured_all         ? 
_reflns.pdbx_diffrn_id                   1 
_reflns.pdbx_ordinal                     1 
_reflns.pdbx_CC_half                     0.979 
_reflns.pdbx_CC_star                     ? 
_reflns.pdbx_R_split                     ? 
# 
loop_
_reflns_shell.d_res_high 
_reflns_shell.d_res_low 
_reflns_shell.meanI_over_sigI_all 
_reflns_shell.meanI_over_sigI_obs 
_reflns_shell.number_measured_all 
_reflns_shell.number_measured_obs 
_reflns_shell.number_possible 
_reflns_shell.number_unique_all 
_reflns_shell.number_unique_obs 
_reflns_shell.percent_possible_all 
_reflns_shell.percent_possible_obs 
_reflns_shell.Rmerge_F_all 
_reflns_shell.Rmerge_F_obs 
_reflns_shell.Rmerge_I_all 
_reflns_shell.Rmerge_I_obs 
_reflns_shell.meanI_over_sigI_gt 
_reflns_shell.meanI_over_uI_all 
_reflns_shell.meanI_over_uI_gt 
_reflns_shell.number_measured_gt 
_reflns_shell.number_unique_gt 
_reflns_shell.percent_possible_gt 
_reflns_shell.Rmerge_F_gt 
_reflns_shell.Rmerge_I_gt 
_reflns_shell.pdbx_redundancy 
_reflns_shell.pdbx_Rsym_value 
_reflns_shell.pdbx_chi_squared 
_reflns_shell.pdbx_netI_over_sigmaI_all 
_reflns_shell.pdbx_netI_over_sigmaI_obs 
_reflns_shell.pdbx_Rrim_I_all 
_reflns_shell.pdbx_Rpim_I_all 
_reflns_shell.pdbx_rejects 
_reflns_shell.pdbx_ordinal 
_reflns_shell.pdbx_diffrn_id 
_reflns_shell.pdbx_CC_half 
_reflns_shell.pdbx_CC_star 
_reflns_shell.pdbx_R_split 
3.000 3.050  ? ? ? ? ? ? 189 78.800  ? ? ? ? 0.635 ? ? ? ? ? ? ? ? 7.800  ? 0.457 ? ? 0.673 0.217 ? 1  1 0.900 ? ? 
3.050 3.110  ? ? ? ? ? ? 195 83.700  ? ? ? ? 0.274 ? ? ? ? ? ? ? ? 7.800  ? 0.500 ? ? 0.290 0.092 ? 2  1 0.993 ? ? 
3.110 3.170  ? ? ? ? ? ? 228 89.100  ? ? ? ? 0.110 ? ? ? ? ? ? ? ? 8.000  ? 0.821 ? ? 0.116 0.036 ? 3  1 0.998 ? ? 
3.170 3.230  ? ? ? ? ? ? 212 95.900  ? ? ? ? 0.145 ? ? ? ? ? ? ? ? 8.100  ? 0.653 ? ? 0.153 0.049 ? 4  1 0.998 ? ? 
3.230 3.300  ? ? ? ? ? ? 231 96.700  ? ? ? ? 0.126 ? ? ? ? ? ? ? ? 8.600  ? 0.672 ? ? 0.134 0.044 ? 5  1 0.999 ? ? 
3.300 3.380  ? ? ? ? ? ? 223 99.600  ? ? ? ? 0.117 ? ? ? ? ? ? ? ? 8.400  ? 0.745 ? ? 0.125 0.041 ? 6  1 0.999 ? ? 
3.380 3.460  ? ? ? ? ? ? 257 99.600  ? ? ? ? 0.117 ? ? ? ? ? ? ? ? 9.500  ? 0.840 ? ? 0.123 0.039 ? 7  1 0.998 ? ? 
3.460 3.560  ? ? ? ? ? ? 220 100.000 ? ? ? ? 0.116 ? ? ? ? ? ? ? ? 9.600  ? 0.821 ? ? 0.122 0.039 ? 8  1 0.998 ? ? 
3.560 3.660  ? ? ? ? ? ? 243 100.000 ? ? ? ? 0.150 ? ? ? ? ? ? ? ? 10.600 ? 0.758 ? ? 0.158 0.048 ? 9  1 0.997 ? ? 
3.660 3.780  ? ? ? ? ? ? 228 100.000 ? ? ? ? 0.176 ? ? ? ? ? ? ? ? 10.500 ? 0.828 ? ? 0.185 0.057 ? 10 1 0.992 ? ? 
3.780 3.910  ? ? ? ? ? ? 245 100.000 ? ? ? ? 0.177 ? ? ? ? ? ? ? ? 10.500 ? 0.950 ? ? 0.186 0.057 ? 11 1 0.992 ? ? 
3.910 4.070  ? ? ? ? ? ? 247 100.000 ? ? ? ? 0.134 ? ? ? ? ? ? ? ? 10.200 ? 1.443 ? ? 0.141 0.044 ? 12 1 0.993 ? ? 
4.070 4.260  ? ? ? ? ? ? 234 100.000 ? ? ? ? 0.132 ? ? ? ? ? ? ? ? 10.000 ? 1.855 ? ? 0.139 0.044 ? 13 1 0.992 ? ? 
4.260 4.480  ? ? ? ? ? ? 228 100.000 ? ? ? ? 0.124 ? ? ? ? ? ? ? ? 10.400 ? 1.896 ? ? 0.130 0.040 ? 14 1 0.992 ? ? 
4.480 4.760  ? ? ? ? ? ? 239 100.000 ? ? ? ? 0.116 ? ? ? ? ? ? ? ? 10.800 ? 2.221 ? ? 0.121 0.037 ? 15 1 0.991 ? ? 
4.760 5.130  ? ? ? ? ? ? 248 100.000 ? ? ? ? 0.093 ? ? ? ? ? ? ? ? 10.600 ? 2.487 ? ? 0.098 0.030 ? 16 1 0.996 ? ? 
5.130 5.640  ? ? ? ? ? ? 229 99.100  ? ? ? ? 0.083 ? ? ? ? ? ? ? ? 9.900  ? 3.312 ? ? 0.088 0.028 ? 17 1 0.995 ? ? 
5.640 6.460  ? ? ? ? ? ? 228 98.300  ? ? ? ? 0.071 ? ? ? ? ? ? ? ? 10.500 ? 2.821 ? ? 0.075 0.023 ? 18 1 0.997 ? ? 
6.460 8.130  ? ? ? ? ? ? 238 99.200  ? ? ? ? 0.059 ? ? ? ? ? ? ? ? 10.200 ? 2.417 ? ? 0.063 0.020 ? 19 1 0.998 ? ? 
8.130 50.000 ? ? ? ? ? ? 229 96.600  ? ? ? ? 0.049 ? ? ? ? ? ? ? ? 10.100 ? 2.375 ? ? 0.052 0.016 ? 20 1 0.999 ? ? 
# 
_refine.aniso_B[1][1]                            ? 
_refine.aniso_B[1][2]                            ? 
_refine.aniso_B[1][3]                            ? 
_refine.aniso_B[2][2]                            ? 
_refine.aniso_B[2][3]                            ? 
_refine.aniso_B[3][3]                            ? 
_refine.B_iso_max                                291.630 
_refine.B_iso_mean                               95.8738 
_refine.B_iso_min                                52.440 
_refine.correlation_coeff_Fo_to_Fc               ? 
_refine.correlation_coeff_Fo_to_Fc_free          ? 
_refine.details                                  ? 
_refine.diff_density_max                         ? 
_refine.diff_density_max_esd                     ? 
_refine.diff_density_min                         ? 
_refine.diff_density_min_esd                     ? 
_refine.diff_density_rms                         ? 
_refine.diff_density_rms_esd                     ? 
_refine.entry_id                                 7JJ2 
_refine.pdbx_refine_id                           'X-RAY DIFFRACTION' 
_refine.ls_abs_structure_details                 ? 
_refine.ls_abs_structure_Flack                   ? 
_refine.ls_abs_structure_Flack_esd               ? 
_refine.ls_abs_structure_Rogers                  ? 
_refine.ls_abs_structure_Rogers_esd              ? 
_refine.ls_d_res_high                            3.0070 
_refine.ls_d_res_low                             45.1340 
_refine.ls_extinction_coef                       ? 
_refine.ls_extinction_coef_esd                   ? 
_refine.ls_extinction_expression                 ? 
_refine.ls_extinction_method                     ? 
_refine.ls_goodness_of_fit_all                   ? 
_refine.ls_goodness_of_fit_all_esd               ? 
_refine.ls_goodness_of_fit_obs                   ? 
_refine.ls_goodness_of_fit_obs_esd               ? 
_refine.ls_hydrogen_treatment                    ? 
_refine.ls_matrix_type                           ? 
_refine.ls_number_constraints                    ? 
_refine.ls_number_parameters                     ? 
_refine.ls_number_reflns_all                     ? 
_refine.ls_number_reflns_obs                     4489 
_refine.ls_number_reflns_R_free                  220 
_refine.ls_number_reflns_R_work                  4269 
_refine.ls_number_restraints                     ? 
_refine.ls_percent_reflns_obs                    94.6000 
_refine.ls_percent_reflns_R_free                 4.9000 
_refine.ls_R_factor_all                          ? 
_refine.ls_R_factor_obs                          0.2300 
_refine.ls_R_factor_R_free                       0.2680 
_refine.ls_R_factor_R_free_error                 ? 
_refine.ls_R_factor_R_free_error_details         ? 
_refine.ls_R_factor_R_work                       0.2279 
_refine.ls_R_Fsqd_factor_obs                     ? 
_refine.ls_R_I_factor_obs                        ? 
_refine.ls_redundancy_reflns_all                 ? 
_refine.ls_redundancy_reflns_obs                 ? 
_refine.ls_restrained_S_all                      ? 
_refine.ls_restrained_S_obs                      ? 
_refine.ls_shift_over_esd_max                    ? 
_refine.ls_shift_over_esd_mean                   ? 
_refine.ls_structure_factor_coef                 ? 
_refine.ls_weighting_details                     ? 
_refine.ls_weighting_scheme                      ? 
_refine.ls_wR_factor_all                         ? 
_refine.ls_wR_factor_obs                         ? 
_refine.ls_wR_factor_R_free                      ? 
_refine.ls_wR_factor_R_work                      ? 
_refine.occupancy_max                            ? 
_refine.occupancy_min                            ? 
_refine.solvent_model_details                    'FLAT BULK SOLVENT MODEL' 
_refine.solvent_model_param_bsol                 ? 
_refine.solvent_model_param_ksol                 ? 
_refine.pdbx_R_complete                          ? 
_refine.ls_R_factor_gt                           ? 
_refine.ls_goodness_of_fit_gt                    ? 
_refine.ls_goodness_of_fit_ref                   ? 
_refine.ls_shift_over_su_max                     ? 
_refine.ls_shift_over_su_max_lt                  ? 
_refine.ls_shift_over_su_mean                    ? 
_refine.ls_shift_over_su_mean_lt                 ? 
_refine.pdbx_ls_sigma_I                          ? 
_refine.pdbx_ls_sigma_F                          2.010 
_refine.pdbx_ls_sigma_Fsqd                       ? 
_refine.pdbx_data_cutoff_high_absF               ? 
_refine.pdbx_data_cutoff_high_rms_absF           ? 
_refine.pdbx_data_cutoff_low_absF                ? 
_refine.pdbx_isotropic_thermal_model             ? 
_refine.pdbx_ls_cross_valid_method               THROUGHOUT 
_refine.pdbx_method_to_determine_struct          'MOLECULAR REPLACEMENT' 
_refine.pdbx_starting_model                      6XNA 
_refine.pdbx_stereochemistry_target_values       ML 
_refine.pdbx_R_Free_selection_details            ? 
_refine.pdbx_stereochem_target_val_spec_case     ? 
_refine.pdbx_overall_ESU_R                       ? 
_refine.pdbx_overall_ESU_R_Free                  ? 
_refine.pdbx_solvent_vdw_probe_radii             1.1100 
_refine.pdbx_solvent_ion_probe_radii             ? 
_refine.pdbx_solvent_shrinkage_radii             0.9000 
_refine.pdbx_real_space_R                        ? 
_refine.pdbx_density_correlation                 ? 
_refine.pdbx_pd_number_of_powder_patterns        ? 
_refine.pdbx_pd_number_of_points                 ? 
_refine.pdbx_pd_meas_number_of_points            ? 
_refine.pdbx_pd_proc_ls_prof_R_factor            ? 
_refine.pdbx_pd_proc_ls_prof_wR_factor           ? 
_refine.pdbx_pd_Marquardt_correlation_coeff      ? 
_refine.pdbx_pd_Fsqrd_R_factor                   ? 
_refine.pdbx_pd_ls_matrix_band_width             ? 
_refine.pdbx_overall_phase_error                 29.0500 
_refine.pdbx_overall_SU_R_free_Cruickshank_DPI   ? 
_refine.pdbx_overall_SU_R_free_Blow_DPI          ? 
_refine.pdbx_overall_SU_R_Blow_DPI               ? 
_refine.pdbx_TLS_residual_ADP_flag               ? 
_refine.pdbx_diffrn_id                           1 
_refine.overall_SU_B                             ? 
_refine.overall_SU_ML                            0.2200 
_refine.overall_SU_R_Cruickshank_DPI             ? 
_refine.overall_SU_R_free                        ? 
_refine.overall_FOM_free_R_set                   ? 
_refine.overall_FOM_work_R_set                   ? 
_refine.pdbx_average_fsc_overall                 ? 
_refine.pdbx_average_fsc_work                    ? 
_refine.pdbx_average_fsc_free                    ? 
# 
_refine_hist.pdbx_refine_id                   'X-RAY DIFFRACTION' 
_refine_hist.cycle_id                         final 
_refine_hist.details                          ? 
_refine_hist.d_res_high                       3.0070 
_refine_hist.d_res_low                        45.1340 
_refine_hist.number_atoms_solvent             0 
_refine_hist.number_atoms_total               857 
_refine_hist.number_reflns_all                ? 
_refine_hist.number_reflns_obs                ? 
_refine_hist.number_reflns_R_free             ? 
_refine_hist.number_reflns_R_work             ? 
_refine_hist.R_factor_all                     ? 
_refine_hist.R_factor_obs                     ? 
_refine_hist.R_factor_R_free                  ? 
_refine_hist.R_factor_R_work                  ? 
_refine_hist.pdbx_number_residues_total       42 
_refine_hist.pdbx_B_iso_mean_ligand           241.99 
_refine_hist.pdbx_B_iso_mean_solvent          ? 
_refine_hist.pdbx_number_atoms_protein        0 
_refine_hist.pdbx_number_atoms_nucleic_acid   855 
_refine_hist.pdbx_number_atoms_ligand         2 
_refine_hist.pdbx_number_atoms_lipid          ? 
_refine_hist.pdbx_number_atoms_carb           ? 
_refine_hist.pdbx_pseudo_atom_details         ? 
# 
loop_
_refine_ls_restr.pdbx_refine_id 
_refine_ls_restr.criterion 
_refine_ls_restr.dev_ideal 
_refine_ls_restr.dev_ideal_target 
_refine_ls_restr.number 
_refine_ls_restr.rejects 
_refine_ls_restr.type 
_refine_ls_restr.weight 
_refine_ls_restr.pdbx_restraint_function 
'X-RAY DIFFRACTION' ? 0.004  ? 956  ? f_bond_d           ? ? 
'X-RAY DIFFRACTION' ? 0.657  ? 1467 ? f_angle_d          ? ? 
'X-RAY DIFFRACTION' ? 0.032  ? 166  ? f_chiral_restr     ? ? 
'X-RAY DIFFRACTION' ? 0.003  ? 42   ? f_plane_restr      ? ? 
'X-RAY DIFFRACTION' ? 32.770 ? 406  ? f_dihedral_angle_d ? ? 
# 
loop_
_refine_ls_shell.pdbx_refine_id 
_refine_ls_shell.d_res_high 
_refine_ls_shell.d_res_low 
_refine_ls_shell.number_reflns_all 
_refine_ls_shell.number_reflns_obs 
_refine_ls_shell.number_reflns_R_free 
_refine_ls_shell.number_reflns_R_work 
_refine_ls_shell.percent_reflns_obs 
_refine_ls_shell.percent_reflns_R_free 
_refine_ls_shell.R_factor_all 
_refine_ls_shell.R_factor_obs 
_refine_ls_shell.R_factor_R_free 
_refine_ls_shell.R_factor_R_free_error 
_refine_ls_shell.R_factor_R_work 
_refine_ls_shell.redundancy_reflns_all 
_refine_ls_shell.redundancy_reflns_obs 
_refine_ls_shell.wR_factor_all 
_refine_ls_shell.wR_factor_obs 
_refine_ls_shell.wR_factor_R_free 
_refine_ls_shell.wR_factor_R_work 
_refine_ls_shell.pdbx_R_complete 
_refine_ls_shell.pdbx_total_number_of_bins_used 
_refine_ls_shell.pdbx_phase_error 
_refine_ls_shell.pdbx_fsc_work 
_refine_ls_shell.pdbx_fsc_free 
'X-RAY DIFFRACTION' 3.007  3.7876 . . 105 2022 90.0000 . . . 0.3193 0.0000 0.3143 . . . . . . . . . . . 
'X-RAY DIFFRACTION' 3.7876 45.134 . . 115 2247 99.0000 . . . 0.2537 0.0000 0.2053 . . . . . . . . . . . 
# 
_struct.entry_id                     7JJ2 
_struct.title                        
;Self-assembly of a 3D DNA crystal lattice (4x6 scramble junction version) containing the J19 immobile Holliday junction with R3 symmetry
;
_struct.pdbx_model_details           ? 
_struct.pdbx_formula_weight          ? 
_struct.pdbx_formula_weight_method   ? 
_struct.pdbx_model_type_details      ? 
_struct.pdbx_CASP_flag               N 
# 
_struct_keywords.entry_id        7JJ2 
_struct_keywords.text            
'Structural DNA nanotechnology, immobile Holliday junctions, 3D DNA self-assembly, designer DNA crystals, DNA' 
_struct_keywords.pdbx_keywords   DNA 
# 
loop_
_struct_asym.id 
_struct_asym.pdbx_blank_PDB_chainid_flag 
_struct_asym.pdbx_modified 
_struct_asym.entity_id 
_struct_asym.details 
A N N 1 ? 
B N N 2 ? 
C N N 3 ? 
D N N 4 ? 
E N N 5 ? 
F N N 5 ? 
# 
loop_
_struct_conn.id 
_struct_conn.conn_type_id 
_struct_conn.pdbx_leaving_atom_flag 
_struct_conn.pdbx_PDB_id 
_struct_conn.ptnr1_label_asym_id 
_struct_conn.ptnr1_label_comp_id 
_struct_conn.ptnr1_label_seq_id 
_struct_conn.ptnr1_label_atom_id 
_struct_conn.pdbx_ptnr1_label_alt_id 
_struct_conn.pdbx_ptnr1_PDB_ins_code 
_struct_conn.pdbx_ptnr1_standard_comp_id 
_struct_conn.ptnr1_symmetry 
_struct_conn.ptnr2_label_asym_id 
_struct_conn.ptnr2_label_comp_id 
_struct_conn.ptnr2_label_seq_id 
_struct_conn.ptnr2_label_atom_id 
_struct_conn.pdbx_ptnr2_label_alt_id 
_struct_conn.pdbx_ptnr2_PDB_ins_code 
_struct_conn.ptnr1_auth_asym_id 
_struct_conn.ptnr1_auth_comp_id 
_struct_conn.ptnr1_auth_seq_id 
_struct_conn.ptnr2_auth_asym_id 
_struct_conn.ptnr2_auth_comp_id 
_struct_conn.ptnr2_auth_seq_id 
_struct_conn.ptnr2_symmetry 
_struct_conn.pdbx_ptnr3_label_atom_id 
_struct_conn.pdbx_ptnr3_label_seq_id 
_struct_conn.pdbx_ptnr3_label_comp_id 
_struct_conn.pdbx_ptnr3_label_asym_id 
_struct_conn.pdbx_ptnr3_label_alt_id 
_struct_conn.pdbx_ptnr3_PDB_ins_code 
_struct_conn.details 
_struct_conn.pdbx_dist_value 
_struct_conn.pdbx_value_order 
_struct_conn.pdbx_role 
hydrog1  hydrog ? ? A DA 3  N1 ? ? ? 1_555 D DT 15 N3 ? ? A DA 3  D DT 16 1_555 ? ? ? ? ? ? WATSON-CRICK ? ? ? 
hydrog2  hydrog ? ? A DA 3  N6 ? ? ? 1_555 D DT 15 O4 ? ? A DA 3  D DT 16 1_555 ? ? ? ? ? ? WATSON-CRICK ? ? ? 
hydrog3  hydrog ? ? A DC 4  N3 ? ? ? 1_555 D DG 14 N1 ? ? A DC 4  D DG 15 1_555 ? ? ? ? ? ? WATSON-CRICK ? ? ? 
hydrog4  hydrog ? ? A DC 4  N4 ? ? ? 1_555 D DG 14 O6 ? ? A DC 4  D DG 15 1_555 ? ? ? ? ? ? WATSON-CRICK ? ? ? 
hydrog5  hydrog ? ? A DC 4  O2 ? ? ? 1_555 D DG 14 N2 ? ? A DC 4  D DG 15 1_555 ? ? ? ? ? ? WATSON-CRICK ? ? ? 
hydrog6  hydrog ? ? A DG 5  N1 ? ? ? 1_555 D DC 13 N3 ? ? A DG 5  D DC 14 1_555 ? ? ? ? ? ? WATSON-CRICK ? ? ? 
hydrog7  hydrog ? ? A DG 5  N2 ? ? ? 1_555 D DC 13 O2 ? ? A DG 5  D DC 14 1_555 ? ? ? ? ? ? WATSON-CRICK ? ? ? 
hydrog8  hydrog ? ? A DG 5  O6 ? ? ? 1_555 D DC 13 N4 ? ? A DG 5  D DC 14 1_555 ? ? ? ? ? ? WATSON-CRICK ? ? ? 
hydrog9  hydrog ? ? A DA 6  N1 ? ? ? 1_555 D DT 12 N3 ? ? A DA 6  D DT 13 1_555 ? ? ? ? ? ? WATSON-CRICK ? ? ? 
hydrog10 hydrog ? ? A DA 6  N6 ? ? ? 1_555 D DT 12 O4 ? ? A DA 6  D DT 13 1_555 ? ? ? ? ? ? WATSON-CRICK ? ? ? 
hydrog11 hydrog ? ? A DC 7  N3 ? ? ? 1_555 D DG 11 N1 ? ? A DC 7  D DG 12 1_555 ? ? ? ? ? ? WATSON-CRICK ? ? ? 
hydrog12 hydrog ? ? A DC 7  N4 ? ? ? 1_555 D DG 11 O6 ? ? A DC 7  D DG 12 1_555 ? ? ? ? ? ? WATSON-CRICK ? ? ? 
hydrog13 hydrog ? ? A DC 7  O2 ? ? ? 1_555 D DG 11 N2 ? ? A DC 7  D DG 12 1_555 ? ? ? ? ? ? WATSON-CRICK ? ? ? 
hydrog14 hydrog ? ? A DA 8  N1 ? ? ? 1_555 D DT 10 N3 ? ? A DA 8  D DT 11 1_555 ? ? ? ? ? ? WATSON-CRICK ? ? ? 
hydrog15 hydrog ? ? A DA 8  N6 ? ? ? 1_555 D DT 10 O4 ? ? A DA 8  D DT 11 1_555 ? ? ? ? ? ? WATSON-CRICK ? ? ? 
hydrog16 hydrog ? ? A DG 9  N1 ? ? ? 1_555 D DC 9  N3 ? ? A DG 9  D DC 10 1_555 ? ? ? ? ? ? WATSON-CRICK ? ? ? 
hydrog17 hydrog ? ? A DG 9  N2 ? ? ? 1_555 D DC 9  O2 ? ? A DG 9  D DC 10 1_555 ? ? ? ? ? ? WATSON-CRICK ? ? ? 
hydrog18 hydrog ? ? A DG 9  O6 ? ? ? 1_555 D DC 9  N4 ? ? A DG 9  D DC 10 1_555 ? ? ? ? ? ? WATSON-CRICK ? ? ? 
hydrog19 hydrog ? ? A DA 10 N1 ? ? ? 1_555 C DT 3  N3 ? ? A DA 10 C DT 2  1_555 ? ? ? ? ? ? WATSON-CRICK ? ? ? 
hydrog20 hydrog ? ? A DA 10 N6 ? ? ? 1_555 C DT 3  O4 ? ? A DA 10 C DT 2  1_555 ? ? ? ? ? ? WATSON-CRICK ? ? ? 
hydrog21 hydrog ? ? A DG 11 N1 ? ? ? 1_555 C DC 2  N3 ? ? A DG 11 C DC 1  1_555 ? ? ? ? ? ? WATSON-CRICK ? ? ? 
hydrog22 hydrog ? ? A DG 11 N2 ? ? ? 1_555 C DC 2  O2 ? ? A DG 11 C DC 1  1_555 ? ? ? ? ? ? WATSON-CRICK ? ? ? 
hydrog23 hydrog ? ? A DG 11 O6 ? ? ? 1_555 C DC 2  N4 ? ? A DG 11 C DC 1  1_555 ? ? ? ? ? ? WATSON-CRICK ? ? ? 
hydrog24 hydrog ? ? A DA 12 N1 ? ? ? 1_555 C DT 1  N3 ? ? A DA 12 C DT 0  1_555 ? ? ? ? ? ? WATSON-CRICK ? ? ? 
hydrog25 hydrog ? ? A DA 12 N6 ? ? ? 1_555 C DT 1  O4 ? ? A DA 12 C DT 0  1_555 ? ? ? ? ? ? WATSON-CRICK ? ? ? 
hydrog26 hydrog ? ? B DC 1  N3 ? ? ? 1_555 C DG 6  N1 ? ? B DC 12 C DG 5  1_555 ? ? ? ? ? ? WATSON-CRICK ? ? ? 
hydrog27 hydrog ? ? B DC 1  N4 ? ? ? 1_555 C DG 6  O6 ? ? B DC 12 C DG 5  1_555 ? ? ? ? ? ? WATSON-CRICK ? ? ? 
hydrog28 hydrog ? ? B DC 1  O2 ? ? ? 1_555 C DG 6  N2 ? ? B DC 12 C DG 5  1_555 ? ? ? ? ? ? WATSON-CRICK ? ? ? 
hydrog29 hydrog ? ? B DG 2  N1 ? ? ? 1_555 C DC 5  N3 ? ? B DG 13 C DC 4  1_555 ? ? ? ? ? ? WATSON-CRICK ? ? ? 
hydrog30 hydrog ? ? B DG 2  N2 ? ? ? 1_555 C DC 5  O2 ? ? B DG 13 C DC 4  1_555 ? ? ? ? ? ? WATSON-CRICK ? ? ? 
hydrog31 hydrog ? ? B DG 2  O6 ? ? ? 1_555 C DC 5  N4 ? ? B DG 13 C DC 4  1_555 ? ? ? ? ? ? WATSON-CRICK ? ? ? 
hydrog32 hydrog ? ? B DT 3  N3 ? ? ? 1_555 C DA 4  N1 ? ? B DT 14 C DA 3  1_555 ? ? ? ? ? ? WATSON-CRICK ? ? ? 
hydrog33 hydrog ? ? B DT 3  O4 ? ? ? 1_555 C DA 4  N6 ? ? B DT 14 C DA 3  1_555 ? ? ? ? ? ? WATSON-CRICK ? ? ? 
hydrog34 hydrog ? ? B DC 4  N3 ? ? ? 1_555 D DG 8  N1 ? ? B DC 15 D DG 9  1_555 ? ? ? ? ? ? WATSON-CRICK ? ? ? 
hydrog35 hydrog ? ? B DC 4  N4 ? ? ? 1_555 D DG 8  O6 ? ? B DC 15 D DG 9  1_555 ? ? ? ? ? ? WATSON-CRICK ? ? ? 
hydrog36 hydrog ? ? B DC 4  O2 ? ? ? 1_555 D DG 8  N2 ? ? B DC 15 D DG 9  1_555 ? ? ? ? ? ? WATSON-CRICK ? ? ? 
hydrog37 hydrog ? ? B DG 5  N1 ? ? ? 1_555 D DC 7  N3 ? ? B DG 16 D DC 8  1_555 ? ? ? ? ? ? WATSON-CRICK ? ? ? 
hydrog38 hydrog ? ? B DG 5  N2 ? ? ? 1_555 D DC 7  O2 ? ? B DG 16 D DC 8  1_555 ? ? ? ? ? ? WATSON-CRICK ? ? ? 
hydrog39 hydrog ? ? B DG 5  O6 ? ? ? 1_555 D DC 7  N4 ? ? B DG 16 D DC 8  1_555 ? ? ? ? ? ? WATSON-CRICK ? ? ? 
hydrog40 hydrog ? ? B DA 6  N1 ? ? ? 1_555 D DT 6  N3 ? ? B DA 17 D DT 7  1_555 ? ? ? ? ? ? WATSON-CRICK ? ? ? 
hydrog41 hydrog ? ? B DA 6  N6 ? ? ? 1_555 D DT 6  O4 ? ? B DA 17 D DT 7  1_555 ? ? ? ? ? ? WATSON-CRICK ? ? ? 
hydrog42 hydrog ? ? B DC 7  N3 ? ? ? 1_555 D DG 5  N1 ? ? B DC 18 D DG 6  1_555 ? ? ? ? ? ? WATSON-CRICK ? ? ? 
hydrog43 hydrog ? ? B DC 7  N4 ? ? ? 1_555 D DG 5  O6 ? ? B DC 18 D DG 6  1_555 ? ? ? ? ? ? WATSON-CRICK ? ? ? 
hydrog44 hydrog ? ? B DC 7  O2 ? ? ? 1_555 D DG 5  N2 ? ? B DC 18 D DG 6  1_555 ? ? ? ? ? ? WATSON-CRICK ? ? ? 
hydrog45 hydrog ? ? B DT 8  N3 ? ? ? 1_555 D DA 4  N1 ? ? B DT 19 D DA 5  1_555 ? ? ? ? ? ? WATSON-CRICK ? ? ? 
hydrog46 hydrog ? ? B DT 8  O4 ? ? ? 1_555 D DA 4  N6 ? ? B DT 19 D DA 5  1_555 ? ? ? ? ? ? WATSON-CRICK ? ? ? 
hydrog47 hydrog ? ? B DC 9  N3 ? ? ? 1_555 D DG 3  N1 ? ? B DC 20 D DG 4  1_555 ? ? ? ? ? ? WATSON-CRICK ? ? ? 
hydrog48 hydrog ? ? B DC 9  N4 ? ? ? 1_555 D DG 3  O6 ? ? B DC 20 D DG 4  1_555 ? ? ? ? ? ? WATSON-CRICK ? ? ? 
hydrog49 hydrog ? ? B DC 9  O2 ? ? ? 1_555 D DG 3  N2 ? ? B DC 20 D DG 4  1_555 ? ? ? ? ? ? WATSON-CRICK ? ? ? 
# 
_struct_conn_type.id          hydrog 
_struct_conn_type.criteria    ? 
_struct_conn_type.reference   ? 
# 
_atom_sites.entry_id                    7JJ2 
_atom_sites.Cartn_transf_matrix[1][1]   ? 
_atom_sites.Cartn_transf_matrix[1][2]   ? 
_atom_sites.Cartn_transf_matrix[1][3]   ? 
_atom_sites.Cartn_transf_matrix[2][1]   ? 
_atom_sites.Cartn_transf_matrix[2][2]   ? 
_atom_sites.Cartn_transf_matrix[2][3]   ? 
_atom_sites.Cartn_transf_matrix[3][1]   ? 
_atom_sites.Cartn_transf_matrix[3][2]   ? 
_atom_sites.Cartn_transf_matrix[3][3]   ? 
_atom_sites.Cartn_transf_vector[1]      ? 
_atom_sites.Cartn_transf_vector[2]      ? 
_atom_sites.Cartn_transf_vector[3]      ? 
_atom_sites.fract_transf_matrix[1][1]   -0.00743726 
_atom_sites.fract_transf_matrix[1][2]   0.00553340 
_atom_sites.fract_transf_matrix[1][3]   0.00451641 
_atom_sites.fract_transf_matrix[2][1]   -0.00267111 
_atom_sites.fract_transf_matrix[2][2]   0.00917633 
_atom_sites.fract_transf_matrix[2][3]   -0.00387000 
_atom_sites.fract_transf_matrix[3][1]   -0.01338782 
_atom_sites.fract_transf_matrix[3][2]   -0.00869955 
_atom_sites.fract_transf_matrix[3][3]   -0.01138751 
_atom_sites.fract_transf_vector[1]      1.159798 
_atom_sites.fract_transf_vector[2]      1.322566 
_atom_sites.fract_transf_vector[3]      0.087035 
_atom_sites.solution_primary            ? 
_atom_sites.solution_secondary          ? 
_atom_sites.solution_hydrogens          ? 
_atom_sites.special_details             ? 
# 
loop_
_atom_type.symbol 
AS 
C  
N  
O  
P  
# 
loop_
_atom_site.group_PDB 
_atom_site.id 
_atom_site.type_symbol 
_atom_site.label_atom_id 
_atom_site.label_alt_id 
_atom_site.label_comp_id 
_atom_site.label_asym_id 
_atom_site.label_entity_id 
_atom_site.label_seq_id 
_atom_site.pdbx_PDB_ins_code 
_atom_site.Cartn_x 
_atom_site.Cartn_y 
_atom_site.Cartn_z 
_atom_site.occupancy 
_atom_site.B_iso_or_equiv 
_atom_site.pdbx_formal_charge 
_atom_site.auth_seq_id 
_atom_site.auth_comp_id 
_atom_site.auth_asym_id 
_atom_site.auth_atom_id 
_atom_site.pdbx_PDB_model_num 
ATOM   1   O  "O5'" . DG  A 1 1  ? 11.968  -2.766  24.258  1.00 132.74 ? 1   DG  A "O5'" 1 
ATOM   2   C  "C5'" . DG  A 1 1  ? 11.148  -1.667  24.635  1.00 120.70 ? 1   DG  A "C5'" 1 
ATOM   3   C  "C4'" . DG  A 1 1  ? 9.802   -2.148  25.142  1.00 117.86 ? 1   DG  A "C4'" 1 
ATOM   4   O  "O4'" . DG  A 1 1  ? 9.077   -1.046  25.701  1.00 103.00 ? 1   DG  A "O4'" 1 
ATOM   5   C  "C3'" . DG  A 1 1  ? 8.878   -2.710  24.069  1.00 119.54 ? 1   DG  A "C3'" 1 
ATOM   6   O  "O3'" . DG  A 1 1  ? 9.039   -4.119  23.982  1.00 126.30 ? 1   DG  A "O3'" 1 
ATOM   7   C  "C2'" . DG  A 1 1  ? 7.465   -2.332  24.555  1.00 104.19 ? 1   DG  A "C2'" 1 
ATOM   8   C  "C1'" . DG  A 1 1  ? 7.717   -1.385  25.734  1.00 99.83  ? 1   DG  A "C1'" 1 
ATOM   9   N  N9    . DG  A 1 1  ? 6.929   -0.150  25.712  1.00 89.57  ? 1   DG  A N9    1 
ATOM   10  C  C8    . DG  A 1 1  ? 7.403   1.125   25.907  1.00 93.48  ? 1   DG  A C8    1 
ATOM   11  N  N7    . DG  A 1 1  ? 6.474   2.037   25.856  1.00 87.03  ? 1   DG  A N7    1 
ATOM   12  C  C5    . DG  A 1 1  ? 5.306   1.326   25.616  1.00 90.62  ? 1   DG  A C5    1 
ATOM   13  C  C6    . DG  A 1 1  ? 3.977   1.782   25.463  1.00 93.14  ? 1   DG  A C6    1 
ATOM   14  O  O6    . DG  A 1 1  ? 3.558   2.946   25.510  1.00 92.95  ? 1   DG  A O6    1 
ATOM   15  N  N1    . DG  A 1 1  ? 3.090   0.733   25.234  1.00 89.15  ? 1   DG  A N1    1 
ATOM   16  C  C2    . DG  A 1 1  ? 3.448   -0.594  25.160  1.00 92.33  ? 1   DG  A C2    1 
ATOM   17  N  N2    . DG  A 1 1  ? 2.454   -1.467  24.934  1.00 91.97  ? 1   DG  A N2    1 
ATOM   18  N  N3    . DG  A 1 1  ? 4.691   -1.035  25.307  1.00 90.80  ? 1   DG  A N3    1 
ATOM   19  C  C4    . DG  A 1 1  ? 5.568   -0.026  25.530  1.00 89.43  ? 1   DG  A C4    1 
ATOM   20  P  P     . DA  A 1 2  ? 9.341   -4.812  22.565  1.00 139.90 ? 2   DA  A P     1 
ATOM   21  O  OP1   . DA  A 1 2  ? 9.835   -6.181  22.839  1.00 163.41 ? 2   DA  A OP1   1 
ATOM   22  O  OP2   . DA  A 1 2  ? 10.170  -3.870  21.777  1.00 142.92 ? 2   DA  A OP2   1 
ATOM   23  O  "O5'" . DA  A 1 2  ? 7.903   -4.903  21.867  1.00 123.47 ? 2   DA  A "O5'" 1 
ATOM   24  C  "C5'" . DA  A 1 2  ? 6.898   -5.733  22.429  1.00 123.65 ? 2   DA  A "C5'" 1 
ATOM   25  C  "C4'" . DA  A 1 2  ? 5.519   -5.339  21.925  1.00 121.72 ? 2   DA  A "C4'" 1 
ATOM   26  O  "O4'" . DA  A 1 2  ? 5.194   -3.998  22.374  1.00 110.44 ? 2   DA  A "O4'" 1 
ATOM   27  C  "C3'" . DA  A 1 2  ? 5.354   -5.334  20.405  1.00 123.98 ? 2   DA  A "C3'" 1 
ATOM   28  O  "O3'" . DA  A 1 2  ? 4.123   -5.957  20.060  1.00 128.50 ? 2   DA  A "O3'" 1 
ATOM   29  C  "C2'" . DA  A 1 2  ? 5.353   -3.844  20.053  1.00 114.77 ? 2   DA  A "C2'" 1 
ATOM   30  C  "C1'" . DA  A 1 2  ? 4.707   -3.242  21.289  1.00 104.79 ? 2   DA  A "C1'" 1 
ATOM   31  N  N9    . DA  A 1 2  ? 5.056   -1.843  21.520  1.00 101.39 ? 2   DA  A N9    1 
ATOM   32  C  C8    . DA  A 1 2  ? 6.309   -1.328  21.703  1.00 102.29 ? 2   DA  A C8    1 
ATOM   33  N  N7    . DA  A 1 2  ? 6.324   -0.031  21.910  1.00 97.38  ? 2   DA  A N7    1 
ATOM   34  C  C5    . DA  A 1 2  ? 4.989   0.328   21.857  1.00 94.40  ? 2   DA  A C5    1 
ATOM   35  C  C6    . DA  A 1 2  ? 4.335   1.569   21.996  1.00 95.88  ? 2   DA  A C6    1 
ATOM   36  N  N6    . DA  A 1 2  ? 4.980   2.718   22.226  1.00 95.97  ? 2   DA  A N6    1 
ATOM   37  N  N1    . DA  A 1 2  ? 2.992   1.583   21.888  1.00 94.01  ? 2   DA  A N1    1 
ATOM   38  C  C2    . DA  A 1 2  ? 2.351   0.430   21.657  1.00 96.77  ? 2   DA  A C2    1 
ATOM   39  N  N3    . DA  A 1 2  ? 2.856   -0.795  21.508  1.00 97.76  ? 2   DA  A N3    1 
ATOM   40  C  C4    . DA  A 1 2  ? 4.192   -0.776  21.621  1.00 96.42  ? 2   DA  A C4    1 
ATOM   41  P  P     . DA  A 1 3  ? 3.761   -6.262  18.526  1.00 136.90 ? 3   DA  A P     1 
ATOM   42  O  OP1   . DA  A 1 3  ? 3.185   -7.623  18.470  1.00 145.40 ? 3   DA  A OP1   1 
ATOM   43  O  OP2   . DA  A 1 3  ? 4.942   -5.931  17.696  1.00 139.49 ? 3   DA  A OP2   1 
ATOM   44  O  "O5'" . DA  A 1 3  ? 2.606   -5.209  18.196  1.00 128.36 ? 3   DA  A "O5'" 1 
ATOM   45  C  "C5'" . DA  A 1 3  ? 1.414   -5.208  18.972  1.00 125.65 ? 3   DA  A "C5'" 1 
ATOM   46  C  "C4'" . DA  A 1 3  ? 0.364   -4.296  18.359  1.00 124.92 ? 3   DA  A "C4'" 1 
ATOM   47  O  "O4'" . DA  A 1 3  ? 0.612   -2.923  18.752  1.00 117.38 ? 3   DA  A "O4'" 1 
ATOM   48  C  "C3'" . DA  A 1 3  ? 0.308   -4.300  16.838  1.00 121.88 ? 3   DA  A "C3'" 1 
ATOM   49  O  "O3'" . DA  A 1 3  ? -1.039  -4.191  16.408  1.00 124.69 ? 3   DA  A "O3'" 1 
ATOM   50  C  "C2'" . DA  A 1 3  ? 1.128   -3.069  16.455  1.00 114.36 ? 3   DA  A "C2'" 1 
ATOM   51  C  "C1'" . DA  A 1 3  ? 0.856   -2.121  17.615  1.00 111.19 ? 3   DA  A "C1'" 1 
ATOM   52  N  N9    . DA  A 1 3  ? 1.980   -1.245  17.925  1.00 105.53 ? 3   DA  A N9    1 
ATOM   53  C  C8    . DA  A 1 3  ? 3.294   -1.607  18.054  1.00 107.88 ? 3   DA  A C8    1 
ATOM   54  N  N7    . DA  A 1 3  ? 4.092   -0.609  18.348  1.00 102.94 ? 3   DA  A N7    1 
ATOM   55  C  C5    . DA  A 1 3  ? 3.244   0.484   18.425  1.00 100.66 ? 3   DA  A C5    1 
ATOM   56  C  C6    . DA  A 1 3  ? 3.476   1.844   18.704  1.00 101.93 ? 3   DA  A C6    1 
ATOM   57  N  N6    . DA  A 1 3  ? 4.687   2.346   18.968  1.00 101.10 ? 3   DA  A N6    1 
ATOM   58  N  N1    . DA  A 1 3  ? 2.410   2.672   18.702  1.00 101.90 ? 3   DA  A N1    1 
ATOM   59  C  C2    . DA  A 1 3  ? 1.199   2.165   18.435  1.00 105.05 ? 3   DA  A C2    1 
ATOM   60  N  N3    . DA  A 1 3  ? 0.859   0.905   18.159  1.00 101.33 ? 3   DA  A N3    1 
ATOM   61  C  C4    . DA  A 1 3  ? 1.938   0.108   18.171  1.00 101.75 ? 3   DA  A C4    1 
ATOM   62  P  P     . DC  A 1 4  ? -1.406  -4.331  14.850  1.00 124.38 ? 4   DC  A P     1 
ATOM   63  O  OP1   . DC  A 1 4  ? -2.674  -5.089  14.755  1.00 134.90 ? 4   DC  A OP1   1 
ATOM   64  O  OP2   . DC  A 1 4  ? -0.203  -4.822  14.145  1.00 121.98 ? 4   DC  A OP2   1 
ATOM   65  O  "O5'" . DC  A 1 4  ? -1.670  -2.822  14.390  1.00 118.39 ? 4   DC  A "O5'" 1 
ATOM   66  C  "C5'" . DC  A 1 4  ? -2.609  -2.024  15.102  1.00 114.40 ? 4   DC  A "C5'" 1 
ATOM   67  C  "C4'" . DC  A 1 4  ? -2.507  -0.565  14.697  1.00 119.20 ? 4   DC  A "C4'" 1 
ATOM   68  O  "O4'" . DC  A 1 4  ? -1.328  0.025   15.284  1.00 117.69 ? 4   DC  A "O4'" 1 
ATOM   69  C  "C3'" . DC  A 1 4  ? -2.407  -0.312  13.189  1.00 121.91 ? 4   DC  A "C3'" 1 
ATOM   70  O  "O3'" . DC  A 1 4  ? -3.558  0.398   12.745  1.00 138.01 ? 4   DC  A "O3'" 1 
ATOM   71  C  "C2'" . DC  A 1 4  ? -1.122  0.519   13.022  1.00 112.46 ? 4   DC  A "C2'" 1 
ATOM   72  C  "C1'" . DC  A 1 4  ? -0.867  1.035   14.432  1.00 110.26 ? 4   DC  A "C1'" 1 
ATOM   73  N  N1    . DC  A 1 4  ? 0.575   1.286   14.739  1.00 103.83 ? 4   DC  A N1    1 
ATOM   74  C  C2    . DC  A 1 4  ? 1.002   2.581   15.060  1.00 99.80  ? 4   DC  A C2    1 
ATOM   75  O  O2    . DC  A 1 4  ? 0.179   3.503   15.072  1.00 99.17  ? 4   DC  A O2    1 
ATOM   76  N  N3    . DC  A 1 4  ? 2.313   2.787   15.348  1.00 98.01  ? 4   DC  A N3    1 
ATOM   77  C  C4    . DC  A 1 4  ? 3.171   1.764   15.325  1.00 99.69  ? 4   DC  A C4    1 
ATOM   78  N  N4    . DC  A 1 4  ? 4.453   2.015   15.616  1.00 97.67  ? 4   DC  A N4    1 
ATOM   79  C  C5    . DC  A 1 4  ? 2.753   0.440   15.003  1.00 97.40  ? 4   DC  A C5    1 
ATOM   80  C  C6    . DC  A 1 4  ? 1.459   0.247   14.722  1.00 103.95 ? 4   DC  A C6    1 
ATOM   81  P  P     . DG  A 1 5  ? -3.819  0.634   11.177  1.00 128.70 ? 5   DG  A P     1 
ATOM   82  O  OP1   . DG  A 1 5  ? -5.267  0.446   10.934  1.00 122.12 ? 5   DG  A OP1   1 
ATOM   83  O  OP2   . DG  A 1 5  ? -2.843  -0.179  10.420  1.00 124.12 ? 5   DG  A OP2   1 
ATOM   84  O  "O5'" . DG  A 1 5  ? -3.456  2.177   10.965  1.00 121.16 ? 5   DG  A "O5'" 1 
ATOM   85  C  "C5'" . DG  A 1 5  ? -4.119  3.170   11.738  1.00 116.97 ? 5   DG  A "C5'" 1 
ATOM   86  C  "C4'" . DG  A 1 5  ? -3.452  4.525   11.576  1.00 121.97 ? 5   DG  A "C4'" 1 
ATOM   87  O  "O4'" . DG  A 1 5  ? -2.116  4.483   12.141  1.00 118.45 ? 5   DG  A "O4'" 1 
ATOM   88  C  "C3'" . DG  A 1 5  ? -3.291  5.002   10.133  1.00 118.31 ? 5   DG  A "C3'" 1 
ATOM   89  O  "O3'" . DG  A 1 5  ? -3.591  6.387   10.050  1.00 116.60 ? 5   DG  A "O3'" 1 
ATOM   90  C  "C2'" . DG  A 1 5  ? -1.819  4.724   9.834   1.00 111.02 ? 5   DG  A "C2'" 1 
ATOM   91  C  "C1'" . DG  A 1 5  ? -1.182  4.950   11.194  1.00 111.11 ? 5   DG  A "C1'" 1 
ATOM   92  N  N9    . DG  A 1 5  ? 0.060   4.212   11.383  1.00 102.44 ? 5   DG  A N9    1 
ATOM   93  C  C8    . DG  A 1 5  ? 0.260   2.869   11.178  1.00 106.23 ? 5   DG  A C8    1 
ATOM   94  N  N7    . DG  A 1 5  ? 1.477   2.479   11.439  1.00 103.88 ? 5   DG  A N7    1 
ATOM   95  C  C5    . DG  A 1 5  ? 2.126   3.638   11.842  1.00 100.82 ? 5   DG  A C5    1 
ATOM   96  C  C6    . DG  A 1 5  ? 3.466   3.838   12.249  1.00 99.06  ? 5   DG  A C6    1 
ATOM   97  O  O6    . DG  A 1 5  ? 4.373   2.999   12.336  1.00 96.83  ? 5   DG  A O6    1 
ATOM   98  N  N1    . DG  A 1 5  ? 3.713   5.170   12.574  1.00 94.48  ? 5   DG  A N1    1 
ATOM   99  C  C2    . DG  A 1 5  ? 2.780   6.179   12.513  1.00 96.37  ? 5   DG  A C2    1 
ATOM   100 N  N2    . DG  A 1 5  ? 3.203   7.401   12.865  1.00 98.29  ? 5   DG  A N2    1 
ATOM   101 N  N3    . DG  A 1 5  ? 1.521   6.004   12.133  1.00 90.29  ? 5   DG  A N3    1 
ATOM   102 C  C4    . DG  A 1 5  ? 1.266   4.714   11.813  1.00 97.35  ? 5   DG  A C4    1 
ATOM   103 P  P     . DA  A 1 6  ? -3.571  7.143   8.634   1.00 126.71 ? 6   DA  A P     1 
ATOM   104 O  OP1   . DA  A 1 6  ? -4.748  8.038   8.602   1.00 126.26 ? 6   DA  A OP1   1 
ATOM   105 O  OP2   . DA  A 1 6  ? -3.390  6.135   7.566   1.00 129.07 ? 6   DA  A OP2   1 
ATOM   106 O  "O5'" . DA  A 1 6  ? -2.258  8.051   8.711   1.00 115.12 ? 6   DA  A "O5'" 1 
ATOM   107 C  "C5'" . DA  A 1 6  ? -2.173  9.077   9.688   1.00 112.89 ? 6   DA  A "C5'" 1 
ATOM   108 C  "C4'" . DA  A 1 6  ? -0.876  9.854   9.558   1.00 111.09 ? 6   DA  A "C4'" 1 
ATOM   109 O  "O4'" . DA  A 1 6  ? 0.240   9.014   9.949   1.00 109.03 ? 6   DA  A "O4'" 1 
ATOM   110 C  "C3'" . DA  A 1 6  ? -0.558  10.366  8.153   1.00 112.21 ? 6   DA  A "C3'" 1 
ATOM   111 O  "O3'" . DA  A 1 6  ? -0.014  11.679  8.242   1.00 122.18 ? 6   DA  A "O3'" 1 
ATOM   112 C  "C2'" . DA  A 1 6  ? 0.470   9.356   7.644   1.00 110.36 ? 6   DA  A "C2'" 1 
ATOM   113 C  "C1'" . DA  A 1 6  ? 1.206   8.985   8.922   1.00 103.56 ? 6   DA  A "C1'" 1 
ATOM   114 N  N9    . DA  A 1 6  ? 1.792   7.648   8.888   1.00 94.52  ? 6   DA  A N9    1 
ATOM   115 C  C8    . DA  A 1 6  ? 1.177   6.492   8.495   1.00 95.76  ? 6   DA  A C8    1 
ATOM   116 N  N7    . DA  A 1 6  ? 1.945   5.431   8.573   1.00 95.07  ? 6   DA  A N7    1 
ATOM   117 C  C5    . DA  A 1 6  ? 3.145   5.924   9.055   1.00 90.90  ? 6   DA  A C5    1 
ATOM   118 C  C6    . DA  A 1 6  ? 4.373   5.301   9.359   1.00 92.05  ? 6   DA  A C6    1 
ATOM   119 N  N6    . DA  A 1 6  ? 4.588   3.990   9.212   1.00 91.01  ? 6   DA  A N6    1 
ATOM   120 N  N1    . DA  A 1 6  ? 5.372   6.081   9.822   1.00 89.26  ? 6   DA  A N1    1 
ATOM   121 C  C2    . DA  A 1 6  ? 5.151   7.394   9.967   1.00 94.67  ? 6   DA  A C2    1 
ATOM   122 N  N3    . DA  A 1 6  ? 4.043   8.092   9.715   1.00 97.38  ? 6   DA  A N3    1 
ATOM   123 C  C4    . DA  A 1 6  ? 3.069   7.289   9.257   1.00 89.92  ? 6   DA  A C4    1 
ATOM   124 P  P     . DC  A 1 7  ? 0.224   12.572  6.925   1.00 127.22 ? 7   DC  A P     1 
ATOM   125 O  OP1   . DC  A 1 7  ? -0.648  13.762  7.038   1.00 123.04 ? 7   DC  A OP1   1 
ATOM   126 O  OP2   . DC  A 1 7  ? 0.137   11.719  5.719   1.00 126.95 ? 7   DC  A OP2   1 
ATOM   127 O  "O5'" . DC  A 1 7  ? 1.740   13.044  7.083   1.00 121.39 ? 7   DC  A "O5'" 1 
ATOM   128 C  "C5'" . DC  A 1 7  ? 2.546   12.477  8.106   1.00 120.29 ? 7   DC  A "C5'" 1 
ATOM   129 C  "C4'" . DC  A 1 7  ? 3.915   12.115  7.566   1.00 121.85 ? 7   DC  A "C4'" 1 
ATOM   130 O  "O4'" . DC  A 1 7  ? 4.120   10.681  7.654   1.00 117.77 ? 7   DC  A "O4'" 1 
ATOM   131 C  "C3'" . DC  A 1 7  ? 4.147   12.489  6.096   1.00 120.65 ? 7   DC  A "C3'" 1 
ATOM   132 O  "O3'" . DC  A 1 7  ? 5.291   13.316  5.988   1.00 132.10 ? 7   DC  A "O3'" 1 
ATOM   133 C  "C2'" . DC  A 1 7  ? 4.366   11.139  5.407   1.00 115.74 ? 7   DC  A "C2'" 1 
ATOM   134 C  "C1'" . DC  A 1 7  ? 4.890   10.292  6.551   1.00 108.71 ? 7   DC  A "C1'" 1 
ATOM   135 N  N1    . DC  A 1 7  ? 4.736   8.823   6.322   1.00 99.83  ? 7   DC  A N1    1 
ATOM   136 C  C2    . DC  A 1 7  ? 5.811   7.964   6.589   1.00 92.54  ? 7   DC  A C2    1 
ATOM   137 O  O2    . DC  A 1 7  ? 6.863   8.435   7.037   1.00 93.44  ? 7   DC  A O2    1 
ATOM   138 N  N3    . DC  A 1 7  ? 5.663   6.636   6.360   1.00 84.38  ? 7   DC  A N3    1 
ATOM   139 C  C4    . DC  A 1 7  ? 4.510   6.167   5.877   1.00 89.73  ? 7   DC  A C4    1 
ATOM   140 N  N4    . DC  A 1 7  ? 4.411   4.850   5.665   1.00 88.96  ? 7   DC  A N4    1 
ATOM   141 C  C5    . DC  A 1 7  ? 3.409   7.027   5.588   1.00 87.76  ? 7   DC  A C5    1 
ATOM   142 C  C6    . DC  A 1 7  ? 3.566   8.335   5.818   1.00 95.50  ? 7   DC  A C6    1 
ATOM   143 P  P     . DA  A 1 8  ? 5.578   14.148  4.643   1.00 149.73 ? 8   DA  A P     1 
ATOM   144 O  OP1   . DA  A 1 8  ? 5.267   15.565  4.935   1.00 153.16 ? 8   DA  A OP1   1 
ATOM   145 O  OP2   . DA  A 1 8  ? 4.921   13.473  3.499   1.00 155.94 ? 8   DA  A OP2   1 
ATOM   146 O  "O5'" . DA  A 1 8  ? 7.156   13.993  4.447   1.00 130.85 ? 8   DA  A "O5'" 1 
ATOM   147 C  "C5'" . DA  A 1 8  ? 8.018   14.161  5.560   1.00 122.79 ? 8   DA  A "C5'" 1 
ATOM   148 C  "C4'" . DA  A 1 8  ? 9.020   13.023  5.648   1.00 117.52 ? 8   DA  A "C4'" 1 
ATOM   149 O  "O4'" . DA  A 1 8  ? 8.337   11.754  5.541   1.00 109.90 ? 8   DA  A "O4'" 1 
ATOM   150 C  "C3'" . DA  A 1 8  ? 10.093  13.018  4.555   1.00 119.00 ? 8   DA  A "C3'" 1 
ATOM   151 O  "O3'" . DA  A 1 8  ? 11.369  13.237  5.141   1.00 126.88 ? 8   DA  A "O3'" 1 
ATOM   152 C  "C2'" . DA  A 1 8  ? 9.987   11.622  3.914   1.00 113.75 ? 8   DA  A "C2'" 1 
ATOM   153 C  "C1'" . DA  A 1 8  ? 9.221   10.832  4.963   1.00 109.13 ? 8   DA  A "C1'" 1 
ATOM   154 N  N9    . DA  A 1 8  ? 8.445   9.714   4.424   1.00 105.74 ? 8   DA  A N9    1 
ATOM   155 C  C8    . DA  A 1 8  ? 7.167   9.751   3.941   1.00 102.99 ? 8   DA  A C8    1 
ATOM   156 N  N7    . DA  A 1 8  ? 6.719   8.588   3.529   1.00 95.19  ? 8   DA  A N7    1 
ATOM   157 C  C5    . DA  A 1 8  ? 7.776   7.723   3.760   1.00 91.16  ? 8   DA  A C5    1 
ATOM   158 C  C6    . DA  A 1 8  ? 7.938   6.341   3.538   1.00 90.26  ? 8   DA  A C6    1 
ATOM   159 N  N6    . DA  A 1 8  ? 6.986   5.564   3.009   1.00 88.36  ? 8   DA  A N6    1 
ATOM   160 N  N1    . DA  A 1 8  ? 9.121   5.785   3.880   1.00 87.14  ? 8   DA  A N1    1 
ATOM   161 C  C2    . DA  A 1 8  ? 10.072  6.567   4.407   1.00 89.13  ? 8   DA  A C2    1 
ATOM   162 N  N3    . DA  A 1 8  ? 10.036  7.876   4.664   1.00 91.63  ? 8   DA  A N3    1 
ATOM   163 C  C4    . DA  A 1 8  ? 8.849   8.399   4.313   1.00 95.33  ? 8   DA  A C4    1 
ATOM   164 P  P     . DG  A 1 9  ? 12.682  13.323  4.221   1.00 135.14 ? 9   DG  A P     1 
ATOM   165 O  OP1   . DG  A 1 9  ? 13.667  14.170  4.929   1.00 147.86 ? 9   DG  A OP1   1 
ATOM   166 O  OP2   . DG  A 1 9  ? 12.255  13.678  2.849   1.00 142.57 ? 9   DG  A OP2   1 
ATOM   167 O  "O5'" . DG  A 1 9  ? 13.220  11.820  4.194   1.00 118.12 ? 9   DG  A "O5'" 1 
ATOM   168 C  "C5'" . DG  A 1 9  ? 14.337  11.475  3.397   1.00 123.82 ? 9   DG  A "C5'" 1 
ATOM   169 C  "C4'" . DG  A 1 9  ? 14.569  9.979   3.443   1.00 125.20 ? 9   DG  A "C4'" 1 
ATOM   170 O  "O4'" . DG  A 1 9  ? 13.286  9.291   3.435   1.00 122.58 ? 9   DG  A "O4'" 1 
ATOM   171 C  "C3'" . DG  A 1 9  ? 15.364  9.410   2.269   1.00 125.69 ? 9   DG  A "C3'" 1 
ATOM   172 O  "O3'" . DG  A 1 9  ? 16.229  8.381   2.730   1.00 128.69 ? 9   DG  A "O3'" 1 
ATOM   173 C  "C2'" . DG  A 1 9  ? 14.269  8.854   1.365   1.00 127.17 ? 9   DG  A "C2'" 1 
ATOM   174 C  "C1'" . DG  A 1 9  ? 13.273  8.343   2.392   1.00 123.52 ? 9   DG  A "C1'" 1 
ATOM   175 N  N9    . DG  A 1 9  ? 11.915  8.226   1.869   1.00 109.85 ? 9   DG  A N9    1 
ATOM   176 C  C8    . DG  A 1 9  ? 10.996  9.235   1.709   1.00 107.33 ? 9   DG  A C8    1 
ATOM   177 N  N7    . DG  A 1 9  ? 9.863   8.829   1.204   1.00 95.31  ? 9   DG  A N7    1 
ATOM   178 C  C5    . DG  A 1 9  ? 10.046  7.466   1.010   1.00 90.43  ? 9   DG  A C5    1 
ATOM   179 C  C6    . DG  A 1 9  ? 9.162   6.492   0.488   1.00 85.81  ? 9   DG  A C6    1 
ATOM   180 O  O6    . DG  A 1 9  ? 8.003   6.647   0.081   1.00 88.00  ? 9   DG  A O6    1 
ATOM   181 N  N1    . DG  A 1 9  ? 9.746   5.226   0.466   1.00 83.77  ? 9   DG  A N1    1 
ATOM   182 C  C2    . DG  A 1 9  ? 11.020  4.940   0.896   1.00 94.74  ? 9   DG  A C2    1 
ATOM   183 N  N2    . DG  A 1 9  ? 11.411  3.661   0.793   1.00 88.03  ? 9   DG  A N2    1 
ATOM   184 N  N3    . DG  A 1 9  ? 11.858  5.844   1.384   1.00 97.66  ? 9   DG  A N3    1 
ATOM   185 C  C4    . DG  A 1 9  ? 11.306  7.081   1.410   1.00 97.82  ? 9   DG  A C4    1 
ATOM   186 P  P     . DA  A 1 10 ? 17.415  7.827   1.795   1.00 148.31 ? 10  DA  A P     1 
ATOM   187 O  OP1   . DA  A 1 10 ? 18.691  8.329   2.345   1.00 156.97 ? 10  DA  A OP1   1 
ATOM   188 O  OP2   . DA  A 1 10 ? 17.072  8.086   0.380   1.00 143.39 ? 10  DA  A OP2   1 
ATOM   189 O  "O5'" . DA  A 1 10 ? 17.355  6.248   2.013   1.00 131.82 ? 10  DA  A "O5'" 1 
ATOM   190 C  "C5'" . DA  A 1 10 ? 16.143  5.551   1.776   1.00 124.82 ? 10  DA  A "C5'" 1 
ATOM   191 C  "C4'" . DA  A 1 10 ? 16.403  4.290   0.979   1.00 131.70 ? 10  DA  A "C4'" 1 
ATOM   192 O  "O4'" . DA  A 1 10 ? 15.172  3.859   0.347   1.00 146.23 ? 10  DA  A "O4'" 1 
ATOM   193 C  "C3'" . DA  A 1 10 ? 17.383  4.455   -0.163  1.00 125.02 ? 10  DA  A "C3'" 1 
ATOM   194 O  "O3'" . DA  A 1 10 ? 17.932  3.194   -0.496  1.00 130.60 ? 10  DA  A "O3'" 1 
ATOM   195 C  "C2'" . DA  A 1 10 ? 16.482  4.985   -1.273  1.00 127.97 ? 10  DA  A "C2'" 1 
ATOM   196 C  "C1'" . DA  A 1 10 ? 15.196  4.192   -1.032  1.00 135.96 ? 10  DA  A "C1'" 1 
ATOM   197 N  N9    . DA  A 1 10 ? 13.974  4.936   -1.340  1.00 117.31 ? 10  DA  A N9    1 
ATOM   198 C  C8    . DA  A 1 10 ? 13.720  6.253   -1.075  1.00 111.44 ? 10  DA  A C8    1 
ATOM   199 N  N7    . DA  A 1 10 ? 12.527  6.650   -1.457  1.00 103.94 ? 10  DA  A N7    1 
ATOM   200 C  C5    . DA  A 1 10 ? 11.960  5.514   -2.010  1.00 97.48  ? 10  DA  A C5    1 
ATOM   201 C  C6    . DA  A 1 10 ? 10.698  5.270   -2.593  1.00 90.71  ? 10  DA  A C6    1 
ATOM   202 N  N6    . DA  A 1 10 ? 9.753   6.208   -2.722  1.00 96.06  ? 10  DA  A N6    1 
ATOM   203 N  N1    . DA  A 1 10 ? 10.448  4.023   -3.043  1.00 85.55  ? 10  DA  A N1    1 
ATOM   204 C  C2    . DA  A 1 10 ? 11.396  3.088   -2.912  1.00 80.39  ? 10  DA  A C2    1 
ATOM   205 N  N3    . DA  A 1 10 ? 12.615  3.196   -2.379  1.00 90.27  ? 10  DA  A N3    1 
ATOM   206 C  C4    . DA  A 1 10 ? 12.834  4.447   -1.942  1.00 99.35  ? 10  DA  A C4    1 
ATOM   207 P  P     . DG  A 1 11 ? 19.386  3.097   -1.166  1.00 139.64 ? 11  DG  A P     1 
ATOM   208 O  OP1   . DG  A 1 11 ? 20.211  2.197   -0.330  1.00 150.66 ? 11  DG  A OP1   1 
ATOM   209 O  OP2   . DG  A 1 11 ? 19.847  4.475   -1.446  1.00 134.03 ? 11  DG  A OP2   1 
ATOM   210 O  "O5'" . DG  A 1 11 ? 19.103  2.374   -2.558  1.00 124.25 ? 11  DG  A "O5'" 1 
ATOM   211 C  "C5'" . DG  A 1 11 ? 18.440  1.119   -2.575  1.00 118.53 ? 11  DG  A "C5'" 1 
ATOM   212 C  "C4'" . DG  A 1 11 ? 17.704  0.923   -3.886  1.00 110.94 ? 11  DG  A "C4'" 1 
ATOM   213 O  "O4'" . DG  A 1 11 ? 16.495  1.704   -3.883  1.00 114.31 ? 11  DG  A "O4'" 1 
ATOM   214 C  "C3'" . DG  A 1 11 ? 18.485  1.353   -5.127  1.00 106.43 ? 11  DG  A "C3'" 1 
ATOM   215 O  "O3'" . DG  A 1 11 ? 18.874  0.198   -5.859  1.00 111.27 ? 11  DG  A "O3'" 1 
ATOM   216 C  "C2'" . DG  A 1 11 ? 17.511  2.253   -5.920  1.00 93.54  ? 11  DG  A "C2'" 1 
ATOM   217 C  "C1'" . DG  A 1 11 ? 16.179  2.068   -5.199  1.00 98.11  ? 11  DG  A "C1'" 1 
ATOM   218 N  N9    . DG  A 1 11 ? 15.369  3.283   -5.131  1.00 85.99  ? 11  DG  A N9    1 
ATOM   219 C  C8    . DG  A 1 11 ? 15.741  4.493   -4.601  1.00 93.91  ? 11  DG  A C8    1 
ATOM   220 N  N7    . DG  A 1 11 ? 14.801  5.395   -4.651  1.00 89.77  ? 11  DG  A N7    1 
ATOM   221 C  C5    . DG  A 1 11 ? 13.731  4.739   -5.244  1.00 86.60  ? 11  DG  A C5    1 
ATOM   222 C  C6    . DG  A 1 11 ? 12.435  5.211   -5.559  1.00 81.09  ? 11  DG  A C6    1 
ATOM   223 O  O6    . DG  A 1 11 ? 11.962  6.339   -5.371  1.00 78.84  ? 11  DG  A O6    1 
ATOM   224 N  N1    . DG  A 1 11 ? 11.657  4.221   -6.153  1.00 70.30  ? 11  DG  A N1    1 
ATOM   225 C  C2    . DG  A 1 11 ? 12.079  2.939   -6.409  1.00 75.70  ? 11  DG  A C2    1 
ATOM   226 N  N2    . DG  A 1 11 ? 11.183  2.124   -6.989  1.00 73.66  ? 11  DG  A N2    1 
ATOM   227 N  N3    . DG  A 1 11 ? 13.291  2.482   -6.119  1.00 78.59  ? 11  DG  A N3    1 
ATOM   228 C  C4    . DG  A 1 11 ? 14.062  3.434   -5.540  1.00 83.03  ? 11  DG  A C4    1 
ATOM   229 P  P     . DA  A 1 12 ? 19.571  0.331   -7.298  1.00 115.68 ? 12  DA  A P     1 
ATOM   230 O  OP1   . DA  A 1 12 ? 20.354  -0.903  -7.523  1.00 111.71 ? 12  DA  A OP1   1 
ATOM   231 O  OP2   . DA  A 1 12 ? 20.240  1.650   -7.383  1.00 106.87 ? 12  DA  A OP2   1 
ATOM   232 O  "O5'" . DA  A 1 12 ? 18.337  0.315   -8.303  1.00 99.69  ? 12  DA  A "O5'" 1 
ATOM   233 C  "C5'" . DA  A 1 12 ? 17.381  -0.733  -8.231  1.00 89.47  ? 12  DA  A "C5'" 1 
ATOM   234 C  "C4'" . DA  A 1 12 ? 16.397  -0.603  -9.367  1.00 86.21  ? 12  DA  A "C4'" 1 
ATOM   235 O  "O4'" . DA  A 1 12 ? 15.337  0.284   -8.963  1.00 86.90  ? 12  DA  A "O4'" 1 
ATOM   236 C  "C3'" . DA  A 1 12 ? 17.004  -0.005  -10.625 1.00 91.04  ? 12  DA  A "C3'" 1 
ATOM   237 O  "O3'" . DA  A 1 12 ? 17.330  -1.041  -11.542 1.00 95.94  ? 12  DA  A "O3'" 1 
ATOM   238 C  "C2'" . DA  A 1 12 ? 15.918  0.910   -11.188 1.00 80.98  ? 12  DA  A "C2'" 1 
ATOM   239 C  "C1'" . DA  A 1 12 ? 14.941  1.112   -10.030 1.00 79.96  ? 12  DA  A "C1'" 1 
ATOM   240 N  N9    . DA  A 1 12 ? 14.892  2.480   -9.529  1.00 74.13  ? 12  DA  A N9    1 
ATOM   241 C  C8    . DA  A 1 12 ? 15.910  3.182   -8.945  1.00 82.46  ? 12  DA  A C8    1 
ATOM   242 N  N7    . DA  A 1 12 ? 15.569  4.391   -8.568  1.00 80.25  ? 12  DA  A N7    1 
ATOM   243 C  C5    . DA  A 1 12 ? 14.235  4.483   -8.923  1.00 76.64  ? 12  DA  A C5    1 
ATOM   244 C  C6    . DA  A 1 12 ? 13.289  5.517   -8.792  1.00 73.73  ? 12  DA  A C6    1 
ATOM   245 N  N6    . DA  A 1 12 ? 13.567  6.704   -8.243  1.00 69.59  ? 12  DA  A N6    1 
ATOM   246 N  N1    . DA  A 1 12 ? 12.042  5.283   -9.251  1.00 74.73  ? 12  DA  A N1    1 
ATOM   247 C  C2    . DA  A 1 12 ? 11.767  4.094   -9.799  1.00 79.14  ? 12  DA  A C2    1 
ATOM   248 N  N3    . DA  A 1 12 ? 12.572  3.049   -9.978  1.00 77.22  ? 12  DA  A N3    1 
ATOM   249 C  C4    . DA  A 1 12 ? 13.802  3.312   -9.513  1.00 71.68  ? 12  DA  A C4    1 
ATOM   250 P  P     . DC  B 2 1  ? 1.084   -5.492  -23.348 1.00 107.48 ? 12  DC  B P     1 
ATOM   251 O  OP1   . DC  B 2 1  ? 1.275   -4.286  -24.181 1.00 104.78 ? 12  DC  B OP1   1 
ATOM   252 O  OP2   . DC  B 2 1  ? 2.009   -6.634  -23.506 1.00 101.18 ? 12  DC  B OP2   1 
ATOM   253 O  "O5'" . DC  B 2 1  ? 1.086   -5.074  -21.803 1.00 89.14  ? 12  DC  B "O5'" 1 
ATOM   254 C  "C5'" . DC  B 2 1  ? 0.106   -5.607  -20.914 1.00 95.83  ? 12  DC  B "C5'" 1 
ATOM   255 C  "C4'" . DC  B 2 1  ? 0.146   -7.126  -20.905 1.00 80.38  ? 12  DC  B "C4'" 1 
ATOM   256 O  "O4'" . DC  B 2 1  ? 1.352   -7.575  -20.248 1.00 78.58  ? 12  DC  B "O4'" 1 
ATOM   257 C  "C3'" . DC  B 2 1  ? -0.998  -7.777  -20.156 1.00 82.05  ? 12  DC  B "C3'" 1 
ATOM   258 O  "O3'" . DC  B 2 1  ? -2.055  -8.054  -21.062 1.00 81.68  ? 12  DC  B "O3'" 1 
ATOM   259 C  "C2'" . DC  B 2 1  ? -0.388  -9.066  -19.609 1.00 79.35  ? 12  DC  B "C2'" 1 
ATOM   260 C  "C1'" . DC  B 2 1  ? 1.113   -8.772  -19.542 1.00 76.16  ? 12  DC  B "C1'" 1 
ATOM   261 N  N1    . DC  B 2 1  ? 1.663   -8.618  -18.149 1.00 74.25  ? 12  DC  B N1    1 
ATOM   262 C  C2    . DC  B 2 1  ? 1.604   -9.690  -17.239 1.00 76.96  ? 12  DC  B C2    1 
ATOM   263 O  O2    . DC  B 2 1  ? 1.082   -10.756 -17.588 1.00 82.17  ? 12  DC  B O2    1 
ATOM   264 N  N3    . DC  B 2 1  ? 2.120   -9.525  -15.995 1.00 69.77  ? 12  DC  B N3    1 
ATOM   265 C  C4    . DC  B 2 1  ? 2.679   -8.365  -15.652 1.00 69.33  ? 12  DC  B C4    1 
ATOM   266 N  N4    . DC  B 2 1  ? 3.172   -8.252  -14.416 1.00 73.39  ? 12  DC  B N4    1 
ATOM   267 C  C5    . DC  B 2 1  ? 2.756   -7.267  -16.561 1.00 62.47  ? 12  DC  B C5    1 
ATOM   268 C  C6    . DC  B 2 1  ? 2.244   -7.438  -17.785 1.00 70.42  ? 12  DC  B C6    1 
ATOM   269 P  P     . DG  B 2 2  ? -3.528  -7.485  -20.779 1.00 85.93  ? 13  DG  B P     1 
ATOM   270 O  OP1   . DG  B 2 2  ? -4.327  -7.771  -21.992 1.00 86.47  ? 13  DG  B OP1   1 
ATOM   271 O  OP2   . DG  B 2 2  ? -3.391  -6.096  -20.281 1.00 90.53  ? 13  DG  B OP2   1 
ATOM   272 O  "O5'" . DG  B 2 2  ? -4.073  -8.394  -19.579 1.00 76.99  ? 13  DG  B "O5'" 1 
ATOM   273 C  "C5'" . DG  B 2 2  ? -4.532  -9.713  -19.844 1.00 80.10  ? 13  DG  B "C5'" 1 
ATOM   274 C  "C4'" . DG  B 2 2  ? -4.123  -10.666 -18.735 1.00 81.71  ? 13  DG  B "C4'" 1 
ATOM   275 O  "O4'" . DG  B 2 2  ? -2.876  -10.241 -18.175 1.00 85.52  ? 13  DG  B "O4'" 1 
ATOM   276 C  "C3'" . DG  B 2 2  ? -5.057  -10.719 -17.540 1.00 89.86  ? 13  DG  B "C3'" 1 
ATOM   277 O  "O3'" . DG  B 2 2  ? -6.111  -11.640 -17.798 1.00 103.12 ? 13  DG  B "O3'" 1 
ATOM   278 C  "C2'" . DG  B 2 2  ? -4.133  -11.225 -16.422 1.00 81.15  ? 13  DG  B "C2'" 1 
ATOM   279 C  "C1'" . DG  B 2 2  ? -2.734  -10.833 -16.905 1.00 83.72  ? 13  DG  B "C1'" 1 
ATOM   280 N  N9    . DG  B 2 2  ? -2.033  -9.896  -16.030 1.00 77.34  ? 13  DG  B N9    1 
ATOM   281 C  C8    . DG  B 2 2  ? -1.766  -8.571  -16.281 1.00 74.51  ? 13  DG  B C8    1 
ATOM   282 N  N7    . DG  B 2 2  ? -1.102  -7.984  -15.324 1.00 70.44  ? 13  DG  B N7    1 
ATOM   283 C  C5    . DG  B 2 2  ? -0.912  -8.983  -14.381 1.00 69.28  ? 13  DG  B C5    1 
ATOM   284 C  C6    . DG  B 2 2  ? -0.255  -8.939  -13.127 1.00 65.64  ? 13  DG  B C6    1 
ATOM   285 O  O6    . DG  B 2 2  ? 0.305   -7.975  -12.586 1.00 70.03  ? 13  DG  B O6    1 
ATOM   286 N  N1    . DG  B 2 2  ? -0.288  -10.174 -12.487 1.00 62.98  ? 13  DG  B N1    1 
ATOM   287 C  C2    . DG  B 2 2  ? -0.880  -11.308 -12.991 1.00 70.62  ? 13  DG  B C2    1 
ATOM   288 N  N2    . DG  B 2 2  ? -0.809  -12.407 -12.227 1.00 72.88  ? 13  DG  B N2    1 
ATOM   289 N  N3    . DG  B 2 2  ? -1.498  -11.363 -14.166 1.00 72.80  ? 13  DG  B N3    1 
ATOM   290 C  C4    . DG  B 2 2  ? -1.474  -10.168 -14.802 1.00 72.01  ? 13  DG  B C4    1 
ATOM   291 P  P     . DT  B 2 3  ? -7.409  -11.704 -16.851 1.00 101.63 ? 14  DT  B P     1 
ATOM   292 O  OP1   . DT  B 2 3  ? -7.567  -13.118 -16.440 1.00 90.03  ? 14  DT  B OP1   1 
ATOM   293 O  OP2   . DT  B 2 3  ? -8.507  -11.017 -17.566 1.00 115.14 ? 14  DT  B OP2   1 
ATOM   294 O  "O5'" . DT  B 2 3  ? -7.025  -10.822 -15.570 1.00 88.91  ? 14  DT  B "O5'" 1 
ATOM   295 C  "C5'" . DT  B 2 3  ? -7.611  -11.108 -14.300 1.00 93.55  ? 14  DT  B "C5'" 1 
ATOM   296 C  "C4'" . DT  B 2 3  ? -6.801  -12.160 -13.562 1.00 86.27  ? 14  DT  B "C4'" 1 
ATOM   297 O  "O4'" . DT  B 2 3  ? -5.393  -11.881 -13.720 1.00 90.17  ? 14  DT  B "O4'" 1 
ATOM   298 C  "C3'" . DT  B 2 3  ? -7.088  -12.265 -12.069 1.00 88.85  ? 14  DT  B "C3'" 1 
ATOM   299 O  "O3'" . DT  B 2 3  ? -7.759  -13.492 -11.812 1.00 82.69  ? 14  DT  B "O3'" 1 
ATOM   300 C  "C2'" . DT  B 2 3  ? -5.715  -12.236 -11.387 1.00 88.94  ? 14  DT  B "C2'" 1 
ATOM   301 C  "C1'" . DT  B 2 3  ? -4.743  -11.787 -12.476 1.00 81.92  ? 14  DT  B "C1'" 1 
ATOM   302 N  N1    . DT  B 2 3  ? -4.215  -10.388 -12.307 1.00 72.94  ? 14  DT  B N1    1 
ATOM   303 C  C2    . DT  B 2 3  ? -3.403  -10.097 -11.233 1.00 74.84  ? 14  DT  B C2    1 
ATOM   304 O  O2    . DT  B 2 3  ? -3.102  -10.914 -10.379 1.00 80.32  ? 14  DT  B O2    1 
ATOM   305 N  N3    . DT  B 2 3  ? -2.964  -8.800  -11.183 1.00 70.63  ? 14  DT  B N3    1 
ATOM   306 C  C4    . DT  B 2 3  ? -3.241  -7.789  -12.085 1.00 70.17  ? 14  DT  B C4    1 
ATOM   307 O  O4    . DT  B 2 3  ? -2.797  -6.653  -11.954 1.00 63.98  ? 14  DT  B O4    1 
ATOM   308 C  C5    . DT  B 2 3  ? -4.085  -8.162  -13.192 1.00 74.36  ? 14  DT  B C5    1 
ATOM   309 C  C7    . DT  B 2 3  ? -4.451  -7.149  -14.235 1.00 76.66  ? 14  DT  B C7    1 
ATOM   310 C  C6    . DT  B 2 3  ? -4.522  -9.429  -13.253 1.00 74.33  ? 14  DT  B C6    1 
ATOM   311 P  P     . DC  B 2 4  ? -8.969  -13.554 -10.760 1.00 101.84 ? 15  DC  B P     1 
ATOM   312 O  OP1   . DC  B 2 4  ? -9.431  -14.959 -10.710 1.00 104.91 ? 15  DC  B OP1   1 
ATOM   313 O  OP2   . DC  B 2 4  ? -9.919  -12.473 -11.109 1.00 94.65  ? 15  DC  B OP2   1 
ATOM   314 O  "O5'" . DC  B 2 4  ? -8.285  -13.184 -9.364  1.00 85.25  ? 15  DC  B "O5'" 1 
ATOM   315 C  "C5'" . DC  B 2 4  ? -7.251  -14.005 -8.835  1.00 81.61  ? 15  DC  B "C5'" 1 
ATOM   316 C  "C4'" . DC  B 2 4  ? -6.646  -13.360 -7.606  1.00 86.79  ? 15  DC  B "C4'" 1 
ATOM   317 O  "O4'" . DC  B 2 4  ? -5.801  -12.256 -8.001  1.00 85.67  ? 15  DC  B "O4'" 1 
ATOM   318 C  "C3'" . DC  B 2 4  ? -7.673  -12.785 -6.632  1.00 91.98  ? 15  DC  B "C3'" 1 
ATOM   319 O  "O3'" . DC  B 2 4  ? -7.600  -13.463 -5.388  1.00 97.10  ? 15  DC  B "O3'" 1 
ATOM   320 C  "C2'" . DC  B 2 4  ? -7.301  -11.301 -6.504  1.00 85.92  ? 15  DC  B "C2'" 1 
ATOM   321 C  "C1'" . DC  B 2 4  ? -5.874  -11.258 -7.020  1.00 77.71  ? 15  DC  B "C1'" 1 
ATOM   322 N  N1    . DC  B 2 4  ? -5.502  -9.953  -7.651  1.00 73.16  ? 15  DC  B N1    1 
ATOM   323 C  C2    . DC  B 2 4  ? -4.728  -9.029  -6.937  1.00 75.31  ? 15  DC  B C2    1 
ATOM   324 O  O2    . DC  B 2 4  ? -4.369  -9.306  -5.786  1.00 81.68  ? 15  DC  B O2    1 
ATOM   325 N  N3    . DC  B 2 4  ? -4.395  -7.854  -7.529  1.00 70.98  ? 15  DC  B N3    1 
ATOM   326 C  C4    . DC  B 2 4  ? -4.803  -7.594  -8.771  1.00 71.86  ? 15  DC  B C4    1 
ATOM   327 N  N4    . DC  B 2 4  ? -4.451  -6.425  -9.313  1.00 67.48  ? 15  DC  B N4    1 
ATOM   328 C  C5    . DC  B 2 4  ? -5.593  -8.521  -9.513  1.00 76.13  ? 15  DC  B C5    1 
ATOM   329 C  C6    . DC  B 2 4  ? -5.911  -9.677  -8.922  1.00 74.93  ? 15  DC  B C6    1 
ATOM   330 P  P     . DG  B 2 5  ? -8.803  -13.330 -4.333  1.00 112.57 ? 16  DG  B P     1 
ATOM   331 O  OP1   . DG  B 2 5  ? -8.925  -14.620 -3.618  1.00 111.59 ? 16  DG  B OP1   1 
ATOM   332 O  OP2   . DG  B 2 5  ? -9.973  -12.769 -5.045  1.00 96.01  ? 16  DG  B OP2   1 
ATOM   333 O  "O5'" . DG  B 2 5  ? -8.278  -12.230 -3.306  1.00 94.04  ? 16  DG  B "O5'" 1 
ATOM   334 C  "C5'" . DG  B 2 5  ? -7.075  -12.456 -2.595  1.00 94.97  ? 16  DG  B "C5'" 1 
ATOM   335 C  "C4'" . DG  B 2 5  ? -6.860  -11.383 -1.544  1.00 93.37  ? 16  DG  B "C4'" 1 
ATOM   336 O  "O4'" . DG  B 2 5  ? -6.284  -10.201 -2.155  1.00 95.84  ? 16  DG  B "O4'" 1 
ATOM   337 C  "C3'" . DG  B 2 5  ? -8.120  -10.922 -0.828  1.00 89.21  ? 16  DG  B "C3'" 1 
ATOM   338 O  "O3'" . DG  B 2 5  ? -7.833  -10.662 0.534   1.00 92.37  ? 16  DG  B "O3'" 1 
ATOM   339 C  "C2'" . DG  B 2 5  ? -8.513  -9.650  -1.581  1.00 88.74  ? 16  DG  B "C2'" 1 
ATOM   340 C  "C1'" . DG  B 2 5  ? -7.166  -9.102  -2.046  1.00 87.62  ? 16  DG  B "C1'" 1 
ATOM   341 N  N9    . DG  B 2 5  ? -7.237  -8.450  -3.353  1.00 78.60  ? 16  DG  B N9    1 
ATOM   342 C  C8    . DG  B 2 5  ? -7.887  -8.916  -4.465  1.00 80.75  ? 16  DG  B C8    1 
ATOM   343 N  N7    . DG  B 2 5  ? -7.780  -8.133  -5.502  1.00 75.60  ? 16  DG  B N7    1 
ATOM   344 C  C5    . DG  B 2 5  ? -7.011  -7.072  -5.046  1.00 73.84  ? 16  DG  B C5    1 
ATOM   345 C  C6    . DG  B 2 5  ? -6.569  -5.913  -5.725  1.00 77.76  ? 16  DG  B C6    1 
ATOM   346 O  O6    . DG  B 2 5  ? -6.778  -5.581  -6.903  1.00 93.26  ? 16  DG  B O6    1 
ATOM   347 N  N1    . DG  B 2 5  ? -5.813  -5.088  -4.896  1.00 72.06  ? 16  DG  B N1    1 
ATOM   348 C  C2    . DG  B 2 5  ? -5.520  -5.354  -3.579  1.00 76.82  ? 16  DG  B C2    1 
ATOM   349 N  N2    . DG  B 2 5  ? -4.774  -4.438  -2.942  1.00 74.01  ? 16  DG  B N2    1 
ATOM   350 N  N3    . DG  B 2 5  ? -5.928  -6.440  -2.930  1.00 80.05  ? 16  DG  B N3    1 
ATOM   351 C  C4    . DG  B 2 5  ? -6.667  -7.251  -3.723  1.00 72.98  ? 16  DG  B C4    1 
ATOM   352 P  P     . DA  B 2 6  ? -9.020  -10.295 1.548   1.00 108.14 ? 17  DA  B P     1 
ATOM   353 O  OP1   . DA  B 2 6  ? -8.728  -10.972 2.831   1.00 103.37 ? 17  DA  B OP1   1 
ATOM   354 O  OP2   . DA  B 2 6  ? -10.304 -10.564 0.861   1.00 104.62 ? 17  DA  B OP2   1 
ATOM   355 O  "O5'" . DA  B 2 6  ? -8.875  -8.712  1.736   1.00 93.93  ? 17  DA  B "O5'" 1 
ATOM   356 C  "C5'" . DA  B 2 6  ? -7.638  -8.170  2.172   1.00 87.88  ? 17  DA  B "C5'" 1 
ATOM   357 C  "C4'" . DA  B 2 6  ? -7.566  -6.678  1.898   1.00 89.64  ? 17  DA  B "C4'" 1 
ATOM   358 O  "O4'" . DA  B 2 6  ? -7.529  -6.433  0.471   1.00 87.31  ? 17  DA  B "O4'" 1 
ATOM   359 C  "C3'" . DA  B 2 6  ? -8.739  -5.858  2.440   1.00 87.03  ? 17  DA  B "C3'" 1 
ATOM   360 O  "O3'" . DA  B 2 6  ? -8.242  -4.801  3.238   1.00 85.21  ? 17  DA  B "O3'" 1 
ATOM   361 C  "C2'" . DA  B 2 6  ? -9.444  -5.334  1.180   1.00 84.96  ? 17  DA  B "C2'" 1 
ATOM   362 C  "C1'" . DA  B 2 6  ? -8.295  -5.289  0.191   1.00 79.42  ? 17  DA  B "C1'" 1 
ATOM   363 N  N9    . DA  B 2 6  ? -8.705  -5.341  -1.211  1.00 84.34  ? 17  DA  B N9    1 
ATOM   364 C  C8    . DA  B 2 6  ? -9.373  -6.354  -1.840  1.00 88.49  ? 17  DA  B C8    1 
ATOM   365 N  N7    . DA  B 2 6  ? -9.592  -6.133  -3.116  1.00 82.48  ? 17  DA  B N7    1 
ATOM   366 C  C5    . DA  B 2 6  ? -9.022  -4.891  -3.341  1.00 74.45  ? 17  DA  B C5    1 
ATOM   367 C  C6    . DA  B 2 6  ? -8.918  -4.088  -4.497  1.00 71.55  ? 17  DA  B C6    1 
ATOM   368 N  N6    . DA  B 2 6  ? -9.407  -4.447  -5.689  1.00 73.81  ? 17  DA  B N6    1 
ATOM   369 N  N1    . DA  B 2 6  ? -8.289  -2.903  -4.379  1.00 69.07  ? 17  DA  B N1    1 
ATOM   370 C  C2    . DA  B 2 6  ? -7.799  -2.549  -3.183  1.00 73.70  ? 17  DA  B C2    1 
ATOM   371 N  N3    . DA  B 2 6  ? -7.838  -3.216  -2.028  1.00 69.48  ? 17  DA  B N3    1 
ATOM   372 C  C4    . DA  B 2 6  ? -8.468  -4.390  -2.178  1.00 76.92  ? 17  DA  B C4    1 
ATOM   373 P  P     . DC  B 2 7  ? -9.240  -3.936  4.149   1.00 100.21 ? 18  DC  B P     1 
ATOM   374 O  OP1   . DC  B 2 7  ? -8.479  -3.538  5.354   1.00 95.90  ? 18  DC  B OP1   1 
ATOM   375 O  OP2   . DC  B 2 7  ? -10.502 -4.701  4.287   1.00 99.03  ? 18  DC  B OP2   1 
ATOM   376 O  "O5'" . DC  B 2 7  ? -9.538  -2.638  3.259   1.00 82.99  ? 18  DC  B "O5'" 1 
ATOM   377 C  "C5'" . DC  B 2 7  ? -8.476  -1.759  2.925   1.00 85.96  ? 18  DC  B "C5'" 1 
ATOM   378 C  "C4'" . DC  B 2 7  ? -8.906  -0.735  1.888   1.00 90.03  ? 18  DC  B "C4'" 1 
ATOM   379 O  "O4'" . DC  B 2 7  ? -9.135  -1.376  0.621   1.00 84.94  ? 18  DC  B "O4'" 1 
ATOM   380 C  "C3'" . DC  B 2 7  ? -10.199 0.019   2.202   1.00 95.96  ? 18  DC  B "C3'" 1 
ATOM   381 O  "O3'" . DC  B 2 7  ? -9.891  1.343   2.620   1.00 102.73 ? 18  DC  B "O3'" 1 
ATOM   382 C  "C2'" . DC  B 2 7  ? -10.984 0.010   0.871   1.00 94.32  ? 18  DC  B "C2'" 1 
ATOM   383 C  "C1'" . DC  B 2 7  ? -9.977  -0.546  -0.127  1.00 83.18  ? 18  DC  B "C1'" 1 
ATOM   384 N  N1    . DC  B 2 7  ? -10.583 -1.358  -1.226  1.00 74.81  ? 18  DC  B N1    1 
ATOM   385 C  C2    . DC  B 2 7  ? -10.555 -0.876  -2.542  1.00 73.17  ? 18  DC  B C2    1 
ATOM   386 O  O2    . DC  B 2 7  ? -10.037 0.224   -2.771  1.00 76.66  ? 18  DC  B O2    1 
ATOM   387 N  N3    . DC  B 2 7  ? -11.096 -1.632  -3.529  1.00 67.31  ? 18  DC  B N3    1 
ATOM   388 C  C4    . DC  B 2 7  ? -11.642 -2.812  -3.240  1.00 74.38  ? 18  DC  B C4    1 
ATOM   389 N  N4    . DC  B 2 7  ? -12.163 -3.521  -4.246  1.00 75.43  ? 18  DC  B N4    1 
ATOM   390 C  C5    . DC  B 2 7  ? -11.680 -3.322  -1.908  1.00 80.01  ? 18  DC  B C5    1 
ATOM   391 C  C6    . DC  B 2 7  ? -11.141 -2.568  -0.944  1.00 76.82  ? 18  DC  B C6    1 
ATOM   392 P  P     . DT  B 2 8  ? -11.066 2.382   2.967   1.00 113.77 ? 19  DT  B P     1 
ATOM   393 O  OP1   . DT  B 2 8  ? -10.504 3.381   3.902   1.00 111.82 ? 19  DT  B OP1   1 
ATOM   394 O  OP2   . DT  B 2 8  ? -12.265 1.602   3.349   1.00 104.87 ? 19  DT  B OP2   1 
ATOM   395 O  "O5'" . DT  B 2 8  ? -11.364 3.103   1.570   1.00 90.29  ? 19  DT  B "O5'" 1 
ATOM   396 C  "C5'" . DT  B 2 8  ? -10.295 3.666   0.830   1.00 91.14  ? 19  DT  B "C5'" 1 
ATOM   397 C  "C4'" . DT  B 2 8  ? -10.805 4.439   -0.375  1.00 99.06  ? 19  DT  B "C4'" 1 
ATOM   398 O  "O4'" . DT  B 2 8  ? -11.202 3.522   -1.429  1.00 93.71  ? 19  DT  B "O4'" 1 
ATOM   399 C  "C3'" . DT  B 2 8  ? -12.009 5.334   -0.118  1.00 102.78 ? 19  DT  B "C3'" 1 
ATOM   400 O  "O3'" . DT  B 2 8  ? -11.876 6.518   -0.884  1.00 110.52 ? 19  DT  B "O3'" 1 
ATOM   401 C  "C2'" . DT  B 2 8  ? -13.180 4.478   -0.604  1.00 100.84 ? 19  DT  B "C2'" 1 
ATOM   402 C  "C1'" . DT  B 2 8  ? -12.552 3.744   -1.782  1.00 97.86  ? 19  DT  B "C1'" 1 
ATOM   403 N  N1    . DT  B 2 8  ? -13.169 2.410   -2.073  1.00 88.42  ? 19  DT  B N1    1 
ATOM   404 C  C2    . DT  B 2 8  ? -13.411 2.050   -3.379  1.00 83.84  ? 19  DT  B C2    1 
ATOM   405 O  O2    . DT  B 2 8  ? -13.168 2.773   -4.329  1.00 86.15  ? 19  DT  B O2    1 
ATOM   406 N  N3    . DT  B 2 8  ? -13.955 0.802   -3.537  1.00 75.22  ? 19  DT  B N3    1 
ATOM   407 C  C4    . DT  B 2 8  ? -14.272 -0.105  -2.543  1.00 75.37  ? 19  DT  B C4    1 
ATOM   408 O  O4    . DT  B 2 8  ? -14.760 -1.203  -2.788  1.00 72.81  ? 19  DT  B O4    1 
ATOM   409 C  C5    . DT  B 2 8  ? -13.991 0.332   -1.196  1.00 78.98  ? 19  DT  B C5    1 
ATOM   410 C  C7    . DT  B 2 8  ? -14.297 -0.569  -0.035  1.00 76.44  ? 19  DT  B C7    1 
ATOM   411 C  C6    . DT  B 2 8  ? -13.456 1.554   -1.028  1.00 79.04  ? 19  DT  B C6    1 
ATOM   412 P  P     . DC  B 2 9  ? -12.925 7.717   -0.715  1.00 115.65 ? 20  DC  B P     1 
ATOM   413 O  OP1   . DC  B 2 9  ? -12.180 8.985   -0.888  1.00 108.36 ? 20  DC  B OP1   1 
ATOM   414 O  OP2   . DC  B 2 9  ? -13.681 7.471   0.533   1.00 116.59 ? 20  DC  B OP2   1 
ATOM   415 O  "O5'" . DC  B 2 9  ? -13.922 7.524   -1.950  1.00 105.12 ? 20  DC  B "O5'" 1 
ATOM   416 C  "C5'" . DC  B 2 9  ? -13.410 7.521   -3.279  1.00 102.06 ? 20  DC  B "C5'" 1 
ATOM   417 C  "C4'" . DC  B 2 9  ? -14.531 7.362   -4.290  1.00 106.19 ? 20  DC  B "C4'" 1 
ATOM   418 O  "O4'" . DC  B 2 9  ? -14.901 5.962   -4.392  1.00 110.32 ? 20  DC  B "O4'" 1 
ATOM   419 C  "C3'" . DC  B 2 9  ? -15.815 8.121   -3.951  1.00 106.38 ? 20  DC  B "C3'" 1 
ATOM   420 O  "O3'" . DC  B 2 9  ? -16.332 8.750   -5.117  1.00 115.93 ? 20  DC  B "O3'" 1 
ATOM   421 C  "C2'" . DC  B 2 9  ? -16.749 7.023   -3.447  1.00 97.17  ? 20  DC  B "C2'" 1 
ATOM   422 C  "C1'" . DC  B 2 9  ? -16.297 5.836   -4.282  1.00 96.65  ? 20  DC  B "C1'" 1 
ATOM   423 N  N1    . DC  B 2 9  ? -16.606 4.517   -3.658  1.00 90.85  ? 20  DC  B N1    1 
ATOM   424 C  C2    . DC  B 2 9  ? -16.958 3.435   -4.472  1.00 88.57  ? 20  DC  B C2    1 
ATOM   425 O  O2    . DC  B 2 9  ? -17.004 3.592   -5.698  1.00 89.93  ? 20  DC  B O2    1 
ATOM   426 N  N3    . DC  B 2 9  ? -17.236 2.240   -3.892  1.00 84.81  ? 20  DC  B N3    1 
ATOM   427 C  C4    . DC  B 2 9  ? -17.175 2.112   -2.565  1.00 85.81  ? 20  DC  B C4    1 
ATOM   428 N  N4    . DC  B 2 9  ? -17.458 0.915   -2.039  1.00 82.67  ? 20  DC  B N4    1 
ATOM   429 C  C5    . DC  B 2 9  ? -16.819 3.204   -1.719  1.00 80.03  ? 20  DC  B C5    1 
ATOM   430 C  C6    . DC  B 2 9  ? -16.547 4.375   -2.302  1.00 86.89  ? 20  DC  B C6    1 
ATOM   431 P  P     . DT  C 3 1  ? 4.193   12.763  -11.793 1.00 151.75 ? 0   DT  C P     1 
ATOM   432 O  OP1   . DT  C 3 1  ? 3.625   13.913  -11.051 1.00 132.20 ? 0   DT  C OP1   1 
ATOM   433 O  OP2   . DT  C 3 1  ? 5.104   13.003  -12.935 1.00 165.07 ? 0   DT  C OP2   1 
ATOM   434 O  "O5'" . DT  C 3 1  ? 4.938   11.780  -10.773 1.00 109.22 ? 0   DT  C "O5'" 1 
ATOM   435 C  "C5'" . DT  C 3 1  ? 4.242   10.682  -10.207 1.00 102.60 ? 0   DT  C "C5'" 1 
ATOM   436 C  "C4'" . DT  C 3 1  ? 4.525   9.406   -10.978 1.00 89.78  ? 0   DT  C "C4'" 1 
ATOM   437 O  "O4'" . DT  C 3 1  ? 5.955   9.162   -11.009 1.00 80.83  ? 0   DT  C "O4'" 1 
ATOM   438 C  "C3'" . DT  C 3 1  ? 3.886   8.152   -10.383 1.00 92.64  ? 0   DT  C "C3'" 1 
ATOM   439 O  "O3'" . DT  C 3 1  ? 3.248   7.395   -11.399 1.00 95.96  ? 0   DT  C "O3'" 1 
ATOM   440 C  "C2'" . DT  C 3 1  ? 5.064   7.397   -9.768  1.00 90.58  ? 0   DT  C "C2'" 1 
ATOM   441 C  "C1'" . DT  C 3 1  ? 6.214   7.822   -10.664 1.00 80.19  ? 0   DT  C "C1'" 1 
ATOM   442 N  N1    . DT  C 3 1  ? 7.549   7.760   -9.998  1.00 76.80  ? 0   DT  C N1    1 
ATOM   443 C  C2    . DT  C 3 1  ? 8.341   6.650   -10.180 1.00 74.32  ? 0   DT  C C2    1 
ATOM   444 O  O2    . DT  C 3 1  ? 8.009   5.695   -10.857 1.00 82.56  ? 0   DT  C O2    1 
ATOM   445 N  N3    . DT  C 3 1  ? 9.548   6.700   -9.534  1.00 69.84  ? 0   DT  C N3    1 
ATOM   446 C  C4    . DT  C 3 1  ? 10.029  7.730   -8.742  1.00 78.23  ? 0   DT  C C4    1 
ATOM   447 O  O4    . DT  C 3 1  ? 11.126  7.687   -8.201  1.00 76.97  ? 0   DT  C O4    1 
ATOM   448 C  C5    . DT  C 3 1  ? 9.149   8.862   -8.598  1.00 74.77  ? 0   DT  C C5    1 
ATOM   449 C  C7    . DT  C 3 1  ? 9.565   10.035  -7.761  1.00 67.84  ? 0   DT  C C7    1 
ATOM   450 C  C6    . DT  C 3 1  ? 7.966   8.823   -9.226  1.00 76.76  ? 0   DT  C C6    1 
ATOM   451 P  P     . DC  C 3 2  ? 2.381   6.099   -11.008 1.00 90.69  ? 1   DC  C P     1 
ATOM   452 O  OP1   . DC  C 3 2  ? 1.373   5.887   -12.069 1.00 100.63 ? 1   DC  C OP1   1 
ATOM   453 O  OP2   . DC  C 3 2  ? 1.949   6.253   -9.603  1.00 82.68  ? 1   DC  C OP2   1 
ATOM   454 O  "O5'" . DC  C 3 2  ? 3.442   4.902   -11.036 1.00 69.49  ? 1   DC  C "O5'" 1 
ATOM   455 C  "C5'" . DC  C 3 2  ? 3.132   3.665   -10.405 1.00 80.80  ? 1   DC  C "C5'" 1 
ATOM   456 C  "C4'" . DC  C 3 2  ? 4.394   2.874   -10.112 1.00 79.05  ? 1   DC  C "C4'" 1 
ATOM   457 O  "O4'" . DC  C 3 2  ? 5.435   3.757   -9.632  1.00 78.87  ? 1   DC  C "O4'" 1 
ATOM   458 C  "C3'" . DC  C 3 2  ? 4.234   1.793   -9.041  1.00 75.10  ? 1   DC  C "C3'" 1 
ATOM   459 O  "O3'" . DC  C 3 2  ? 4.482   0.516   -9.602  1.00 58.80  ? 1   DC  C "O3'" 1 
ATOM   460 C  "C2'" . DC  C 3 2  ? 5.268   2.162   -7.963  1.00 87.63  ? 1   DC  C "C2'" 1 
ATOM   461 C  "C1'" . DC  C 3 2  ? 6.236   3.041   -8.731  1.00 74.53  ? 1   DC  C "C1'" 1 
ATOM   462 N  N1    . DC  C 3 2  ? 7.005   4.023   -7.892  1.00 73.05  ? 1   DC  C N1    1 
ATOM   463 C  C2    . DC  C 3 2  ? 8.325   3.732   -7.513  1.00 78.00  ? 1   DC  C C2    1 
ATOM   464 O  O2    . DC  C 3 2  ? 8.826   2.650   -7.851  1.00 76.99  ? 1   DC  C O2    1 
ATOM   465 N  N3    . DC  C 3 2  ? 9.013   4.644   -6.779  1.00 78.55  ? 1   DC  C N3    1 
ATOM   466 C  C4    . DC  C 3 2  ? 8.438   5.799   -6.436  1.00 75.55  ? 1   DC  C C4    1 
ATOM   467 N  N4    . DC  C 3 2  ? 9.156   6.665   -5.712  1.00 71.10  ? 1   DC  C N4    1 
ATOM   468 C  C5    . DC  C 3 2  ? 7.101   6.117   -6.820  1.00 75.14  ? 1   DC  C C5    1 
ATOM   469 C  C6    . DC  C 3 2  ? 6.432   5.211   -7.541  1.00 74.51  ? 1   DC  C C6    1 
ATOM   470 P  P     . DT  C 3 3  ? 3.515   -0.708  -9.225  1.00 73.62  ? 2   DT  C P     1 
ATOM   471 O  OP1   . DT  C 3 3  ? 3.527   -1.675  -10.345 1.00 70.36  ? 2   DT  C OP1   1 
ATOM   472 O  OP2   . DT  C 3 3  ? 2.235   -0.112  -8.781  1.00 74.01  ? 2   DT  C OP2   1 
ATOM   473 O  "O5'" . DT  C 3 3  ? 4.231   -1.379  -7.964  1.00 74.67  ? 2   DT  C "O5'" 1 
ATOM   474 C  "C5'" . DT  C 3 3  ? 5.510   -1.969  -8.120  1.00 78.87  ? 2   DT  C "C5'" 1 
ATOM   475 C  "C4'" . DT  C 3 3  ? 6.238   -2.047  -6.795  1.00 71.21  ? 2   DT  C "C4'" 1 
ATOM   476 O  "O4'" . DT  C 3 3  ? 6.879   -0.792  -6.526  1.00 81.74  ? 2   DT  C "O4'" 1 
ATOM   477 C  "C3'" . DT  C 3 3  ? 5.350   -2.265  -5.589  1.00 66.01  ? 2   DT  C "C3'" 1 
ATOM   478 O  "O3'" . DT  C 3 3  ? 5.081   -3.670  -5.392  1.00 63.95  ? 2   DT  C "O3'" 1 
ATOM   479 C  "C2'" . DT  C 3 3  ? 6.174   -1.664  -4.442  1.00 63.20  ? 2   DT  C "C2'" 1 
ATOM   480 C  "C1'" . DT  C 3 3  ? 7.172   -0.740  -5.153  1.00 64.18  ? 2   DT  C "C1'" 1 
ATOM   481 N  N1    . DT  C 3 3  ? 7.105   0.673   -4.703  1.00 66.22  ? 2   DT  C N1    1 
ATOM   482 C  C2    . DT  C 3 3  ? 8.232   1.252   -4.175  1.00 67.93  ? 2   DT  C C2    1 
ATOM   483 O  O2    . DT  C 3 3  ? 9.287   0.659   -4.055  1.00 73.70  ? 2   DT  C O2    1 
ATOM   484 N  N3    . DT  C 3 3  ? 8.080   2.556   -3.796  1.00 65.68  ? 2   DT  C N3    1 
ATOM   485 C  C4    . DT  C 3 3  ? 6.932   3.321   -3.889  1.00 72.81  ? 2   DT  C C4    1 
ATOM   486 O  O4    . DT  C 3 3  ? 6.891   4.487   -3.520  1.00 71.87  ? 2   DT  C O4    1 
ATOM   487 C  C5    . DT  C 3 3  ? 5.783   2.650   -4.451  1.00 71.63  ? 2   DT  C C5    1 
ATOM   488 C  C7    . DT  C 3 3  ? 4.480   3.381   -4.601  1.00 63.99  ? 2   DT  C C7    1 
ATOM   489 C  C6    . DT  C 3 3  ? 5.921   1.370   -4.820  1.00 70.20  ? 2   DT  C C6    1 
ATOM   490 P  P     . DA  C 3 4  ? 6.248   -4.775  -5.457  1.00 70.40  ? 3   DA  C P     1 
ATOM   491 O  OP1   . DA  C 3 4  ? 7.353   -4.389  -4.557  1.00 80.88  ? 3   DA  C OP1   1 
ATOM   492 O  OP2   . DA  C 3 4  ? 6.522   -5.103  -6.873  1.00 77.31  ? 3   DA  C OP2   1 
ATOM   493 O  "O5'" . DA  C 3 4  ? 5.563   -6.078  -4.843  1.00 70.85  ? 3   DA  C "O5'" 1 
ATOM   494 C  "C5'" . DA  C 3 4  ? 4.810   -5.994  -3.643  1.00 75.45  ? 3   DA  C "C5'" 1 
ATOM   495 C  "C4'" . DA  C 3 4  ? 3.587   -6.886  -3.724  1.00 72.98  ? 3   DA  C "C4'" 1 
ATOM   496 O  "O4'" . DA  C 3 4  ? 2.510   -6.170  -4.358  1.00 63.41  ? 3   DA  C "O4'" 1 
ATOM   497 C  "C3'" . DA  C 3 4  ? 3.750   -8.123  -4.578  1.00 71.34  ? 3   DA  C "C3'" 1 
ATOM   498 O  "O3'" . DA  C 3 4  ? 4.387   -9.138  -3.840  1.00 68.96  ? 3   DA  C "O3'" 1 
ATOM   499 C  "C2'" . DA  C 3 4  ? 2.299   -8.480  -4.881  1.00 66.98  ? 3   DA  C "C2'" 1 
ATOM   500 C  "C1'" . DA  C 3 4  ? 1.640   -7.099  -4.980  1.00 66.36  ? 3   DA  C "C1'" 1 
ATOM   501 N  N9    . DA  C 3 4  ? 1.385   -6.656  -6.347  1.00 66.61  ? 3   DA  C N9    1 
ATOM   502 C  C8    . DA  C 3 4  ? 1.946   -5.585  -6.985  1.00 67.30  ? 3   DA  C C8    1 
ATOM   503 N  N7    . DA  C 3 4  ? 1.521   -5.419  -8.215  1.00 66.30  ? 3   DA  C N7    1 
ATOM   504 C  C5    . DA  C 3 4  ? 0.620   -6.453  -8.395  1.00 69.04  ? 3   DA  C C5    1 
ATOM   505 C  C6    . DA  C 3 4  ? -0.179  -6.835  -9.491  1.00 71.84  ? 3   DA  C C6    1 
ATOM   506 N  N6    . DA  C 3 4  ? -0.186  -6.182  -10.658 1.00 72.59  ? 3   DA  C N6    1 
ATOM   507 N  N1    . DA  C 3 4  ? -0.970  -7.918  -9.338  1.00 71.02  ? 3   DA  C N1    1 
ATOM   508 C  C2    . DA  C 3 4  ? -0.959  -8.568  -8.169  1.00 70.97  ? 3   DA  C C2    1 
ATOM   509 N  N3    . DA  C 3 4  ? -0.253  -8.304  -7.072  1.00 70.17  ? 3   DA  C N3    1 
ATOM   510 C  C4    . DA  C 3 4  ? 0.523   -7.225  -7.254  1.00 68.66  ? 3   DA  C C4    1 
ATOM   511 P  P     . DC  C 3 5  ? 5.555   -9.999  -4.518  1.00 76.61  ? 4   DC  C P     1 
ATOM   512 O  OP1   . DC  C 3 5  ? 6.465   -10.449 -3.443  1.00 89.83  ? 4   DC  C OP1   1 
ATOM   513 O  OP2   . DC  C 3 5  ? 6.078   -9.207  -5.652  1.00 76.79  ? 4   DC  C OP2   1 
ATOM   514 O  "O5'" . DC  C 3 5  ? 4.790   -11.257 -5.134  1.00 67.05  ? 4   DC  C "O5'" 1 
ATOM   515 C  "C5'" . DC  C 3 5  ? 3.873   -11.986 -4.333  1.00 72.60  ? 4   DC  C "C5'" 1 
ATOM   516 C  "C4'" . DC  C 3 5  ? 2.769   -12.574 -5.187  1.00 75.88  ? 4   DC  C "C4'" 1 
ATOM   517 O  "O4'" . DC  C 3 5  ? 2.050   -11.509 -5.838  1.00 79.11  ? 4   DC  C "O4'" 1 
ATOM   518 C  "C3'" . DC  C 3 5  ? 3.244   -13.458 -6.317  1.00 69.53  ? 4   DC  C "C3'" 1 
ATOM   519 O  "O3'" . DC  C 3 5  ? 3.424   -14.786 -5.835  1.00 78.46  ? 4   DC  C "O3'" 1 
ATOM   520 C  "C2'" . DC  C 3 5  ? 2.088   -13.370 -7.316  1.00 74.00  ? 4   DC  C "C2'" 1 
ATOM   521 C  "C1'" . DC  C 3 5  ? 1.494   -11.986 -7.049  1.00 74.81  ? 4   DC  C "C1'" 1 
ATOM   522 N  N1    . DC  C 3 5  ? 1.773   -10.992 -8.126  1.00 72.45  ? 4   DC  C N1    1 
ATOM   523 C  C2    . DC  C 3 5  ? 1.089   -11.074 -9.346  1.00 70.67  ? 4   DC  C C2    1 
ATOM   524 O  O2    . DC  C 3 5  ? 0.263   -11.980 -9.519  1.00 65.42  ? 4   DC  C O2    1 
ATOM   525 N  N3    . DC  C 3 5  ? 1.352   -10.154 -10.307 1.00 68.57  ? 4   DC  C N3    1 
ATOM   526 C  C4    . DC  C 3 5  ? 2.247   -9.191  -10.086 1.00 65.51  ? 4   DC  C C4    1 
ATOM   527 N  N4    . DC  C 3 5  ? 2.473   -8.309  -11.065 1.00 63.48  ? 4   DC  C N4    1 
ATOM   528 C  C5    . DC  C 3 5  ? 2.952   -9.091  -8.850  1.00 68.71  ? 4   DC  C C5    1 
ATOM   529 C  C6    . DC  C 3 5  ? 2.687   -10.002 -7.910  1.00 70.51  ? 4   DC  C C6    1 
ATOM   530 P  P     . DG  C 3 6  ? 3.638   -16.005 -6.858  1.00 94.38  ? 5   DG  C P     1 
ATOM   531 O  OP1   . DG  C 3 6  ? 4.168   -17.144 -6.074  1.00 110.56 ? 5   DG  C OP1   1 
ATOM   532 O  OP2   . DG  C 3 6  ? 4.412   -15.481 -8.006  1.00 93.55  ? 5   DG  C OP2   1 
ATOM   533 O  "O5'" . DG  C 3 6  ? 2.153   -16.355 -7.347  1.00 91.45  ? 5   DG  C "O5'" 1 
ATOM   534 C  "C5'" . DG  C 3 6  ? 1.894   -17.541 -8.072  1.00 102.10 ? 5   DG  C "C5'" 1 
ATOM   535 C  "C4'" . DG  C 3 6  ? 2.009   -17.310 -9.569  1.00 106.41 ? 5   DG  C "C4'" 1 
ATOM   536 O  "O4'" . DG  C 3 6  ? 1.752   -15.929 -9.890  1.00 85.28  ? 5   DG  C "O4'" 1 
ATOM   537 C  "C3'" . DG  C 3 6  ? 3.385   -17.561 -10.148 1.00 114.46 ? 5   DG  C "C3'" 1 
ATOM   538 O  "O3'" . DG  C 3 6  ? 3.546   -18.943 -10.440 1.00 135.96 ? 5   DG  C "O3'" 1 
ATOM   539 C  "C2'" . DG  C 3 6  ? 3.383   -16.708 -11.426 1.00 102.38 ? 5   DG  C "C2'" 1 
ATOM   540 C  "C1'" . DG  C 3 6  ? 2.252   -15.693 -11.189 1.00 77.23  ? 5   DG  C "C1'" 1 
ATOM   541 N  N9    . DG  C 3 6  ? 2.689   -14.300 -11.304 1.00 79.96  ? 5   DG  C N9    1 
ATOM   542 C  C8    . DG  C 3 6  ? 3.447   -13.585 -10.406 1.00 79.73  ? 5   DG  C C8    1 
ATOM   543 N  N7    . DG  C 3 6  ? 3.689   -12.361 -10.790 1.00 74.65  ? 5   DG  C N7    1 
ATOM   544 C  C5    . DG  C 3 6  ? 3.060   -12.261 -12.025 1.00 68.36  ? 5   DG  C C5    1 
ATOM   545 C  C6    . DG  C 3 6  ? 2.977   -11.167 -12.922 1.00 71.10  ? 5   DG  C C6    1 
ATOM   546 O  O6    . DG  C 3 6  ? 3.461   -10.033 -12.801 1.00 78.25  ? 5   DG  C O6    1 
ATOM   547 N  N1    . DG  C 3 6  ? 2.244   -11.491 -14.061 1.00 65.15  ? 5   DG  C N1    1 
ATOM   548 C  C2    . DG  C 3 6  ? 1.666   -12.714 -14.303 1.00 70.05  ? 5   DG  C C2    1 
ATOM   549 N  N2    . DG  C 3 6  ? 0.996   -12.835 -15.457 1.00 76.39  ? 5   DG  C N2    1 
ATOM   550 N  N3    . DG  C 3 6  ? 1.734   -13.745 -13.469 1.00 69.77  ? 5   DG  C N3    1 
ATOM   551 C  C4    . DG  C 3 6  ? 2.444   -13.447 -12.355 1.00 71.70  ? 5   DG  C C4    1 
ATOM   552 O  "O5'" . DT  D 4 1  ? -24.921 -5.335  0.903   1.00 112.55 ? 2   DT  D "O5'" 1 
ATOM   553 C  "C5'" . DT  D 4 1  ? -25.539 -6.261  0.015   1.00 109.93 ? 2   DT  D "C5'" 1 
ATOM   554 C  "C4'" . DT  D 4 1  ? -26.107 -5.544  -1.194  1.00 107.06 ? 2   DT  D "C4'" 1 
ATOM   555 O  "O4'" . DT  D 4 1  ? -26.332 -4.162  -0.858  1.00 108.93 ? 2   DT  D "O4'" 1 
ATOM   556 C  "C3'" . DT  D 4 1  ? -25.188 -5.495  -2.399  1.00 110.06 ? 2   DT  D "C3'" 1 
ATOM   557 O  "O3'" . DT  D 4 1  ? -25.357 -6.670  -3.183  1.00 113.10 ? 2   DT  D "O3'" 1 
ATOM   558 C  "C2'" . DT  D 4 1  ? -25.684 -4.255  -3.146  1.00 103.85 ? 2   DT  D "C2'" 1 
ATOM   559 C  "C1'" . DT  D 4 1  ? -26.258 -3.375  -2.029  1.00 106.59 ? 2   DT  D "C1'" 1 
ATOM   560 N  N1    . DT  D 4 1  ? -25.466 -2.132  -1.728  1.00 107.00 ? 2   DT  D N1    1 
ATOM   561 C  C2    . DT  D 4 1  ? -25.387 -1.132  -2.673  1.00 106.13 ? 2   DT  D C2    1 
ATOM   562 O  O2    . DT  D 4 1  ? -25.909 -1.208  -3.771  1.00 105.25 ? 2   DT  D O2    1 
ATOM   563 N  N3    . DT  D 4 1  ? -24.660 -0.036  -2.287  1.00 103.88 ? 2   DT  D N3    1 
ATOM   564 C  C4    . DT  D 4 1  ? -24.024 0.161   -1.074  1.00 102.55 ? 2   DT  D C4    1 
ATOM   565 O  O4    . DT  D 4 1  ? -23.397 1.182   -0.822  1.00 99.52  ? 2   DT  D O4    1 
ATOM   566 C  C5    . DT  D 4 1  ? -24.156 -0.918  -0.125  1.00 103.46 ? 2   DT  D C5    1 
ATOM   567 C  C7    . DT  D 4 1  ? -23.509 -0.818  1.225   1.00 103.48 ? 2   DT  D C7    1 
ATOM   568 C  C6    . DT  D 4 1  ? -24.865 -1.997  -0.492  1.00 105.59 ? 2   DT  D C6    1 
ATOM   569 P  P     . DC  D 4 2  ? -24.147 -7.713  -3.358  1.00 131.38 ? 3   DC  D P     1 
ATOM   570 O  OP1   . DC  D 4 2  ? -24.748 -9.027  -3.679  1.00 125.93 ? 3   DC  D OP1   1 
ATOM   571 O  OP2   . DC  D 4 2  ? -23.254 -7.573  -2.187  1.00 125.76 ? 3   DC  D OP2   1 
ATOM   572 O  "O5'" . DC  D 4 2  ? -23.374 -7.202  -4.664  1.00 124.58 ? 3   DC  D "O5'" 1 
ATOM   573 C  "C5'" . DC  D 4 2  ? -23.866 -7.533  -5.962  1.00 130.08 ? 3   DC  D "C5'" 1 
ATOM   574 C  "C4'" . DC  D 4 2  ? -24.003 -6.284  -6.812  1.00 126.81 ? 3   DC  D "C4'" 1 
ATOM   575 O  "O4'" . DC  D 4 2  ? -24.144 -5.150  -5.939  1.00 116.39 ? 3   DC  D "O4'" 1 
ATOM   576 C  "C3'" . DC  D 4 2  ? -22.801 -5.972  -7.693  1.00 129.25 ? 3   DC  D "C3'" 1 
ATOM   577 O  "O3'" . DC  D 4 2  ? -23.003 -6.521  -8.994  1.00 139.71 ? 3   DC  D "O3'" 1 
ATOM   578 C  "C2'" . DC  D 4 2  ? -22.763 -4.441  -7.742  1.00 120.23 ? 3   DC  D "C2'" 1 
ATOM   579 C  "C1'" . DC  D 4 2  ? -23.627 -3.998  -6.558  1.00 113.99 ? 3   DC  D "C1'" 1 
ATOM   580 N  N1    . DC  D 4 2  ? -22.908 -3.191  -5.516  1.00 106.51 ? 3   DC  D N1    1 
ATOM   581 C  C2    . DC  D 4 2  ? -22.514 -1.876  -5.794  1.00 101.75 ? 3   DC  D C2    1 
ATOM   582 O  O2    . DC  D 4 2  ? -22.737 -1.400  -6.914  1.00 99.00  ? 3   DC  D O2    1 
ATOM   583 N  N3    . DC  D 4 2  ? -21.887 -1.162  -4.824  1.00 96.41  ? 3   DC  D N3    1 
ATOM   584 C  C4    . DC  D 4 2  ? -21.664 -1.711  -3.626  1.00 97.05  ? 3   DC  D C4    1 
ATOM   585 N  N4    . DC  D 4 2  ? -21.043 -0.970  -2.703  1.00 92.97  ? 3   DC  D N4    1 
ATOM   586 C  C5    . DC  D 4 2  ? -22.067 -3.044  -3.325  1.00 96.75  ? 3   DC  D C5    1 
ATOM   587 C  C6    . DC  D 4 2  ? -22.675 -3.738  -4.288  1.00 101.22 ? 3   DC  D C6    1 
ATOM   588 P  P     . DG  D 4 3  ? -21.750 -6.847  -9.946  1.00 169.40 ? 4   DG  D P     1 
ATOM   589 O  OP1   . DG  D 4 3  ? -22.272 -7.554  -11.138 1.00 202.02 ? 4   DG  D OP1   1 
ATOM   590 O  OP2   . DG  D 4 3  ? -20.702 -7.480  -9.116  1.00 169.85 ? 4   DG  D OP2   1 
ATOM   591 O  "O5'" . DG  D 4 3  ? -21.213 -5.407  -10.396 1.00 147.86 ? 4   DG  D "O5'" 1 
ATOM   592 C  "C5'" . DG  D 4 3  ? -22.020 -4.571  -11.222 1.00 142.27 ? 4   DG  D "C5'" 1 
ATOM   593 C  "C4'" . DG  D 4 3  ? -21.399 -3.192  -11.381 1.00 138.70 ? 4   DG  D "C4'" 1 
ATOM   594 O  "O4'" . DG  D 4 3  ? -21.290 -2.548  -10.082 1.00 127.09 ? 4   DG  D "O4'" 1 
ATOM   595 C  "C3'" . DG  D 4 3  ? -19.993 -3.173  -11.983 1.00 132.94 ? 4   DG  D "C3'" 1 
ATOM   596 O  "O3'" . DG  D 4 3  ? -19.883 -2.103  -12.914 1.00 139.39 ? 4   DG  D "O3'" 1 
ATOM   597 C  "C2'" . DG  D 4 3  ? -19.095 -2.951  -10.765 1.00 118.71 ? 4   DG  D "C2'" 1 
ATOM   598 C  "C1'" . DG  D 4 3  ? -19.976 -2.068  -9.899  1.00 109.83 ? 4   DG  D "C1'" 1 
ATOM   599 N  N9    . DG  D 4 3  ? -19.658 -2.134  -8.473  1.00 96.76  ? 4   DG  D N9    1 
ATOM   600 C  C8    . DG  D 4 3  ? -19.825 -3.210  -7.641  1.00 101.49 ? 4   DG  D C8    1 
ATOM   601 N  N7    . DG  D 4 3  ? -19.471 -2.980  -6.409  1.00 89.95  ? 4   DG  D N7    1 
ATOM   602 C  C5    . DG  D 4 3  ? -19.033 -1.664  -6.424  1.00 85.20  ? 4   DG  D C5    1 
ATOM   603 C  C6    . DG  D 4 3  ? -18.525 -0.865  -5.374  1.00 82.24  ? 4   DG  D C6    1 
ATOM   604 O  O6    . DG  D 4 3  ? -18.356 -1.176  -4.186  1.00 80.01  ? 4   DG  D O6    1 
ATOM   605 N  N1    . DG  D 4 3  ? -18.196 0.415   -5.814  1.00 76.60  ? 4   DG  D N1    1 
ATOM   606 C  C2    . DG  D 4 3  ? -18.339 0.862   -7.108  1.00 81.37  ? 4   DG  D C2    1 
ATOM   607 N  N2    . DG  D 4 3  ? -17.971 2.130   -7.343  1.00 76.08  ? 4   DG  D N2    1 
ATOM   608 N  N3    . DG  D 4 3  ? -18.818 0.123   -8.101  1.00 83.22  ? 4   DG  D N3    1 
ATOM   609 C  C4    . DG  D 4 3  ? -19.142 -1.126  -7.688  1.00 86.66  ? 4   DG  D C4    1 
ATOM   610 P  P     . DA  D 4 4  ? -18.754 -2.132  -14.059 1.00 143.41 ? 5   DA  D P     1 
ATOM   611 O  OP1   . DA  D 4 4  ? -19.437 -2.349  -15.354 1.00 137.46 ? 5   DA  D OP1   1 
ATOM   612 O  OP2   . DA  D 4 4  ? -17.686 -3.063  -13.630 1.00 133.70 ? 5   DA  D OP2   1 
ATOM   613 O  "O5'" . DA  D 4 4  ? -18.154 -0.649  -14.035 1.00 134.17 ? 5   DA  D "O5'" 1 
ATOM   614 C  "C5'" . DA  D 4 4  ? -18.247 0.129   -12.848 1.00 129.54 ? 5   DA  D "C5'" 1 
ATOM   615 C  "C4'" . DA  D 4 4  ? -16.906 0.744   -12.493 1.00 119.52 ? 5   DA  D "C4'" 1 
ATOM   616 O  "O4'" . DA  D 4 4  ? -16.675 0.592   -11.065 1.00 108.65 ? 5   DA  D "O4'" 1 
ATOM   617 C  "C3'" . DA  D 4 4  ? -15.694 0.107   -13.175 1.00 111.02 ? 5   DA  D "C3'" 1 
ATOM   618 O  "O3'" . DA  D 4 4  ? -14.704 1.099   -13.410 1.00 108.74 ? 5   DA  D "O3'" 1 
ATOM   619 C  "C2'" . DA  D 4 4  ? -15.227 -0.892  -12.127 1.00 95.93  ? 5   DA  D "C2'" 1 
ATOM   620 C  "C1'" . DA  D 4 4  ? -15.452 -0.078  -10.866 1.00 88.38  ? 5   DA  D "C1'" 1 
ATOM   621 N  N9    . DA  D 4 4  ? -15.539 -0.879  -9.649  1.00 77.96  ? 5   DA  D N9    1 
ATOM   622 C  C8    . DA  D 4 4  ? -15.945 -2.181  -9.539  1.00 81.40  ? 5   DA  D C8    1 
ATOM   623 N  N7    . DA  D 4 4  ? -15.912 -2.642  -8.309  1.00 76.77  ? 5   DA  D N7    1 
ATOM   624 C  C5    . DA  D 4 4  ? -15.448 -1.569  -7.566  1.00 71.17  ? 5   DA  D C5    1 
ATOM   625 C  C6    . DA  D 4 4  ? -15.189 -1.406  -6.190  1.00 73.90  ? 5   DA  D C6    1 
ATOM   626 N  N6    . DA  D 4 4  ? -15.370 -2.375  -5.287  1.00 74.65  ? 5   DA  D N6    1 
ATOM   627 N  N1    . DA  D 4 4  ? -14.734 -0.204  -5.778  1.00 74.76  ? 5   DA  D N1    1 
ATOM   628 C  C2    . DA  D 4 4  ? -14.553 0.764   -6.684  1.00 70.70  ? 5   DA  D C2    1 
ATOM   629 N  N3    . DA  D 4 4  ? -14.762 0.729   -7.998  1.00 68.91  ? 5   DA  D N3    1 
ATOM   630 C  C4    . DA  D 4 4  ? -15.213 -0.476  -8.378  1.00 72.36  ? 5   DA  D C4    1 
ATOM   631 P  P     . DG  D 4 5  ? -13.775 1.028   -14.720 1.00 121.36 ? 6   DG  D P     1 
ATOM   632 O  OP1   . DG  D 4 5  ? -14.647 1.272   -15.891 1.00 123.97 ? 6   DG  D OP1   1 
ATOM   633 O  OP2   . DG  D 4 5  ? -12.992 -0.225  -14.651 1.00 113.13 ? 6   DG  D OP2   1 
ATOM   634 O  "O5'" . DG  D 4 5  ? -12.769 2.266   -14.544 1.00 108.55 ? 6   DG  D "O5'" 1 
ATOM   635 C  "C5'" . DG  D 4 5  ? -11.437 2.057   -14.057 1.00 104.98 ? 6   DG  D "C5'" 1 
ATOM   636 C  "C4'" . DG  D 4 5  ? -11.287 2.561   -12.630 1.00 101.00 ? 6   DG  D "C4'" 1 
ATOM   637 O  "O4'" . DG  D 4 5  ? -11.970 1.669   -11.731 1.00 94.12  ? 6   DG  D "O4'" 1 
ATOM   638 C  "C3'" . DG  D 4 5  ? -9.844  2.639   -12.125 1.00 97.12  ? 6   DG  D "C3'" 1 
ATOM   639 O  "O3'" . DG  D 4 5  ? -9.430  3.994   -12.029 1.00 99.75  ? 6   DG  D "O3'" 1 
ATOM   640 C  "C2'" . DG  D 4 5  ? -9.869  1.963   -10.744 1.00 89.14  ? 6   DG  D "C2'" 1 
ATOM   641 C  "C1'" . DG  D 4 5  ? -11.351 1.733   -10.476 1.00 81.95  ? 6   DG  D "C1'" 1 
ATOM   642 N  N9    . DG  D 4 5  ? -11.622 0.484   -9.776  1.00 70.95  ? 6   DG  D N9    1 
ATOM   643 C  C8    . DG  D 4 5  ? -12.121 -0.676  -10.317 1.00 79.46  ? 6   DG  D C8    1 
ATOM   644 N  N7    . DG  D 4 5  ? -12.262 -1.637  -9.448  1.00 75.86  ? 6   DG  D N7    1 
ATOM   645 C  C5    . DG  D 4 5  ? -11.824 -1.080  -8.254  1.00 66.93  ? 6   DG  D C5    1 
ATOM   646 C  C6    . DG  D 4 5  ? -11.744 -1.649  -6.961  1.00 68.13  ? 6   DG  D C6    1 
ATOM   647 O  O6    . DG  D 4 5  ? -12.053 -2.794  -6.606  1.00 70.27  ? 6   DG  D O6    1 
ATOM   648 N  N1    . DG  D 4 5  ? -11.244 -0.741  -6.031  1.00 68.25  ? 6   DG  D N1    1 
ATOM   649 C  C2    . DG  D 4 5  ? -10.870 0.552   -6.315  1.00 71.70  ? 6   DG  D C2    1 
ATOM   650 N  N2    . DG  D 4 5  ? -10.410 1.278   -5.286  1.00 71.08  ? 6   DG  D N2    1 
ATOM   651 N  N3    . DG  D 4 5  ? -10.942 1.097   -7.524  1.00 67.77  ? 6   DG  D N3    1 
ATOM   652 C  C4    . DG  D 4 5  ? -11.426 0.225   -8.440  1.00 66.29  ? 6   DG  D C4    1 
ATOM   653 P  P     . DT  D 4 6  ? -7.871  4.368   -12.137 1.00 113.36 ? 7   DT  D P     1 
ATOM   654 O  OP1   . DT  D 4 6  ? -7.789  5.834   -12.308 1.00 103.87 ? 7   DT  D OP1   1 
ATOM   655 O  OP2   . DT  D 4 6  ? -7.269  3.478   -13.155 1.00 118.55 ? 7   DT  D OP2   1 
ATOM   656 O  "O5'" . DT  D 4 6  ? -7.272  3.968   -10.703 1.00 93.38  ? 7   DT  D "O5'" 1 
ATOM   657 C  "C5'" . DT  D 4 6  ? -7.746  4.620   -9.529  1.00 82.02  ? 7   DT  D "C5'" 1 
ATOM   658 C  "C4'" . DT  D 4 6  ? -7.092  4.054   -8.278  1.00 81.52  ? 7   DT  D "C4'" 1 
ATOM   659 O  "O4'" . DT  D 4 6  ? -7.723  2.807   -7.906  1.00 82.30  ? 7   DT  D "O4'" 1 
ATOM   660 C  "C3'" . DT  D 4 6  ? -5.594  3.752   -8.398  1.00 74.87  ? 7   DT  D "C3'" 1 
ATOM   661 O  "O3'" . DT  D 4 6  ? -4.876  4.524   -7.456  1.00 78.65  ? 7   DT  D "O3'" 1 
ATOM   662 C  "C2'" . DT  D 4 6  ? -5.482  2.249   -8.091  1.00 71.11  ? 7   DT  D "C2'" 1 
ATOM   663 C  "C1'" . DT  D 4 6  ? -6.755  1.990   -7.306  1.00 65.79  ? 7   DT  D "C1'" 1 
ATOM   664 N  N1    . DT  D 4 6  ? -7.229  0.573   -7.352  1.00 59.14  ? 7   DT  D N1    1 
ATOM   665 C  C2    . DT  D 4 6  ? -7.164  -0.189  -6.209  1.00 63.45  ? 7   DT  D C2    1 
ATOM   666 O  O2    . DT  D 4 6  ? -6.724  0.228   -5.153  1.00 70.38  ? 7   DT  D O2    1 
ATOM   667 N  N3    . DT  D 4 6  ? -7.632  -1.469  -6.348  1.00 65.39  ? 7   DT  D N3    1 
ATOM   668 C  C4    . DT  D 4 6  ? -8.151  -2.045  -7.495  1.00 72.71  ? 7   DT  D C4    1 
ATOM   669 O  O4    . DT  D 4 6  ? -8.547  -3.202  -7.525  1.00 70.13  ? 7   DT  D O4    1 
ATOM   670 C  C5    . DT  D 4 6  ? -8.195  -1.187  -8.656  1.00 65.33  ? 7   DT  D C5    1 
ATOM   671 C  C7    . DT  D 4 6  ? -8.737  -1.703  -9.955  1.00 67.57  ? 7   DT  D C7    1 
ATOM   672 C  C6    . DT  D 4 6  ? -7.739  0.065   -8.529  1.00 63.91  ? 7   DT  D C6    1 
ATOM   673 P  P     . DC  D 4 7  ? -3.273  4.506   -7.461  1.00 80.43  ? 8   DC  D P     1 
ATOM   674 O  OP1   . DC  D 4 7  ? -2.810  5.828   -6.986  1.00 75.07  ? 8   DC  D OP1   1 
ATOM   675 O  OP2   . DC  D 4 7  ? -2.845  4.008   -8.788  1.00 82.08  ? 8   DC  D OP2   1 
ATOM   676 O  "O5'" . DC  D 4 7  ? -2.895  3.390   -6.376  1.00 71.15  ? 8   DC  D "O5'" 1 
ATOM   677 C  "C5'" . DC  D 4 7  ? -3.388  3.504   -5.045  1.00 62.43  ? 8   DC  D "C5'" 1 
ATOM   678 C  "C4'" . DC  D 4 7  ? -2.852  2.392   -4.156  1.00 70.16  ? 8   DC  D "C4'" 1 
ATOM   679 O  "O4'" . DC  D 4 7  ? -3.596  1.168   -4.384  1.00 71.25  ? 8   DC  D "O4'" 1 
ATOM   680 C  "C3'" . DC  D 4 7  ? -1.383  2.036   -4.359  1.00 71.60  ? 8   DC  D "C3'" 1 
ATOM   681 O  "O3'" . DC  D 4 7  ? -0.787  1.790   -3.099  1.00 72.51  ? 8   DC  D "O3'" 1 
ATOM   682 C  "C2'" . DC  D 4 7  ? -1.453  0.761   -5.203  1.00 72.55  ? 8   DC  D "C2'" 1 
ATOM   683 C  "C1'" . DC  D 4 7  ? -2.700  0.107   -4.636  1.00 64.43  ? 8   DC  D "C1'" 1 
ATOM   684 N  N1    . DC  D 4 7  ? -3.378  -0.842  -5.566  1.00 52.44  ? 8   DC  D N1    1 
ATOM   685 C  C2    . DC  D 4 7  ? -3.787  -2.099  -5.101  1.00 60.75  ? 8   DC  D C2    1 
ATOM   686 O  O2    . DC  D 4 7  ? -3.552  -2.414  -3.927  1.00 71.09  ? 8   DC  D O2    1 
ATOM   687 N  N3    . DC  D 4 7  ? -4.423  -2.939  -5.953  1.00 60.80  ? 8   DC  D N3    1 
ATOM   688 C  C4    . DC  D 4 7  ? -4.657  -2.561  -7.210  1.00 68.96  ? 8   DC  D C4    1 
ATOM   689 N  N4    . DC  D 4 7  ? -5.288  -3.422  -8.015  1.00 72.27  ? 8   DC  D N4    1 
ATOM   690 C  C5    . DC  D 4 7  ? -4.258  -1.284  -7.700  1.00 63.87  ? 8   DC  D C5    1 
ATOM   691 C  C6    . DC  D 4 7  ? -3.631  -0.465  -6.851  1.00 57.00  ? 8   DC  D C6    1 
ATOM   692 P  P     . DG  D 4 8  ? 0.803   1.908   -2.919  1.00 71.34  ? 9   DG  D P     1 
ATOM   693 O  OP1   . DG  D 4 8  ? 1.069   2.624   -1.651  1.00 66.15  ? 9   DG  D OP1   1 
ATOM   694 O  OP2   . DG  D 4 8  ? 1.335   2.429   -4.198  1.00 58.68  ? 9   DG  D OP2   1 
ATOM   695 O  "O5'" . DG  D 4 8  ? 1.283   0.390   -2.748  1.00 52.98  ? 9   DG  D "O5'" 1 
ATOM   696 C  "C5'" . DG  D 4 8  ? 0.957   -0.323  -1.565  1.00 56.33  ? 9   DG  D "C5'" 1 
ATOM   697 C  "C4'" . DG  D 4 8  ? 0.988   -1.817  -1.809  1.00 68.74  ? 9   DG  D "C4'" 1 
ATOM   698 O  "O4'" . DG  D 4 8  ? 0.046   -2.153  -2.850  1.00 63.35  ? 9   DG  D "O4'" 1 
ATOM   699 C  "C3'" . DG  D 4 8  ? 2.344   -2.366  -2.269  1.00 68.40  ? 9   DG  D "C3'" 1 
ATOM   700 O  "O3'" . DG  D 4 8  ? 2.886   -3.248  -1.283  1.00 65.12  ? 9   DG  D "O3'" 1 
ATOM   701 C  "C2'" . DG  D 4 8  ? 2.028   -3.113  -3.573  1.00 71.13  ? 9   DG  D "C2'" 1 
ATOM   702 C  "C1'" . DG  D 4 8  ? 0.518   -3.291  -3.507  1.00 61.62  ? 9   DG  D "C1'" 1 
ATOM   703 N  N9    . DG  D 4 8  ? -0.115  -3.367  -4.822  1.00 57.97  ? 9   DG  D N9    1 
ATOM   704 C  C8    . DG  D 4 8  ? -0.041  -2.433  -5.827  1.00 58.73  ? 9   DG  D C8    1 
ATOM   705 N  N7    . DG  D 4 8  ? -0.702  -2.769  -6.899  1.00 63.22  ? 9   DG  D N7    1 
ATOM   706 C  C5    . DG  D 4 8  ? -1.250  -4.005  -6.589  1.00 62.75  ? 9   DG  D C5    1 
ATOM   707 C  C6    . DG  D 4 8  ? -2.071  -4.857  -7.366  1.00 65.08  ? 9   DG  D C6    1 
ATOM   708 O  O6    . DG  D 4 8  ? -2.486  -4.678  -8.520  1.00 72.87  ? 9   DG  D O6    1 
ATOM   709 N  N1    . DG  D 4 8  ? -2.406  -6.016  -6.676  1.00 59.82  ? 9   DG  D N1    1 
ATOM   710 C  C2    . DG  D 4 8  ? -2.005  -6.317  -5.395  1.00 70.73  ? 9   DG  D C2    1 
ATOM   711 N  N2    . DG  D 4 8  ? -2.432  -7.488  -4.900  1.00 76.77  ? 9   DG  D N2    1 
ATOM   712 N  N3    . DG  D 4 8  ? -1.233  -5.526  -4.654  1.00 65.99  ? 9   DG  D N3    1 
ATOM   713 C  C4    . DG  D 4 8  ? -0.895  -4.391  -5.313  1.00 60.46  ? 9   DG  D C4    1 
ATOM   714 P  P     . DC  D 4 9  ? 3.837   -2.675  -0.122  1.00 72.67  ? 10  DC  D P     1 
ATOM   715 O  OP1   . DC  D 4 9  ? 3.155   -2.939  1.164   1.00 75.14  ? 10  DC  D OP1   1 
ATOM   716 O  OP2   . DC  D 4 9  ? 4.200   -1.293  -0.497  1.00 62.74  ? 10  DC  D OP2   1 
ATOM   717 O  "O5'" . DC  D 4 9  ? 5.163   -3.573  -0.201  1.00 75.83  ? 10  DC  D "O5'" 1 
ATOM   718 C  "C5'" . DC  D 4 9  ? 5.986   -3.545  -1.367  1.00 70.36  ? 10  DC  D "C5'" 1 
ATOM   719 C  "C4'" . DC  D 4 9  ? 7.330   -2.884  -1.085  1.00 70.97  ? 10  DC  D "C4'" 1 
ATOM   720 O  "O4'" . DC  D 4 9  ? 7.318   -1.544  -1.600  1.00 68.35  ? 10  DC  D "O4'" 1 
ATOM   721 C  "C3'" . DC  D 4 9  ? 7.688   -2.725  0.382   1.00 75.28  ? 10  DC  D "C3'" 1 
ATOM   722 O  "O3'" . DC  D 4 9  ? 8.373   -3.883  0.841   1.00 77.02  ? 10  DC  D "O3'" 1 
ATOM   723 C  "C2'" . DC  D 4 9  ? 8.610   -1.496  0.389   1.00 75.76  ? 10  DC  D "C2'" 1 
ATOM   724 C  "C1'" . DC  D 4 9  ? 8.301   -0.787  -0.935  1.00 58.08  ? 10  DC  D "C1'" 1 
ATOM   725 N  N1    . DC  D 4 9  ? 7.791   0.609   -0.781  1.00 62.54  ? 10  DC  D N1    1 
ATOM   726 C  C2    . DC  D 4 9  ? 8.687   1.650   -0.505  1.00 73.69  ? 10  DC  D C2    1 
ATOM   727 O  O2    . DC  D 4 9  ? 9.890   1.392   -0.374  1.00 80.86  ? 10  DC  D O2    1 
ATOM   728 N  N3    . DC  D 4 9  ? 8.206   2.913   -0.383  1.00 73.91  ? 10  DC  D N3    1 
ATOM   729 C  C4    . DC  D 4 9  ? 6.901   3.147   -0.532  1.00 72.29  ? 10  DC  D C4    1 
ATOM   730 N  N4    . DC  D 4 9  ? 6.473   4.407   -0.403  1.00 78.68  ? 10  DC  D N4    1 
ATOM   731 C  C5    . DC  D 4 9  ? 5.974   2.102   -0.819  1.00 63.70  ? 10  DC  D C5    1 
ATOM   732 C  C6    . DC  D 4 9  ? 6.460   0.862   -0.937  1.00 66.73  ? 10  DC  D C6    1 
ATOM   733 P  P     . DT  D 4 10 ? 8.454   -4.201  2.413   1.00 87.10  ? 11  DT  D P     1 
ATOM   734 O  OP1   . DT  D 4 10 ? 8.884   -5.609  2.555   1.00 71.84  ? 11  DT  D OP1   1 
ATOM   735 O  OP2   . DT  D 4 10 ? 7.189   -3.740  3.026   1.00 74.05  ? 11  DT  D OP2   1 
ATOM   736 O  "O5'" . DT  D 4 10 ? 9.625   -3.249  2.942   1.00 68.42  ? 11  DT  D "O5'" 1 
ATOM   737 C  "C5'" . DT  D 4 10 ? 10.962  -3.474  2.524   1.00 70.96  ? 11  DT  D "C5'" 1 
ATOM   738 C  "C4'" . DT  D 4 10 ? 11.873  -2.370  3.030   1.00 79.81  ? 11  DT  D "C4'" 1 
ATOM   739 O  "O4'" . DT  D 4 10 ? 11.315  -1.082  2.662   1.00 74.84  ? 11  DT  D "O4'" 1 
ATOM   740 C  "C3'" . DT  D 4 10 ? 12.072  -2.333  4.545   1.00 87.40  ? 11  DT  D "C3'" 1 
ATOM   741 O  "O3'" . DT  D 4 10 ? 13.434  -2.053  4.855   1.00 95.91  ? 11  DT  D "O3'" 1 
ATOM   742 C  "C2'" . DT  D 4 10 ? 11.150  -1.202  4.994   1.00 86.10  ? 11  DT  D "C2'" 1 
ATOM   743 C  "C1'" . DT  D 4 10 ? 11.206  -0.262  3.801   1.00 72.36  ? 11  DT  D "C1'" 1 
ATOM   744 N  N1    . DT  D 4 10 ? 9.985   0.566   3.653   1.00 66.91  ? 11  DT  D N1    1 
ATOM   745 C  C2    . DT  D 4 10 ? 10.080  1.930   3.773   1.00 77.51  ? 11  DT  D C2    1 
ATOM   746 O  O2    . DT  D 4 10 ? 11.128  2.507   3.999   1.00 80.75  ? 11  DT  D O2    1 
ATOM   747 N  N3    . DT  D 4 10 ? 8.897   2.599   3.617   1.00 74.92  ? 11  DT  D N3    1 
ATOM   748 C  C4    . DT  D 4 10 ? 7.655   2.045   3.358   1.00 75.72  ? 11  DT  D C4    1 
ATOM   749 O  O4    . DT  D 4 10 ? 6.646   2.726   3.235   1.00 75.85  ? 11  DT  D O4    1 
ATOM   750 C  C5    . DT  D 4 10 ? 7.630   0.607   3.244   1.00 67.66  ? 11  DT  D C5    1 
ATOM   751 C  C7    . DT  D 4 10 ? 6.341   -0.109  2.965   1.00 63.79  ? 11  DT  D C7    1 
ATOM   752 C  C6    . DT  D 4 10 ? 8.783   -0.054  3.398   1.00 64.96  ? 11  DT  D C6    1 
ATOM   753 P  P     . DG  D 4 11 ? 13.954  -2.154  6.372   1.00 97.13  ? 12  DG  D P     1 
ATOM   754 O  OP1   . DG  D 4 11 ? 15.393  -2.501  6.338   1.00 85.33  ? 12  DG  D OP1   1 
ATOM   755 O  OP2   . DG  D 4 11 ? 13.007  -3.028  7.101   1.00 99.93  ? 12  DG  D OP2   1 
ATOM   756 O  "O5'" . DG  D 4 11 ? 13.789  -0.664  6.937   1.00 82.63  ? 12  DG  D "O5'" 1 
ATOM   757 C  "C5'" . DG  D 4 11 ? 14.528  0.398   6.349   1.00 78.48  ? 12  DG  D "C5'" 1 
ATOM   758 C  "C4'" . DG  D 4 11 ? 14.127  1.743   6.937   1.00 88.39  ? 12  DG  D "C4'" 1 
ATOM   759 O  "O4'" . DG  D 4 11 ? 12.796  2.109   6.492   1.00 87.20  ? 12  DG  D "O4'" 1 
ATOM   760 C  "C3'" . DG  D 4 11 ? 14.097  1.812   8.468   1.00 106.38 ? 12  DG  D "C3'" 1 
ATOM   761 O  "O3'" . DG  D 4 11 ? 14.821  2.961   8.898   1.00 123.71 ? 12  DG  D "O3'" 1 
ATOM   762 C  "C2'" . DG  D 4 11 ? 12.602  1.937   8.788   1.00 100.34 ? 12  DG  D "C2'" 1 
ATOM   763 C  "C1'" . DG  D 4 11 ? 12.115  2.699   7.571   1.00 86.69  ? 12  DG  D "C1'" 1 
ATOM   764 N  N9    . DG  D 4 11 ? 10.680  2.596   7.321   1.00 85.93  ? 12  DG  D N9    1 
ATOM   765 C  C8    . DG  D 4 11 ? 9.963   1.451   7.069   1.00 85.79  ? 12  DG  D C8    1 
ATOM   766 N  N7    . DG  D 4 11 ? 8.694   1.669   6.860   1.00 83.43  ? 12  DG  D N7    1 
ATOM   767 C  C5    . DG  D 4 11 ? 8.560   3.047   6.969   1.00 81.01  ? 12  DG  D C5    1 
ATOM   768 C  C6    . DG  D 4 11 ? 7.409   3.862   6.839   1.00 82.14  ? 12  DG  D C6    1 
ATOM   769 O  O6    . DG  D 4 11 ? 6.245   3.514   6.595   1.00 84.76  ? 12  DG  D O6    1 
ATOM   770 N  N1    . DG  D 4 11 ? 7.708   5.209   7.025   1.00 82.47  ? 12  DG  D N1    1 
ATOM   771 C  C2    . DG  D 4 11 ? 8.960   5.705   7.304   1.00 86.80  ? 12  DG  D C2    1 
ATOM   772 N  N2    . DG  D 4 11 ? 9.051   7.035   7.448   1.00 87.13  ? 12  DG  D N2    1 
ATOM   773 N  N3    . DG  D 4 11 ? 10.049  4.952   7.426   1.00 79.04  ? 12  DG  D N3    1 
ATOM   774 C  C4    . DG  D 4 11 ? 9.774   3.636   7.248   1.00 82.10  ? 12  DG  D C4    1 
ATOM   775 P  P     . DT  D 4 12 ? 15.740  2.905   10.215  1.00 114.81 ? 13  DT  D P     1 
ATOM   776 O  OP1   . DT  D 4 12 ? 17.138  3.144   9.791   1.00 118.28 ? 13  DT  D OP1   1 
ATOM   777 O  OP2   . DT  D 4 12 ? 15.389  1.672   10.953  1.00 104.67 ? 13  DT  D OP2   1 
ATOM   778 O  "O5'" . DT  D 4 12 ? 15.248  4.158   11.079  1.00 111.13 ? 13  DT  D "O5'" 1 
ATOM   779 C  "C5'" . DT  D 4 12 ? 13.859  4.373   11.281  1.00 103.47 ? 13  DT  D "C5'" 1 
ATOM   780 C  "C4'" . DT  D 4 12 ? 13.535  5.856   11.286  1.00 109.06 ? 13  DT  D "C4'" 1 
ATOM   781 O  "O4'" . DT  D 4 12 ? 12.311  6.081   10.543  1.00 102.62 ? 13  DT  D "O4'" 1 
ATOM   782 C  "C3'" . DT  D 4 12 ? 13.264  6.448   12.657  1.00 122.44 ? 13  DT  D "C3'" 1 
ATOM   783 O  "O3'" . DT  D 4 12 ? 13.460  7.857   12.611  1.00 134.54 ? 13  DT  D "O3'" 1 
ATOM   784 C  "C2'" . DT  D 4 12 ? 11.793  6.101   12.844  1.00 121.03 ? 13  DT  D "C2'" 1 
ATOM   785 C  "C1'" . DT  D 4 12 ? 11.255  6.376   11.443  1.00 111.23 ? 13  DT  D "C1'" 1 
ATOM   786 N  N1    . DT  D 4 12 ? 10.080  5.539   11.062  1.00 102.56 ? 13  DT  D N1    1 
ATOM   787 C  C2    . DT  D 4 12 ? 8.888   6.155   10.757  1.00 99.03  ? 13  DT  D C2    1 
ATOM   788 O  O2    . DT  D 4 12 ? 8.729   7.362   10.799  1.00 104.54 ? 13  DT  D O2    1 
ATOM   789 N  N3    . DT  D 4 12 ? 7.877   5.300   10.404  1.00 95.14  ? 13  DT  D N3    1 
ATOM   790 C  C4    . DT  D 4 12 ? 7.939   3.922   10.322  1.00 94.50  ? 13  DT  D C4    1 
ATOM   791 O  O4    . DT  D 4 12 ? 6.973   3.241   9.995   1.00 93.27  ? 13  DT  D O4    1 
ATOM   792 C  C5    . DT  D 4 12 ? 9.222   3.340   10.647  1.00 94.95  ? 13  DT  D C5    1 
ATOM   793 C  C7    . DT  D 4 12 ? 9.411   1.853   10.594  1.00 89.04  ? 13  DT  D C7    1 
ATOM   794 C  C6    . DT  D 4 12 ? 10.219  4.169   10.994  1.00 100.10 ? 13  DT  D C6    1 
ATOM   795 P  P     . DC  D 4 13 ? 13.518  8.719   13.967  1.00 135.77 ? 14  DC  D P     1 
ATOM   796 O  OP1   . DC  D 4 13 ? 14.190  9.999   13.653  1.00 145.41 ? 14  DC  D OP1   1 
ATOM   797 O  OP2   . DC  D 4 13 ? 14.068  7.848   15.028  1.00 139.45 ? 14  DC  D OP2   1 
ATOM   798 O  "O5'" . DC  D 4 13 ? 11.981  9.012   14.306  1.00 130.46 ? 14  DC  D "O5'" 1 
ATOM   799 C  "C5'" . DC  D 4 13 ? 11.175  9.748   13.388  1.00 131.08 ? 14  DC  D "C5'" 1 
ATOM   800 C  "C4'" . DC  D 4 13 ? 9.791   9.995   13.963  1.00 145.58 ? 14  DC  D "C4'" 1 
ATOM   801 O  "O4'" . DC  D 4 13 ? 8.865   8.996   13.460  1.00 143.31 ? 14  DC  D "O4'" 1 
ATOM   802 C  "C3'" . DC  D 4 13 ? 9.706   9.925   15.489  1.00 156.89 ? 14  DC  D "C3'" 1 
ATOM   803 O  "O3'" . DC  D 4 13 ? 8.901   10.986  15.982  1.00 165.70 ? 14  DC  D "O3'" 1 
ATOM   804 C  "C2'" . DC  D 4 13 ? 9.054   8.566   15.740  1.00 154.19 ? 14  DC  D "C2'" 1 
ATOM   805 C  "C1'" . DC  D 4 13 ? 8.137   8.450   14.534  1.00 139.12 ? 14  DC  D "C1'" 1 
ATOM   806 N  N1    . DC  D 4 13 ? 7.768   7.044   14.189  1.00 122.68 ? 14  DC  D N1    1 
ATOM   807 C  C2    . DC  D 4 13 ? 6.500   6.772   13.665  1.00 116.79 ? 14  DC  D C2    1 
ATOM   808 O  O2    . DC  D 4 13 ? 5.706   7.705   13.493  1.00 113.61 ? 14  DC  D O2    1 
ATOM   809 N  N3    . DC  D 4 13 ? 6.179   5.491   13.355  1.00 110.66 ? 14  DC  D N3    1 
ATOM   810 C  C4    . DC  D 4 13 ? 7.065   4.512   13.554  1.00 117.06 ? 14  DC  D C4    1 
ATOM   811 N  N4    . DC  D 4 13 ? 6.702   3.266   13.234  1.00 115.77 ? 14  DC  D N4    1 
ATOM   812 C  C5    . DC  D 4 13 ? 8.361   4.769   14.090  1.00 115.47 ? 14  DC  D C5    1 
ATOM   813 C  C6    . DC  D 4 13 ? 8.666   6.037   14.392  1.00 118.03 ? 14  DC  D C6    1 
ATOM   814 P  P     . DG  D 4 14 ? 9.295   11.728  17.351  1.00 170.39 ? 15  DG  D P     1 
ATOM   815 O  OP1   . DG  D 4 14 ? 10.011  12.975  17.004  1.00 188.66 ? 15  DG  D OP1   1 
ATOM   816 O  OP2   . DG  D 4 14 ? 9.946   10.728  18.226  1.00 164.31 ? 15  DG  D OP2   1 
ATOM   817 O  "O5'" . DG  D 4 14 ? 7.884   12.140  17.982  1.00 165.06 ? 15  DG  D "O5'" 1 
ATOM   818 C  "C5'" . DG  D 4 14 ? 6.964   12.917  17.222  1.00 154.95 ? 15  DG  D "C5'" 1 
ATOM   819 C  "C4'" . DG  D 4 14 ? 5.568   12.329  17.312  1.00 152.44 ? 15  DG  D "C4'" 1 
ATOM   820 O  "O4'" . DG  D 4 14 ? 5.576   11.011  16.734  1.00 147.26 ? 15  DG  D "O4'" 1 
ATOM   821 C  "C3'" . DG  D 4 14 ? 5.046   12.156  18.736  1.00 148.51 ? 15  DG  D "C3'" 1 
ATOM   822 O  "O3'" . DG  D 4 14 ? 4.110   13.215  19.069  1.00 152.54 ? 15  DG  D "O3'" 1 
ATOM   823 C  "C2'" . DG  D 4 14 ? 4.415   10.754  18.768  1.00 141.06 ? 15  DG  D "C2'" 1 
ATOM   824 C  "C1'" . DG  D 4 14 ? 4.582   10.229  17.343  1.00 136.66 ? 15  DG  D "C1'" 1 
ATOM   825 N  N9    . DG  D 4 14 ? 5.010   8.837   17.294  1.00 126.26 ? 15  DG  D N9    1 
ATOM   826 C  C8    . DG  D 4 14 ? 6.216   8.331   17.713  1.00 129.77 ? 15  DG  D C8    1 
ATOM   827 N  N7    . DG  D 4 14 ? 6.325   7.043   17.549  1.00 123.88 ? 15  DG  D N7    1 
ATOM   828 C  C5    . DG  D 4 14 ? 5.111   6.668   16.986  1.00 118.90 ? 15  DG  D C5    1 
ATOM   829 C  C6    . DG  D 4 14 ? 4.649   5.391   16.587  1.00 112.12 ? 15  DG  D C6    1 
ATOM   830 O  O6    . DG  D 4 14 ? 5.241   4.305   16.657  1.00 110.23 ? 15  DG  D O6    1 
ATOM   831 N  N1    . DG  D 4 14 ? 3.361   5.450   16.063  1.00 103.37 ? 15  DG  D N1    1 
ATOM   832 C  C2    . DG  D 4 14 ? 2.613   6.598   15.940  1.00 108.14 ? 15  DG  D C2    1 
ATOM   833 N  N2    . DG  D 4 14 ? 1.389   6.458   15.410  1.00 106.48 ? 15  DG  D N2    1 
ATOM   834 N  N3    . DG  D 4 14 ? 3.036   7.802   16.310  1.00 110.99 ? 15  DG  D N3    1 
ATOM   835 C  C4    . DG  D 4 14 ? 4.289   7.761   16.823  1.00 118.40 ? 15  DG  D C4    1 
ATOM   836 P  P     . DT  D 4 15 ? 2.518   13.060  18.855  1.00 152.65 ? 16  DT  D P     1 
ATOM   837 O  OP1   . DT  D 4 15 ? 2.247   12.451  17.532  1.00 160.16 ? 16  DT  D OP1   1 
ATOM   838 O  OP2   . DT  D 4 15 ? 1.932   14.385  19.157  1.00 160.26 ? 16  DT  D OP2   1 
ATOM   839 O  "O5'" . DT  D 4 15 ? 2.053   12.076  20.031  1.00 146.42 ? 16  DT  D "O5'" 1 
ATOM   840 C  "C5'" . DT  D 4 15 ? 0.669   11.939  20.353  1.00 144.37 ? 16  DT  D "C5'" 1 
ATOM   841 C  "C4'" . DT  D 4 15 ? -0.041  11.042  19.351  1.00 138.22 ? 16  DT  D "C4'" 1 
ATOM   842 O  "O4'" . DT  D 4 15 ? 0.865   10.001  18.900  1.00 133.10 ? 16  DT  D "O4'" 1 
ATOM   843 C  "C3'" . DT  D 4 15 ? -1.277  10.323  19.894  1.00 130.53 ? 16  DT  D "C3'" 1 
ATOM   844 O  "O3'" . DT  D 4 15 ? -2.304  10.305  18.909  1.00 131.21 ? 16  DT  D "O3'" 1 
ATOM   845 C  "C2'" . DT  D 4 15 ? -0.756  8.918   20.185  1.00 118.31 ? 16  DT  D "C2'" 1 
ATOM   846 C  "C1'" . DT  D 4 15 ? 0.256   8.742   19.066  1.00 124.25 ? 16  DT  D "C1'" 1 
ATOM   847 N  N1    . DT  D 4 15 ? 1.316   7.738   19.362  1.00 117.53 ? 16  DT  D N1    1 
ATOM   848 C  C2    . DT  D 4 15 ? 1.109   6.424   19.020  1.00 118.14 ? 16  DT  D C2    1 
ATOM   849 O  O2    . DT  D 4 15 ? 0.087   6.026   18.488  1.00 128.28 ? 16  DT  D O2    1 
ATOM   850 N  N3    . DT  D 4 15 ? 2.145   5.584   19.327  1.00 114.17 ? 16  DT  D N3    1 
ATOM   851 C  C4    . DT  D 4 15 ? 3.345   5.922   19.926  1.00 113.37 ? 16  DT  D C4    1 
ATOM   852 O  O4    . DT  D 4 15 ? 4.216   5.091   20.162  1.00 114.15 ? 16  DT  D O4    1 
ATOM   853 C  C5    . DT  D 4 15 ? 3.499   7.318   20.258  1.00 110.08 ? 16  DT  D C5    1 
ATOM   854 C  C7    . DT  D 4 15 ? 4.758   7.803   20.913  1.00 108.42 ? 16  DT  D C7    1 
ATOM   855 C  C6    . DT  D 4 15 ? 2.490   8.148   19.963  1.00 110.89 ? 16  DT  D C6    1 
HETATM 856 AS AS    . CAC E 5 .  ? -0.724  -1.939  -11.382 1.00 192.35 ? 101 CAC C AS    1 
HETATM 857 AS AS    . CAC F 5 .  ? 7.418   -9.631  -10.686 1.00 291.63 ? 102 CAC C AS    1 
# 
loop_
_pdbx_poly_seq_scheme.asym_id 
_pdbx_poly_seq_scheme.entity_id 
_pdbx_poly_seq_scheme.seq_id 
_pdbx_poly_seq_scheme.mon_id 
_pdbx_poly_seq_scheme.ndb_seq_num 
_pdbx_poly_seq_scheme.pdb_seq_num 
_pdbx_poly_seq_scheme.auth_seq_num 
_pdbx_poly_seq_scheme.pdb_mon_id 
_pdbx_poly_seq_scheme.auth_mon_id 
_pdbx_poly_seq_scheme.pdb_strand_id 
_pdbx_poly_seq_scheme.pdb_ins_code 
_pdbx_poly_seq_scheme.hetero 
A 1 1  DG 1  1  1  DG DG A . n 
A 1 2  DA 2  2  2  DA DA A . n 
A 1 3  DA 3  3  3  DA DA A . n 
A 1 4  DC 4  4  4  DC DC A . n 
A 1 5  DG 5  5  5  DG DG A . n 
A 1 6  DA 6  6  6  DA DA A . n 
A 1 7  DC 7  7  7  DC DC A . n 
A 1 8  DA 8  8  8  DA DA A . n 
A 1 9  DG 9  9  9  DG DG A . n 
A 1 10 DA 10 10 10 DA DA A . n 
A 1 11 DG 11 11 11 DG DG A . n 
A 1 12 DA 12 12 12 DA DA A . n 
B 2 1  DC 1  12 12 DC DC B . n 
B 2 2  DG 2  13 13 DG DG B . n 
B 2 3  DT 3  14 14 DT DT B . n 
B 2 4  DC 4  15 15 DC DC B . n 
B 2 5  DG 5  16 16 DG DG B . n 
B 2 6  DA 6  17 17 DA DA B . n 
B 2 7  DC 7  18 18 DC DC B . n 
B 2 8  DT 8  19 19 DT DT B . n 
B 2 9  DC 9  20 20 DC DC B . n 
C 3 1  DT 1  0  0  DT DT C . n 
C 3 2  DC 2  1  1  DC DC C . n 
C 3 3  DT 3  2  2  DT DT C . n 
C 3 4  DA 4  3  3  DA DA C . n 
C 3 5  DC 5  4  4  DC DC C . n 
C 3 6  DG 6  5  5  DG DG C . n 
D 4 1  DT 1  2  2  DT DT D . n 
D 4 2  DC 2  3  3  DC DC D . n 
D 4 3  DG 3  4  4  DG DG D . n 
D 4 4  DA 4  5  5  DA DA D . n 
D 4 5  DG 5  6  6  DG DG D . n 
D 4 6  DT 6  7  7  DT DT D . n 
D 4 7  DC 7  8  8  DC DC D . n 
D 4 8  DG 8  9  9  DG DG D . n 
D 4 9  DC 9  10 10 DC DC D . n 
D 4 10 DT 10 11 11 DT DT D . n 
D 4 11 DG 11 12 12 DG DG D . n 
D 4 12 DT 12 13 13 DT DT D . n 
D 4 13 DC 13 14 14 DC DC D . n 
D 4 14 DG 14 15 15 DG DG D . n 
D 4 15 DT 15 16 16 DT DT D . n 
# 
loop_
_pdbx_nonpoly_scheme.asym_id 
_pdbx_nonpoly_scheme.entity_id 
_pdbx_nonpoly_scheme.mon_id 
_pdbx_nonpoly_scheme.ndb_seq_num 
_pdbx_nonpoly_scheme.pdb_seq_num 
_pdbx_nonpoly_scheme.auth_seq_num 
_pdbx_nonpoly_scheme.pdb_mon_id 
_pdbx_nonpoly_scheme.auth_mon_id 
_pdbx_nonpoly_scheme.pdb_strand_id 
_pdbx_nonpoly_scheme.pdb_ins_code 
E 5 CAC 1 101 1 CAC AS C . 
F 5 CAC 1 102 2 CAC AS C . 
# 
_pdbx_struct_assembly.id                   1 
_pdbx_struct_assembly.details              author_and_software_defined_assembly 
_pdbx_struct_assembly.method_details       PISA 
_pdbx_struct_assembly.oligomeric_details   tetrameric 
_pdbx_struct_assembly.oligomeric_count     4 
# 
_pdbx_struct_assembly_gen.assembly_id       1 
_pdbx_struct_assembly_gen.oper_expression   1 
_pdbx_struct_assembly_gen.asym_id_list      A,B,C,D,E,F 
# 
loop_
_pdbx_struct_assembly_prop.biol_id 
_pdbx_struct_assembly_prop.type 
_pdbx_struct_assembly_prop.value 
_pdbx_struct_assembly_prop.details 
1 'ABSA (A^2)' 2620 ? 
1 MORE         -14  ? 
1 'SSA (A^2)'  7900 ? 
# 
_pdbx_struct_oper_list.id                   1 
_pdbx_struct_oper_list.type                 'identity operation' 
_pdbx_struct_oper_list.name                 1_555 
_pdbx_struct_oper_list.symmetry_operation   x,y,z 
_pdbx_struct_oper_list.matrix[1][1]         1.0000000000 
_pdbx_struct_oper_list.matrix[1][2]         0.0000000000 
_pdbx_struct_oper_list.matrix[1][3]         0.0000000000 
_pdbx_struct_oper_list.vector[1]            0.0000000000 
_pdbx_struct_oper_list.matrix[2][1]         0.0000000000 
_pdbx_struct_oper_list.matrix[2][2]         1.0000000000 
_pdbx_struct_oper_list.matrix[2][3]         0.0000000000 
_pdbx_struct_oper_list.vector[2]            0.0000000000 
_pdbx_struct_oper_list.matrix[3][1]         0.0000000000 
_pdbx_struct_oper_list.matrix[3][2]         0.0000000000 
_pdbx_struct_oper_list.matrix[3][3]         1.0000000000 
_pdbx_struct_oper_list.vector[3]            0.0000000000 
# 
loop_
_pdbx_audit_revision_history.ordinal 
_pdbx_audit_revision_history.data_content_type 
_pdbx_audit_revision_history.major_revision 
_pdbx_audit_revision_history.minor_revision 
_pdbx_audit_revision_history.revision_date 
1 'Structure model' 1 0 2021-07-14 
2 'Structure model' 1 1 2022-07-06 
3 'Structure model' 1 2 2023-10-18 
# 
_pdbx_audit_revision_details.ordinal             1 
_pdbx_audit_revision_details.revision_ordinal    1 
_pdbx_audit_revision_details.data_content_type   'Structure model' 
_pdbx_audit_revision_details.provider            repository 
_pdbx_audit_revision_details.type                'Initial release' 
_pdbx_audit_revision_details.description         ? 
_pdbx_audit_revision_details.details             ? 
# 
loop_
_pdbx_audit_revision_group.ordinal 
_pdbx_audit_revision_group.revision_ordinal 
_pdbx_audit_revision_group.data_content_type 
_pdbx_audit_revision_group.group 
1 2 'Structure model' 'Database references'    
2 3 'Structure model' 'Data collection'        
3 3 'Structure model' 'Refinement description' 
# 
loop_
_pdbx_audit_revision_category.ordinal 
_pdbx_audit_revision_category.revision_ordinal 
_pdbx_audit_revision_category.data_content_type 
_pdbx_audit_revision_category.category 
1 2 'Structure model' citation                      
2 2 'Structure model' citation_author               
3 2 'Structure model' database_2                    
4 3 'Structure model' chem_comp_atom                
5 3 'Structure model' chem_comp_bond                
6 3 'Structure model' pdbx_initial_refinement_model 
# 
loop_
_pdbx_audit_revision_item.ordinal 
_pdbx_audit_revision_item.revision_ordinal 
_pdbx_audit_revision_item.data_content_type 
_pdbx_audit_revision_item.item 
1  2 'Structure model' '_citation.country'                   
2  2 'Structure model' '_citation.journal_abbrev'            
3  2 'Structure model' '_citation.journal_id_CSD'            
4  2 'Structure model' '_citation.journal_id_ISSN'           
5  2 'Structure model' '_citation.journal_volume'            
6  2 'Structure model' '_citation.page_first'                
7  2 'Structure model' '_citation.page_last'                 
8  2 'Structure model' '_citation.pdbx_database_id_DOI'      
9  2 'Structure model' '_citation.pdbx_database_id_PubMed'   
10 2 'Structure model' '_citation.title'                     
11 2 'Structure model' '_citation.year'                      
12 2 'Structure model' '_database_2.pdbx_DOI'                
13 2 'Structure model' '_database_2.pdbx_database_accession' 
# 
loop_
_software.citation_id 
_software.classification 
_software.compiler_name 
_software.compiler_version 
_software.contact_author 
_software.contact_author_email 
_software.date 
_software.description 
_software.dependencies 
_software.hardware 
_software.language 
_software.location 
_software.mods 
_software.name 
_software.os 
_software.os_version 
_software.type 
_software.version 
_software.pdbx_ordinal 
? 'data reduction'  ? ? ? ? ? ? ? ? ? ? ? HKL-2000    ? ? ? .           1 
? 'data scaling'    ? ? ? ? ? ? ? ? ? ? ? HKL-2000    ? ? ? .           2 
? refinement        ? ? ? ? ? ? ? ? ? ? ? PHENIX      ? ? ? 1.11.1_2575 3 
? 'data extraction' ? ? ? ? ? ? ? ? ? ? ? PDB_EXTRACT ? ? ? 3.25        4 
? phasing           ? ? ? ? ? ? ? ? ? ? ? PHASER      ? ? ? .           5 
# 
_pdbx_entry_details.entry_id                 7JJ2 
_pdbx_entry_details.has_ligand_of_interest   N 
_pdbx_entry_details.compound_details         ? 
_pdbx_entry_details.source_details           ? 
_pdbx_entry_details.nonpolymer_details       ? 
_pdbx_entry_details.sequence_details         ? 
# 
loop_
_pdbx_unobs_or_zero_occ_atoms.id 
_pdbx_unobs_or_zero_occ_atoms.PDB_model_num 
_pdbx_unobs_or_zero_occ_atoms.polymer_flag 
_pdbx_unobs_or_zero_occ_atoms.occupancy_flag 
_pdbx_unobs_or_zero_occ_atoms.auth_asym_id 
_pdbx_unobs_or_zero_occ_atoms.auth_comp_id 
_pdbx_unobs_or_zero_occ_atoms.auth_seq_id 
_pdbx_unobs_or_zero_occ_atoms.PDB_ins_code 
_pdbx_unobs_or_zero_occ_atoms.auth_atom_id 
_pdbx_unobs_or_zero_occ_atoms.label_alt_id 
_pdbx_unobs_or_zero_occ_atoms.label_asym_id 
_pdbx_unobs_or_zero_occ_atoms.label_comp_id 
_pdbx_unobs_or_zero_occ_atoms.label_seq_id 
_pdbx_unobs_or_zero_occ_atoms.label_atom_id 
1 1 N 1 C CAC 101 ? O1 ? E CAC 1 O1 
2 1 N 1 C CAC 101 ? O2 ? E CAC 1 O2 
3 1 N 1 C CAC 101 ? C1 ? E CAC 1 C1 
4 1 N 1 C CAC 101 ? C2 ? E CAC 1 C2 
5 1 N 1 C CAC 102 ? O1 ? F CAC 1 O1 
6 1 N 1 C CAC 102 ? O2 ? F CAC 1 O2 
7 1 N 1 C CAC 102 ? C1 ? F CAC 1 C1 
8 1 N 1 C CAC 102 ? C2 ? F CAC 1 C2 
# 
loop_
_chem_comp_atom.comp_id 
_chem_comp_atom.atom_id 
_chem_comp_atom.type_symbol 
_chem_comp_atom.pdbx_aromatic_flag 
_chem_comp_atom.pdbx_stereo_config 
_chem_comp_atom.pdbx_ordinal 
CAC AS     AS N N 1   
CAC O1     O  N N 2   
CAC O2     O  N N 3   
CAC C1     C  N N 4   
CAC C2     C  N N 5   
CAC H11    H  N N 6   
CAC H12    H  N N 7   
CAC H13    H  N N 8   
CAC H21    H  N N 9   
CAC H22    H  N N 10  
CAC H23    H  N N 11  
DA  OP3    O  N N 12  
DA  P      P  N N 13  
DA  OP1    O  N N 14  
DA  OP2    O  N N 15  
DA  "O5'"  O  N N 16  
DA  "C5'"  C  N N 17  
DA  "C4'"  C  N R 18  
DA  "O4'"  O  N N 19  
DA  "C3'"  C  N S 20  
DA  "O3'"  O  N N 21  
DA  "C2'"  C  N N 22  
DA  "C1'"  C  N R 23  
DA  N9     N  Y N 24  
DA  C8     C  Y N 25  
DA  N7     N  Y N 26  
DA  C5     C  Y N 27  
DA  C6     C  Y N 28  
DA  N6     N  N N 29  
DA  N1     N  Y N 30  
DA  C2     C  Y N 31  
DA  N3     N  Y N 32  
DA  C4     C  Y N 33  
DA  HOP3   H  N N 34  
DA  HOP2   H  N N 35  
DA  "H5'"  H  N N 36  
DA  "H5''" H  N N 37  
DA  "H4'"  H  N N 38  
DA  "H3'"  H  N N 39  
DA  "HO3'" H  N N 40  
DA  "H2'"  H  N N 41  
DA  "H2''" H  N N 42  
DA  "H1'"  H  N N 43  
DA  H8     H  N N 44  
DA  H61    H  N N 45  
DA  H62    H  N N 46  
DA  H2     H  N N 47  
DC  OP3    O  N N 48  
DC  P      P  N N 49  
DC  OP1    O  N N 50  
DC  OP2    O  N N 51  
DC  "O5'"  O  N N 52  
DC  "C5'"  C  N N 53  
DC  "C4'"  C  N R 54  
DC  "O4'"  O  N N 55  
DC  "C3'"  C  N S 56  
DC  "O3'"  O  N N 57  
DC  "C2'"  C  N N 58  
DC  "C1'"  C  N R 59  
DC  N1     N  N N 60  
DC  C2     C  N N 61  
DC  O2     O  N N 62  
DC  N3     N  N N 63  
DC  C4     C  N N 64  
DC  N4     N  N N 65  
DC  C5     C  N N 66  
DC  C6     C  N N 67  
DC  HOP3   H  N N 68  
DC  HOP2   H  N N 69  
DC  "H5'"  H  N N 70  
DC  "H5''" H  N N 71  
DC  "H4'"  H  N N 72  
DC  "H3'"  H  N N 73  
DC  "HO3'" H  N N 74  
DC  "H2'"  H  N N 75  
DC  "H2''" H  N N 76  
DC  "H1'"  H  N N 77  
DC  H41    H  N N 78  
DC  H42    H  N N 79  
DC  H5     H  N N 80  
DC  H6     H  N N 81  
DG  OP3    O  N N 82  
DG  P      P  N N 83  
DG  OP1    O  N N 84  
DG  OP2    O  N N 85  
DG  "O5'"  O  N N 86  
DG  "C5'"  C  N N 87  
DG  "C4'"  C  N R 88  
DG  "O4'"  O  N N 89  
DG  "C3'"  C  N S 90  
DG  "O3'"  O  N N 91  
DG  "C2'"  C  N N 92  
DG  "C1'"  C  N R 93  
DG  N9     N  Y N 94  
DG  C8     C  Y N 95  
DG  N7     N  Y N 96  
DG  C5     C  Y N 97  
DG  C6     C  N N 98  
DG  O6     O  N N 99  
DG  N1     N  N N 100 
DG  C2     C  N N 101 
DG  N2     N  N N 102 
DG  N3     N  N N 103 
DG  C4     C  Y N 104 
DG  HOP3   H  N N 105 
DG  HOP2   H  N N 106 
DG  "H5'"  H  N N 107 
DG  "H5''" H  N N 108 
DG  "H4'"  H  N N 109 
DG  "H3'"  H  N N 110 
DG  "HO3'" H  N N 111 
DG  "H2'"  H  N N 112 
DG  "H2''" H  N N 113 
DG  "H1'"  H  N N 114 
DG  H8     H  N N 115 
DG  H1     H  N N 116 
DG  H21    H  N N 117 
DG  H22    H  N N 118 
DT  OP3    O  N N 119 
DT  P      P  N N 120 
DT  OP1    O  N N 121 
DT  OP2    O  N N 122 
DT  "O5'"  O  N N 123 
DT  "C5'"  C  N N 124 
DT  "C4'"  C  N R 125 
DT  "O4'"  O  N N 126 
DT  "C3'"  C  N S 127 
DT  "O3'"  O  N N 128 
DT  "C2'"  C  N N 129 
DT  "C1'"  C  N R 130 
DT  N1     N  N N 131 
DT  C2     C  N N 132 
DT  O2     O  N N 133 
DT  N3     N  N N 134 
DT  C4     C  N N 135 
DT  O4     O  N N 136 
DT  C5     C  N N 137 
DT  C7     C  N N 138 
DT  C6     C  N N 139 
DT  HOP3   H  N N 140 
DT  HOP2   H  N N 141 
DT  "H5'"  H  N N 142 
DT  "H5''" H  N N 143 
DT  "H4'"  H  N N 144 
DT  "H3'"  H  N N 145 
DT  "HO3'" H  N N 146 
DT  "H2'"  H  N N 147 
DT  "H2''" H  N N 148 
DT  "H1'"  H  N N 149 
DT  H3     H  N N 150 
DT  H71    H  N N 151 
DT  H72    H  N N 152 
DT  H73    H  N N 153 
DT  H6     H  N N 154 
# 
loop_
_chem_comp_bond.comp_id 
_chem_comp_bond.atom_id_1 
_chem_comp_bond.atom_id_2 
_chem_comp_bond.value_order 
_chem_comp_bond.pdbx_aromatic_flag 
_chem_comp_bond.pdbx_stereo_config 
_chem_comp_bond.pdbx_ordinal 
CAC AS    O1     doub N N 1   
CAC AS    O2     sing N N 2   
CAC AS    C1     sing N N 3   
CAC AS    C2     sing N N 4   
CAC C1    H11    sing N N 5   
CAC C1    H12    sing N N 6   
CAC C1    H13    sing N N 7   
CAC C2    H21    sing N N 8   
CAC C2    H22    sing N N 9   
CAC C2    H23    sing N N 10  
DA  OP3   P      sing N N 11  
DA  OP3   HOP3   sing N N 12  
DA  P     OP1    doub N N 13  
DA  P     OP2    sing N N 14  
DA  P     "O5'"  sing N N 15  
DA  OP2   HOP2   sing N N 16  
DA  "O5'" "C5'"  sing N N 17  
DA  "C5'" "C4'"  sing N N 18  
DA  "C5'" "H5'"  sing N N 19  
DA  "C5'" "H5''" sing N N 20  
DA  "C4'" "O4'"  sing N N 21  
DA  "C4'" "C3'"  sing N N 22  
DA  "C4'" "H4'"  sing N N 23  
DA  "O4'" "C1'"  sing N N 24  
DA  "C3'" "O3'"  sing N N 25  
DA  "C3'" "C2'"  sing N N 26  
DA  "C3'" "H3'"  sing N N 27  
DA  "O3'" "HO3'" sing N N 28  
DA  "C2'" "C1'"  sing N N 29  
DA  "C2'" "H2'"  sing N N 30  
DA  "C2'" "H2''" sing N N 31  
DA  "C1'" N9     sing N N 32  
DA  "C1'" "H1'"  sing N N 33  
DA  N9    C8     sing Y N 34  
DA  N9    C4     sing Y N 35  
DA  C8    N7     doub Y N 36  
DA  C8    H8     sing N N 37  
DA  N7    C5     sing Y N 38  
DA  C5    C6     sing Y N 39  
DA  C5    C4     doub Y N 40  
DA  C6    N6     sing N N 41  
DA  C6    N1     doub Y N 42  
DA  N6    H61    sing N N 43  
DA  N6    H62    sing N N 44  
DA  N1    C2     sing Y N 45  
DA  C2    N3     doub Y N 46  
DA  C2    H2     sing N N 47  
DA  N3    C4     sing Y N 48  
DC  OP3   P      sing N N 49  
DC  OP3   HOP3   sing N N 50  
DC  P     OP1    doub N N 51  
DC  P     OP2    sing N N 52  
DC  P     "O5'"  sing N N 53  
DC  OP2   HOP2   sing N N 54  
DC  "O5'" "C5'"  sing N N 55  
DC  "C5'" "C4'"  sing N N 56  
DC  "C5'" "H5'"  sing N N 57  
DC  "C5'" "H5''" sing N N 58  
DC  "C4'" "O4'"  sing N N 59  
DC  "C4'" "C3'"  sing N N 60  
DC  "C4'" "H4'"  sing N N 61  
DC  "O4'" "C1'"  sing N N 62  
DC  "C3'" "O3'"  sing N N 63  
DC  "C3'" "C2'"  sing N N 64  
DC  "C3'" "H3'"  sing N N 65  
DC  "O3'" "HO3'" sing N N 66  
DC  "C2'" "C1'"  sing N N 67  
DC  "C2'" "H2'"  sing N N 68  
DC  "C2'" "H2''" sing N N 69  
DC  "C1'" N1     sing N N 70  
DC  "C1'" "H1'"  sing N N 71  
DC  N1    C2     sing N N 72  
DC  N1    C6     sing N N 73  
DC  C2    O2     doub N N 74  
DC  C2    N3     sing N N 75  
DC  N3    C4     doub N N 76  
DC  C4    N4     sing N N 77  
DC  C4    C5     sing N N 78  
DC  N4    H41    sing N N 79  
DC  N4    H42    sing N N 80  
DC  C5    C6     doub N N 81  
DC  C5    H5     sing N N 82  
DC  C6    H6     sing N N 83  
DG  OP3   P      sing N N 84  
DG  OP3   HOP3   sing N N 85  
DG  P     OP1    doub N N 86  
DG  P     OP2    sing N N 87  
DG  P     "O5'"  sing N N 88  
DG  OP2   HOP2   sing N N 89  
DG  "O5'" "C5'"  sing N N 90  
DG  "C5'" "C4'"  sing N N 91  
DG  "C5'" "H5'"  sing N N 92  
DG  "C5'" "H5''" sing N N 93  
DG  "C4'" "O4'"  sing N N 94  
DG  "C4'" "C3'"  sing N N 95  
DG  "C4'" "H4'"  sing N N 96  
DG  "O4'" "C1'"  sing N N 97  
DG  "C3'" "O3'"  sing N N 98  
DG  "C3'" "C2'"  sing N N 99  
DG  "C3'" "H3'"  sing N N 100 
DG  "O3'" "HO3'" sing N N 101 
DG  "C2'" "C1'"  sing N N 102 
DG  "C2'" "H2'"  sing N N 103 
DG  "C2'" "H2''" sing N N 104 
DG  "C1'" N9     sing N N 105 
DG  "C1'" "H1'"  sing N N 106 
DG  N9    C8     sing Y N 107 
DG  N9    C4     sing Y N 108 
DG  C8    N7     doub Y N 109 
DG  C8    H8     sing N N 110 
DG  N7    C5     sing Y N 111 
DG  C5    C6     sing N N 112 
DG  C5    C4     doub Y N 113 
DG  C6    O6     doub N N 114 
DG  C6    N1     sing N N 115 
DG  N1    C2     sing N N 116 
DG  N1    H1     sing N N 117 
DG  C2    N2     sing N N 118 
DG  C2    N3     doub N N 119 
DG  N2    H21    sing N N 120 
DG  N2    H22    sing N N 121 
DG  N3    C4     sing N N 122 
DT  OP3   P      sing N N 123 
DT  OP3   HOP3   sing N N 124 
DT  P     OP1    doub N N 125 
DT  P     OP2    sing N N 126 
DT  P     "O5'"  sing N N 127 
DT  OP2   HOP2   sing N N 128 
DT  "O5'" "C5'"  sing N N 129 
DT  "C5'" "C4'"  sing N N 130 
DT  "C5'" "H5'"  sing N N 131 
DT  "C5'" "H5''" sing N N 132 
DT  "C4'" "O4'"  sing N N 133 
DT  "C4'" "C3'"  sing N N 134 
DT  "C4'" "H4'"  sing N N 135 
DT  "O4'" "C1'"  sing N N 136 
DT  "C3'" "O3'"  sing N N 137 
DT  "C3'" "C2'"  sing N N 138 
DT  "C3'" "H3'"  sing N N 139 
DT  "O3'" "HO3'" sing N N 140 
DT  "C2'" "C1'"  sing N N 141 
DT  "C2'" "H2'"  sing N N 142 
DT  "C2'" "H2''" sing N N 143 
DT  "C1'" N1     sing N N 144 
DT  "C1'" "H1'"  sing N N 145 
DT  N1    C2     sing N N 146 
DT  N1    C6     sing N N 147 
DT  C2    O2     doub N N 148 
DT  C2    N3     sing N N 149 
DT  N3    C4     sing N N 150 
DT  N3    H3     sing N N 151 
DT  C4    O4     doub N N 152 
DT  C4    C5     sing N N 153 
DT  C5    C7     sing N N 154 
DT  C5    C6     doub N N 155 
DT  C7    H71    sing N N 156 
DT  C7    H72    sing N N 157 
DT  C7    H73    sing N N 158 
DT  C6    H6     sing N N 159 
# 
loop_
_ndb_struct_conf_na.entry_id 
_ndb_struct_conf_na.feature 
7JJ2 'double helix'        
7JJ2 'a-form double helix' 
7JJ2 'b-form double helix' 
# 
loop_
_ndb_struct_na_base_pair.model_number 
_ndb_struct_na_base_pair.i_label_asym_id 
_ndb_struct_na_base_pair.i_label_comp_id 
_ndb_struct_na_base_pair.i_label_seq_id 
_ndb_struct_na_base_pair.i_symmetry 
_ndb_struct_na_base_pair.j_label_asym_id 
_ndb_struct_na_base_pair.j_label_comp_id 
_ndb_struct_na_base_pair.j_label_seq_id 
_ndb_struct_na_base_pair.j_symmetry 
_ndb_struct_na_base_pair.shear 
_ndb_struct_na_base_pair.stretch 
_ndb_struct_na_base_pair.stagger 
_ndb_struct_na_base_pair.buckle 
_ndb_struct_na_base_pair.propeller 
_ndb_struct_na_base_pair.opening 
_ndb_struct_na_base_pair.pair_number 
_ndb_struct_na_base_pair.pair_name 
_ndb_struct_na_base_pair.i_auth_asym_id 
_ndb_struct_na_base_pair.i_auth_seq_id 
_ndb_struct_na_base_pair.i_PDB_ins_code 
_ndb_struct_na_base_pair.j_auth_asym_id 
_ndb_struct_na_base_pair.j_auth_seq_id 
_ndb_struct_na_base_pair.j_PDB_ins_code 
_ndb_struct_na_base_pair.hbond_type_28 
_ndb_struct_na_base_pair.hbond_type_12 
1 A DA 3  1_555 D DT 15 1_555 0.659  -0.001 0.264  -0.271 -15.659 -4.938  1  A_DA3:DT16_D A 3  ? D 16 ? 20 1 
1 A DC 4  1_555 D DG 14 1_555 0.031  -0.144 0.096  -4.955 -10.526 -8.918  2  A_DC4:DG15_D A 4  ? D 15 ? 19 1 
1 A DG 5  1_555 D DC 13 1_555 -0.290 -0.479 -0.101 -4.178 -4.710  -2.730  3  A_DG5:DC14_D A 5  ? D 14 ? 19 1 
1 A DA 6  1_555 D DT 12 1_555 0.429  -0.293 -0.045 0.786  -5.357  -5.146  4  A_DA6:DT13_D A 6  ? D 13 ? 20 1 
1 A DC 7  1_555 D DG 11 1_555 0.284  -0.537 0.256  5.148  -8.335  -4.920  5  A_DC7:DG12_D A 7  ? D 12 ? 19 1 
1 A DA 8  1_555 D DT 10 1_555 -0.207 0.071  0.215  -4.763 -11.976 -13.773 6  A_DA8:DT11_D A 8  ? D 11 ? 20 1 
1 A DG 9  1_555 D DC 9  1_555 0.176  -0.114 -0.098 -8.219 -9.654  -4.399  7  A_DG9:DC10_D A 9  ? D 10 ? 19 1 
1 A DA 10 1_555 C DT 3  1_555 0.262  0.002  0.474  -3.567 -5.239  9.716   8  A_DA10:DT2_C A 10 ? C 2  ? 20 1 
1 A DG 11 1_555 C DC 2  1_555 0.034  -0.239 0.278  1.333  -8.181  1.127   9  A_DG11:DC1_C A 11 ? C 1  ? 19 1 
1 A DA 12 1_555 C DT 1  1_555 1.290  -0.238 0.163  3.504  -10.273 -11.823 10 A_DA12:DT0_C A 12 ? C 0  ? 20 1 
1 B DC 1  1_555 C DG 6  1_555 -0.148 -0.306 0.113  -6.547 -4.273  -8.844  11 B_DC12:DG5_C B 12 ? C 5  ? 19 1 
1 B DG 2  1_555 C DC 5  1_555 -0.164 -0.433 0.621  3.439  -21.054 -8.859  12 B_DG13:DC4_C B 13 ? C 4  ? 19 1 
1 B DT 3  1_555 C DA 4  1_555 -0.429 -0.171 0.557  -1.806 -22.503 -7.747  13 B_DT14:DA3_C B 14 ? C 3  ? 20 1 
1 B DC 4  1_555 D DG 8  1_555 -0.333 -0.220 0.570  -2.072 -0.855  -2.909  14 B_DC15:DG9_D B 15 ? D 9  ? 19 1 
1 B DG 5  1_555 D DC 7  1_555 -0.016 -0.271 0.659  6.038  -1.501  1.274   15 B_DG16:DC8_D B 16 ? D 8  ? 19 1 
1 B DA 6  1_555 D DT 6  1_555 0.434  -0.531 0.668  6.866  -4.551  -8.781  16 B_DA17:DT7_D B 17 ? D 7  ? 20 1 
1 B DC 7  1_555 D DG 5  1_555 -0.001 -0.396 -0.042 4.078  -7.515  -5.260  17 B_DC18:DG6_D B 18 ? D 6  ? 19 1 
1 B DT 8  1_555 D DA 4  1_555 -0.524 -0.348 -0.118 2.088  -6.317  3.105   18 B_DT19:DA5_D B 19 ? D 5  ? 20 1 
1 B DC 9  1_555 D DG 3  1_555 0.432  -0.152 -0.166 7.182  -5.228  7.502   19 B_DC20:DG4_D B 20 ? D 4  ? 19 1 
# 
loop_
_ndb_struct_na_base_pair_step.model_number 
_ndb_struct_na_base_pair_step.i_label_asym_id_1 
_ndb_struct_na_base_pair_step.i_label_comp_id_1 
_ndb_struct_na_base_pair_step.i_label_seq_id_1 
_ndb_struct_na_base_pair_step.i_symmetry_1 
_ndb_struct_na_base_pair_step.j_label_asym_id_1 
_ndb_struct_na_base_pair_step.j_label_comp_id_1 
_ndb_struct_na_base_pair_step.j_label_seq_id_1 
_ndb_struct_na_base_pair_step.j_symmetry_1 
_ndb_struct_na_base_pair_step.i_label_asym_id_2 
_ndb_struct_na_base_pair_step.i_label_comp_id_2 
_ndb_struct_na_base_pair_step.i_label_seq_id_2 
_ndb_struct_na_base_pair_step.i_symmetry_2 
_ndb_struct_na_base_pair_step.j_label_asym_id_2 
_ndb_struct_na_base_pair_step.j_label_comp_id_2 
_ndb_struct_na_base_pair_step.j_label_seq_id_2 
_ndb_struct_na_base_pair_step.j_symmetry_2 
_ndb_struct_na_base_pair_step.shift 
_ndb_struct_na_base_pair_step.slide 
_ndb_struct_na_base_pair_step.rise 
_ndb_struct_na_base_pair_step.tilt 
_ndb_struct_na_base_pair_step.roll 
_ndb_struct_na_base_pair_step.twist 
_ndb_struct_na_base_pair_step.x_displacement 
_ndb_struct_na_base_pair_step.y_displacement 
_ndb_struct_na_base_pair_step.helical_rise 
_ndb_struct_na_base_pair_step.inclination 
_ndb_struct_na_base_pair_step.tip 
_ndb_struct_na_base_pair_step.helical_twist 
_ndb_struct_na_base_pair_step.step_number 
_ndb_struct_na_base_pair_step.step_name 
_ndb_struct_na_base_pair_step.i_auth_asym_id_1 
_ndb_struct_na_base_pair_step.i_auth_seq_id_1 
_ndb_struct_na_base_pair_step.i_PDB_ins_code_1 
_ndb_struct_na_base_pair_step.j_auth_asym_id_1 
_ndb_struct_na_base_pair_step.j_auth_seq_id_1 
_ndb_struct_na_base_pair_step.j_PDB_ins_code_1 
_ndb_struct_na_base_pair_step.i_auth_asym_id_2 
_ndb_struct_na_base_pair_step.i_auth_seq_id_2 
_ndb_struct_na_base_pair_step.i_PDB_ins_code_2 
_ndb_struct_na_base_pair_step.j_auth_asym_id_2 
_ndb_struct_na_base_pair_step.j_auth_seq_id_2 
_ndb_struct_na_base_pair_step.j_PDB_ins_code_2 
1 A DA 3  1_555 D DT 15 1_555 A DC 4  1_555 D DG 14 1_555 -0.221 -0.812 3.286 -0.481 0.725  30.729 -1.673 0.322  3.269 1.367  
0.907  30.741 1  AA_DA3DC4:DG15DT16_DD A 3  ? D 16 ? A 4  ? D 15 ? 
1 A DC 4  1_555 D DG 14 1_555 A DG 5  1_555 D DC 13 1_555 0.299  0.536  3.413 1.035  1.148  35.316 0.706  -0.333 3.435 1.891  
-1.706 35.349 2  AA_DC4DG5:DC14DG15_DD A 4  ? D 15 ? A 5  ? D 14 ? 
1 A DG 5  1_555 D DC 13 1_555 A DA 6  1_555 D DT 12 1_555 -0.553 -0.350 3.150 -1.072 2.575  37.908 -0.852 0.717  3.135 3.957  
1.648  38.007 3  AA_DG5DA6:DT13DC14_DD A 5  ? D 14 ? A 6  ? D 13 ? 
1 A DA 6  1_555 D DT 12 1_555 A DC 7  1_555 D DG 11 1_555 0.636  -0.782 3.210 -1.608 1.203  31.466 -1.657 -1.462 3.143 2.216  
2.961  31.528 4  AA_DA6DC7:DG12DT13_DD A 6  ? D 13 ? A 7  ? D 12 ? 
1 A DC 7  1_555 D DG 11 1_555 A DA 8  1_555 D DT 10 1_555 -0.582 -0.653 3.394 -0.993 -0.717 32.857 -1.027 0.852  3.423 -1.268 
1.754  32.879 5  AA_DC7DA8:DT11DG12_DD A 7  ? D 12 ? A 8  ? D 11 ? 
1 A DA 8  1_555 D DT 10 1_555 A DG 9  1_555 D DC 9  1_555 0.390  -0.609 3.515 -1.516 1.379  41.423 -1.017 -0.723 3.478 1.948  
2.141  41.471 6  AA_DA8DG9:DC10DT11_DD A 8  ? D 11 ? A 9  ? D 10 ? 
1 A DG 9  1_555 D DC 9  1_555 A DA 10 1_555 C DT 3  1_555 -0.926 -1.175 2.931 -8.095 1.397  28.674 -2.554 0.235  3.014 2.751  
15.935 29.804 7  AA_DG9DA10:DT2DC10_CD A 9  ? D 10 ? A 10 ? C 2  ? 
1 A DA 10 1_555 C DT 3  1_555 A DG 11 1_555 C DC 2  1_555 -0.484 0.212  3.291 -2.153 4.513  33.174 -0.386 0.480  3.314 7.849  
3.745  33.539 8  AA_DA10DG11:DC1DT2_CC A 10 ? C 2  ? A 11 ? C 1  ? 
1 A DG 11 1_555 C DC 2  1_555 A DA 12 1_555 C DT 1  1_555 -0.793 -0.360 3.240 0.328  2.461  41.603 -0.761 1.148  3.208 3.461  
-0.462 41.674 9  AA_DG11DA12:DT0DC1_CC A 11 ? C 1  ? A 12 ? C 0  ? 
1 B DC 1  1_555 C DG 6  1_555 B DG 2  1_555 C DC 5  1_555 0.350  -0.819 2.862 -0.546 7.043  35.531 -2.160 -0.628 2.652 11.402 
0.884  36.205 10 BB_DC12DG13:DC4DG5_CC B 12 ? C 5  ? B 13 ? C 4  ? 
1 B DG 2  1_555 C DC 5  1_555 B DT 3  1_555 C DA 4  1_555 0.464  -1.335 3.231 1.995  -0.181 34.586 -2.214 -0.475 3.258 -0.305 
-3.352 34.642 11 BB_DG13DT14:DA3DC4_CC B 13 ? C 4  ? B 14 ? C 3  ? 
1 B DT 3  1_555 C DA 4  1_555 B DC 4  1_555 D DG 8  1_555 -0.779 -1.455 3.119 -3.554 3.526  28.060 -3.714 0.819  2.992 7.199  
7.257  28.494 12 BB_DT14DC15:DG9DA3_DC B 14 ? C 3  ? B 15 ? D 9  ? 
1 B DC 4  1_555 D DG 8  1_555 B DG 5  1_555 D DC 7  1_555 -0.464 0.093  3.132 -1.316 4.784  37.484 -0.449 0.553  3.134 7.404  
2.038  37.799 13 BB_DC15DG16:DC8DG9_DD B 15 ? D 9  ? B 16 ? D 8  ? 
1 B DG 5  1_555 D DC 7  1_555 B DA 6  1_555 D DT 6  1_555 -0.271 -0.480 3.180 -2.253 4.018  35.788 -1.325 0.129  3.120 6.504  
3.648  36.074 14 BB_DG16DA17:DT7DC8_DD B 16 ? D 8  ? B 17 ? D 7  ? 
1 B DA 6  1_555 D DT 6  1_555 B DC 7  1_555 D DG 5  1_555 0.413  -1.422 3.391 3.805  1.890  32.999 -2.809 -0.065 3.332 3.311  
-6.665 33.264 15 BB_DA17DC18:DG6DT7_DD B 17 ? D 7  ? B 18 ? D 6  ? 
1 B DC 7  1_555 D DG 5  1_555 B DT 8  1_555 D DA 4  1_555 0.287  -0.141 3.439 4.118  1.452  32.395 -0.515 0.243  3.439 2.588  
-7.340 32.680 16 BB_DC18DT19:DA5DG6_DD B 18 ? D 6  ? B 19 ? D 5  ? 
1 B DT 8  1_555 D DA 4  1_555 B DC 9  1_555 D DG 3  1_555 0.324  -0.105 3.361 0.850  4.294  35.560 -0.805 -0.401 3.332 6.998  
-1.385 35.819 17 BB_DT19DC20:DG4DA5_DD B 19 ? D 5  ? B 20 ? D 4  ? 
# 
loop_
_pdbx_audit_support.funding_organization 
_pdbx_audit_support.country 
_pdbx_audit_support.grant_number 
_pdbx_audit_support.ordinal 
'National Science Foundation (NSF, United States)'                                         'United States' 1360635     1 
'National Institutes of Health/National Institute of General Medical Sciences (NIH/NIGMS)' 'United States' R01GM104960 2 
'National Science Foundation (NSF, United States)'                                         'United States' NSF2004250  3 
# 
_pdbx_entity_nonpoly.entity_id   5 
_pdbx_entity_nonpoly.name        'CACODYLATE ION' 
_pdbx_entity_nonpoly.comp_id     CAC 
# 
_pdbx_initial_refinement_model.id               1 
_pdbx_initial_refinement_model.entity_id_list   ? 
_pdbx_initial_refinement_model.type             'experimental model' 
_pdbx_initial_refinement_model.source_name      PDB 
_pdbx_initial_refinement_model.accession_code   6XNA 
_pdbx_initial_refinement_model.details          ? 
# 
_pdbx_struct_assembly_auth_evidence.id                     1 
_pdbx_struct_assembly_auth_evidence.assembly_id            1 
_pdbx_struct_assembly_auth_evidence.experimental_support   none 
_pdbx_struct_assembly_auth_evidence.details                ? 
# 
